data_3H02
#
_entry.id   3H02
#
_cell.length_a   75.897
_cell.length_b   132.819
_cell.length_c   151.791
_cell.angle_alpha   90.00
_cell.angle_beta   90.00
_cell.angle_gamma   90.00
#
_symmetry.space_group_name_H-M   'P 21 21 21'
#
loop_
_entity.id
_entity.type
_entity.pdbx_description
1 polymer 'Naphthoate synthase'
2 non-polymer 'SULFATE ION'
3 non-polymer 'BICARBONATE ION'
4 water water
#
_entity_poly.entity_id   1
_entity_poly.type   'polypeptide(L)'
_entity_poly.pdbx_seq_one_letter_code
;SNA(MSE)IYPDET(MSE)LYAPVEWHDCSEGYTDIRYEKSTDGIAKITINRPQVRNAFRPLTVKE(MSE)IQALADARY
DDNVGVIILTGEGDKAFCAGGDQKVRGDYGGYQDDSGVHHLNVLDFQRQIRTCPKPVVA(MSE)VAGYSIGGGHVLH
(MSE)(MSE)CDLTIAAENAIFGQTGPKVGSFDGGWGASY(MSE)ARIVGQKKAREIWFLCRQYDAQQALD(MSE)GLVN
TVVPLADLEKETVRWCRE(MSE)LQNSP(MSE)ALRCLKAALNADCDGQAGLQELAGNAT(MSE)LFY(MSE)TEEGQEG
RNAFNQKRQPDFSKFKRNP
;
_entity_poly.pdbx_strand_id   A,B,C,D,E,F
#
loop_
_chem_comp.id
_chem_comp.type
_chem_comp.name
_chem_comp.formula
BCT non-polymer 'BICARBONATE ION' 'C H O3 -1'
SO4 non-polymer 'SULFATE ION' 'O4 S -2'
#
# COMPACT_ATOMS: atom_id res chain seq x y z
N ASP A 8 3.43 34.76 21.70
CA ASP A 8 4.11 35.98 22.23
C ASP A 8 5.18 36.49 21.26
N GLU A 9 4.83 37.53 20.51
CA GLU A 9 5.71 38.14 19.51
C GLU A 9 7.11 38.41 20.05
N THR A 10 7.17 39.06 21.21
CA THR A 10 8.43 39.44 21.84
C THR A 10 9.31 38.24 22.05
N MSE A 11 8.73 37.19 22.63
CA MSE A 11 9.47 35.96 22.86
C MSE A 11 9.87 35.31 21.54
O MSE A 11 11.03 35.00 21.32
CB MSE A 11 8.62 35.01 23.73
CG MSE A 11 9.25 33.64 24.05
SE MSE A 11 9.06 32.26 22.62
CE MSE A 11 7.11 32.08 22.66
N LEU A 12 8.92 35.15 20.62
CA LEU A 12 9.23 34.54 19.32
C LEU A 12 10.34 35.26 18.52
N TYR A 13 10.37 36.59 18.60
CA TYR A 13 11.39 37.37 17.88
C TYR A 13 12.55 37.83 18.77
N ALA A 14 12.67 37.30 19.96
CA ALA A 14 13.75 37.67 20.84
C ALA A 14 15.07 37.24 20.17
N PRO A 15 16.18 37.92 20.50
CA PRO A 15 17.45 37.54 19.88
C PRO A 15 17.76 36.06 20.12
N VAL A 16 18.51 35.46 19.21
CA VAL A 16 18.89 34.06 19.34
C VAL A 16 20.38 34.05 19.72
N GLU A 17 20.72 33.22 20.70
CA GLU A 17 22.10 33.10 21.15
C GLU A 17 22.66 31.77 20.65
N TRP A 18 23.52 31.82 19.63
CA TRP A 18 24.13 30.61 19.08
C TRP A 18 25.42 30.24 19.76
N HIS A 19 25.66 28.95 19.91
CA HIS A 19 26.89 28.45 20.50
C HIS A 19 27.48 27.47 19.51
N ASP A 20 28.75 27.64 19.18
CA ASP A 20 29.37 26.75 18.19
C ASP A 20 29.76 25.38 18.71
N CYS A 21 29.47 24.36 17.91
CA CYS A 21 29.82 22.98 18.22
C CYS A 21 30.40 22.40 16.93
N SER A 22 31.21 23.18 16.22
CA SER A 22 31.77 22.77 14.93
C SER A 22 33.11 22.04 15.01
N GLU A 23 33.69 21.93 16.20
CA GLU A 23 34.99 21.27 16.36
C GLU A 23 35.03 19.88 15.77
N GLY A 24 36.03 19.64 14.92
CA GLY A 24 36.17 18.34 14.26
C GLY A 24 35.52 18.29 12.90
N TYR A 25 34.68 19.27 12.57
CA TYR A 25 34.00 19.29 11.28
C TYR A 25 34.72 20.12 10.21
N THR A 26 34.78 19.61 8.98
CA THR A 26 35.45 20.31 7.88
C THR A 26 34.51 20.98 6.87
N ASP A 27 33.39 20.32 6.54
CA ASP A 27 32.45 20.78 5.53
C ASP A 27 31.19 21.48 6.01
N ILE A 28 30.93 21.36 7.31
CA ILE A 28 29.74 21.95 7.89
C ILE A 28 30.04 22.71 9.16
N ARG A 29 29.11 23.56 9.54
CA ARG A 29 29.17 24.21 10.84
C ARG A 29 28.05 23.51 11.59
N TYR A 30 28.17 23.48 12.92
CA TYR A 30 27.16 22.88 13.80
C TYR A 30 27.09 23.75 15.06
N GLU A 31 25.92 24.30 15.32
CA GLU A 31 25.72 25.22 16.42
C GLU A 31 24.45 24.87 17.17
N LYS A 32 24.37 25.28 18.42
CA LYS A 32 23.19 25.04 19.24
C LYS A 32 22.79 26.31 19.94
N SER A 33 21.50 26.57 20.03
CA SER A 33 21.05 27.78 20.70
C SER A 33 20.69 27.45 22.15
N THR A 34 20.67 28.48 22.98
CA THR A 34 20.34 28.32 24.37
C THR A 34 18.89 27.85 24.54
N ASP A 35 18.04 28.08 23.56
CA ASP A 35 16.65 27.66 23.68
C ASP A 35 16.24 26.41 22.88
N GLY A 36 17.19 25.53 22.61
CA GLY A 36 16.91 24.23 22.04
C GLY A 36 16.92 24.00 20.55
N ILE A 37 17.44 24.96 19.80
CA ILE A 37 17.52 24.81 18.35
C ILE A 37 18.93 24.35 18.00
N ALA A 38 19.04 23.36 17.14
CA ALA A 38 20.36 22.92 16.67
C ALA A 38 20.37 23.30 15.19
N LYS A 39 21.50 23.82 14.70
CA LYS A 39 21.60 24.24 13.31
C LYS A 39 22.80 23.63 12.59
N ILE A 40 22.52 22.91 11.52
CA ILE A 40 23.54 22.26 10.71
C ILE A 40 23.68 23.07 9.44
N THR A 41 24.87 23.63 9.22
CA THR A 41 25.12 24.47 8.05
C THR A 41 26.17 23.90 7.10
N ILE A 42 25.78 23.65 5.86
CA ILE A 42 26.76 23.22 4.86
C ILE A 42 27.66 24.44 4.65
N ASN A 43 28.96 24.27 4.81
CA ASN A 43 29.87 25.40 4.73
C ASN A 43 30.82 25.27 3.54
N ARG A 44 30.28 25.20 2.33
CA ARG A 44 31.10 25.11 1.13
C ARG A 44 30.55 26.11 0.10
N PRO A 45 30.38 27.37 0.54
CA PRO A 45 29.74 28.39 -0.28
C PRO A 45 30.40 28.64 -1.62
N GLN A 46 31.70 28.36 -1.72
CA GLN A 46 32.40 28.54 -2.98
C GLN A 46 31.86 27.63 -4.06
N VAL A 47 31.20 26.54 -3.68
CA VAL A 47 30.61 25.63 -4.66
C VAL A 47 29.10 25.53 -4.45
N ARG A 48 28.49 26.67 -4.16
CA ARG A 48 27.05 26.78 -3.90
C ARG A 48 26.59 25.71 -2.91
N ASN A 49 27.47 25.41 -1.97
CA ASN A 49 27.19 24.47 -0.89
C ASN A 49 26.85 23.05 -1.33
N ALA A 50 27.47 22.62 -2.42
CA ALA A 50 27.32 21.27 -2.89
C ALA A 50 27.97 20.33 -1.86
N PHE A 51 27.37 19.16 -1.64
CA PHE A 51 27.92 18.21 -0.70
C PHE A 51 28.78 17.16 -1.39
N ARG A 52 29.82 16.73 -0.68
CA ARG A 52 30.68 15.67 -1.14
C ARG A 52 30.54 14.58 -0.06
N PRO A 53 31.18 13.41 -0.25
CA PRO A 53 31.00 12.33 0.72
C PRO A 53 31.34 12.69 2.15
N LEU A 54 32.38 13.50 2.35
CA LEU A 54 32.74 13.91 3.68
C LEU A 54 31.64 14.79 4.25
N THR A 55 31.07 15.66 3.43
CA THR A 55 30.02 16.54 3.93
C THR A 55 28.85 15.71 4.49
N VAL A 56 28.49 14.66 3.77
CA VAL A 56 27.37 13.80 4.16
C VAL A 56 27.69 13.03 5.42
N LYS A 57 28.90 12.48 5.50
CA LYS A 57 29.28 11.76 6.70
C LYS A 57 29.16 12.71 7.88
N GLU A 58 29.55 13.96 7.68
CA GLU A 58 29.47 14.98 8.74
C GLU A 58 28.06 15.34 9.14
N MSE A 59 27.17 15.52 8.16
CA MSE A 59 25.80 15.85 8.50
C MSE A 59 25.15 14.70 9.27
O MSE A 59 24.38 14.94 10.21
CB MSE A 59 24.99 16.20 7.25
CG MSE A 59 25.46 17.55 6.63
SE MSE A 59 24.45 18.08 5.08
CE MSE A 59 24.91 16.68 3.83
N ILE A 60 25.48 13.47 8.91
CA ILE A 60 24.92 12.29 9.60
C ILE A 60 25.30 12.34 11.06
N GLN A 61 26.57 12.65 11.31
CA GLN A 61 27.08 12.70 12.66
C GLN A 61 26.49 13.85 13.47
N ALA A 62 26.38 15.04 12.86
CA ALA A 62 25.77 16.19 13.57
C ALA A 62 24.27 15.92 13.85
N LEU A 63 23.60 15.32 12.90
CA LEU A 63 22.17 15.00 13.07
C LEU A 63 21.99 13.95 14.16
N ALA A 64 22.87 12.96 14.21
CA ALA A 64 22.78 11.97 15.26
C ALA A 64 23.00 12.66 16.61
N ASP A 65 23.96 13.58 16.66
CA ASP A 65 24.21 14.31 17.89
C ASP A 65 22.96 15.07 18.34
N ALA A 66 22.34 15.79 17.41
CA ALA A 66 21.15 16.58 17.72
C ALA A 66 20.01 15.67 18.18
N ARG A 67 19.88 14.52 17.52
N ARG A 67 19.85 14.50 17.54
CA ARG A 67 18.88 13.51 17.82
CA ARG A 67 18.80 13.57 17.91
C ARG A 67 18.97 13.04 19.28
C ARG A 67 18.96 13.11 19.36
N TYR A 68 20.17 12.76 19.74
CA TYR A 68 20.40 12.28 21.11
C TYR A 68 20.64 13.37 22.15
N ASP A 69 20.66 14.63 21.74
CA ASP A 69 20.85 15.70 22.70
C ASP A 69 19.49 16.07 23.30
N ASP A 70 19.26 15.65 24.54
CA ASP A 70 17.99 15.91 25.22
C ASP A 70 17.65 17.39 25.34
N ASN A 71 18.61 18.27 25.11
CA ASN A 71 18.33 19.70 25.19
C ASN A 71 17.96 20.31 23.85
N VAL A 72 18.00 19.51 22.79
CA VAL A 72 17.64 19.96 21.47
C VAL A 72 16.25 19.47 21.12
N GLY A 73 15.40 20.38 20.68
CA GLY A 73 14.03 20.02 20.30
C GLY A 73 13.72 20.20 18.82
N VAL A 74 14.53 21.00 18.12
CA VAL A 74 14.29 21.23 16.69
C VAL A 74 15.62 21.39 15.96
N ILE A 75 15.66 21.02 14.70
CA ILE A 75 16.89 21.12 13.96
C ILE A 75 16.71 21.88 12.67
N ILE A 76 17.63 22.82 12.42
CA ILE A 76 17.63 23.59 11.18
C ILE A 76 18.74 23.10 10.25
N LEU A 77 18.40 22.92 8.98
CA LEU A 77 19.37 22.58 7.96
C LEU A 77 19.47 23.79 7.03
N THR A 78 20.67 24.25 6.77
CA THR A 78 20.85 25.38 5.89
C THR A 78 22.23 25.39 5.26
N GLY A 79 22.47 26.38 4.40
CA GLY A 79 23.75 26.52 3.71
C GLY A 79 24.36 27.85 4.09
N GLU A 80 25.69 27.89 4.09
CA GLU A 80 26.44 29.09 4.44
C GLU A 80 26.17 30.19 3.43
N GLY A 81 25.88 31.39 3.90
CA GLY A 81 25.67 32.52 3.00
C GLY A 81 24.22 32.63 2.53
N ASP A 82 23.99 33.57 1.63
CA ASP A 82 22.65 33.86 1.10
C ASP A 82 22.43 33.40 -0.35
N LYS A 83 23.46 32.81 -0.94
CA LYS A 83 23.42 32.44 -2.36
C LYS A 83 23.01 31.00 -2.62
N ALA A 84 23.21 30.12 -1.64
CA ALA A 84 22.84 28.73 -1.85
C ALA A 84 22.53 27.97 -0.58
N PHE A 85 21.52 27.13 -0.65
CA PHE A 85 21.20 26.22 0.40
C PHE A 85 22.11 25.01 0.15
N CYS A 86 21.99 24.44 -1.05
CA CYS A 86 22.75 23.28 -1.47
C CYS A 86 22.51 22.98 -2.96
N ALA A 87 23.55 23.12 -3.76
CA ALA A 87 23.49 22.91 -5.20
C ALA A 87 23.55 21.44 -5.60
N GLY A 88 23.62 20.54 -4.63
CA GLY A 88 23.63 19.11 -4.91
C GLY A 88 24.97 18.45 -4.74
N GLY A 89 25.06 17.21 -5.20
CA GLY A 89 26.30 16.42 -5.14
C GLY A 89 27.45 17.13 -5.82
N ASP A 90 28.64 16.94 -5.29
CA ASP A 90 29.84 17.57 -5.82
C ASP A 90 30.51 16.60 -6.79
N GLN A 91 31.48 17.08 -7.56
CA GLN A 91 32.22 16.23 -8.52
C GLN A 91 33.59 15.83 -7.96
N HIS A 107 30.43 8.51 -7.52
CA HIS A 107 29.14 7.83 -7.55
C HIS A 107 28.83 7.11 -6.23
N HIS A 108 29.24 7.72 -5.11
CA HIS A 108 28.94 7.14 -3.81
C HIS A 108 27.60 7.70 -3.35
N LEU A 109 26.79 6.86 -2.71
CA LEU A 109 25.44 7.27 -2.31
C LEU A 109 25.15 7.18 -0.85
N ASN A 110 26.02 7.77 -0.01
N ASN A 110 26.00 7.79 -0.03
CA ASN A 110 25.77 7.80 1.43
CA ASN A 110 25.80 7.81 1.41
C ASN A 110 24.66 8.80 1.74
C ASN A 110 24.67 8.80 1.74
N VAL A 111 24.32 9.63 0.76
CA VAL A 111 23.26 10.61 0.93
C VAL A 111 21.93 9.91 1.25
N LEU A 112 21.75 8.70 0.75
CA LEU A 112 20.52 7.94 1.01
C LEU A 112 20.39 7.60 2.49
N ASP A 113 21.50 7.29 3.16
CA ASP A 113 21.46 7.05 4.61
C ASP A 113 21.04 8.30 5.33
N PHE A 114 21.59 9.42 4.88
CA PHE A 114 21.32 10.70 5.46
C PHE A 114 19.86 11.02 5.28
N GLN A 115 19.34 10.74 4.09
CA GLN A 115 17.92 10.94 3.81
C GLN A 115 17.05 10.16 4.83
N ARG A 116 17.39 8.90 5.07
CA ARG A 116 16.63 8.08 6.01
C ARG A 116 16.76 8.60 7.44
N GLN A 117 17.92 9.17 7.73
CA GLN A 117 18.18 9.70 9.06
C GLN A 117 17.31 10.96 9.33
N ILE A 118 17.09 11.78 8.31
CA ILE A 118 16.25 12.96 8.45
C ILE A 118 14.81 12.47 8.68
N ARG A 119 14.45 11.44 7.92
CA ARG A 119 13.14 10.83 7.96
C ARG A 119 12.76 10.29 9.33
N THR A 120 13.64 9.49 9.91
CA THR A 120 13.35 8.85 11.16
C THR A 120 13.75 9.67 12.38
N CYS A 121 14.28 10.86 12.18
CA CYS A 121 14.63 11.71 13.31
C CYS A 121 13.34 12.09 14.04
N PRO A 122 13.28 11.81 15.34
CA PRO A 122 12.06 12.11 16.10
C PRO A 122 11.88 13.59 16.44
N LYS A 123 12.73 14.45 15.91
CA LYS A 123 12.60 15.87 16.16
C LYS A 123 12.32 16.54 14.82
N PRO A 124 11.52 17.62 14.80
CA PRO A 124 11.25 18.29 13.54
C PRO A 124 12.50 18.86 12.92
N VAL A 125 12.63 18.72 11.60
CA VAL A 125 13.78 19.24 10.90
C VAL A 125 13.27 20.28 9.89
N VAL A 126 13.85 21.48 9.96
CA VAL A 126 13.40 22.57 9.13
C VAL A 126 14.50 22.99 8.14
N ALA A 127 14.16 23.04 6.86
CA ALA A 127 15.10 23.53 5.86
C ALA A 127 14.96 25.06 5.79
N MSE A 128 16.06 25.76 5.92
CA MSE A 128 16.07 27.22 5.86
C MSE A 128 16.79 27.55 4.55
O MSE A 128 17.99 27.50 4.46
CB MSE A 128 16.76 27.79 7.08
CG MSE A 128 16.92 29.32 7.08
SE MSE A 128 17.63 30.04 8.75
CE MSE A 128 19.40 29.24 8.80
N VAL A 129 16.02 27.90 3.53
CA VAL A 129 16.57 28.07 2.21
C VAL A 129 16.74 29.48 1.69
N ALA A 130 18.01 29.88 1.53
CA ALA A 130 18.40 31.14 0.88
C ALA A 130 19.05 30.72 -0.44
N GLY A 131 18.59 31.28 -1.55
CA GLY A 131 19.14 30.94 -2.86
C GLY A 131 18.80 29.54 -3.38
N TYR A 132 19.80 28.88 -3.97
CA TYR A 132 19.63 27.59 -4.63
C TYR A 132 19.50 26.35 -3.77
N SER A 133 18.47 25.58 -4.10
CA SER A 133 18.21 24.27 -3.55
C SER A 133 17.96 23.42 -4.80
N ILE A 134 19.01 22.79 -5.32
CA ILE A 134 18.95 22.06 -6.58
C ILE A 134 19.54 20.64 -6.51
N GLY A 135 18.97 19.77 -7.35
CA GLY A 135 19.41 18.39 -7.44
C GLY A 135 19.24 17.68 -6.11
N GLY A 136 20.32 17.08 -5.65
CA GLY A 136 20.34 16.39 -4.38
C GLY A 136 20.01 17.35 -3.27
N GLY A 137 20.38 18.61 -3.48
CA GLY A 137 20.14 19.68 -2.54
C GLY A 137 18.68 19.98 -2.46
N HIS A 138 17.96 19.68 -3.54
CA HIS A 138 16.55 19.92 -3.55
C HIS A 138 15.85 18.79 -2.77
N VAL A 139 16.29 17.56 -2.97
CA VAL A 139 15.74 16.43 -2.24
C VAL A 139 15.94 16.66 -0.74
N LEU A 140 17.09 17.21 -0.35
CA LEU A 140 17.36 17.50 1.06
C LEU A 140 16.34 18.45 1.69
N HIS A 141 16.02 19.56 1.06
CA HIS A 141 15.03 20.42 1.67
C HIS A 141 13.64 19.73 1.69
N MSE A 142 13.29 18.98 0.65
CA MSE A 142 12.01 18.28 0.65
C MSE A 142 11.89 17.27 1.76
O MSE A 142 10.81 17.09 2.30
CB MSE A 142 11.74 17.56 -0.66
CG MSE A 142 11.39 18.47 -1.81
SE MSE A 142 10.68 17.40 -3.24
CE MSE A 142 12.24 16.29 -3.74
N MSE A 143 12.97 16.56 2.07
CA MSE A 143 12.97 15.56 3.14
C MSE A 143 12.70 16.20 4.49
O MSE A 143 12.21 15.55 5.42
CB MSE A 143 14.32 14.88 3.28
CG MSE A 143 14.78 14.10 2.12
SE MSE A 143 13.68 12.60 1.78
CE MSE A 143 13.75 11.61 3.48
N CYS A 144 13.09 17.46 4.62
CA CYS A 144 12.89 18.18 5.85
C CYS A 144 11.39 18.31 6.09
N ASP A 145 10.99 18.36 7.35
CA ASP A 145 9.58 18.47 7.69
C ASP A 145 8.92 19.73 7.15
N LEU A 146 9.64 20.85 7.26
CA LEU A 146 9.16 22.15 6.83
C LEU A 146 10.26 22.86 6.05
N THR A 147 9.88 23.81 5.22
CA THR A 147 10.85 24.62 4.50
C THR A 147 10.44 26.08 4.57
N ILE A 148 11.32 26.91 5.10
CA ILE A 148 11.15 28.35 5.15
C ILE A 148 12.08 28.90 4.09
N ALA A 149 11.52 29.60 3.10
CA ALA A 149 12.30 30.10 1.97
C ALA A 149 12.42 31.62 1.96
N ALA A 150 13.59 32.10 1.55
CA ALA A 150 13.84 33.52 1.36
C ALA A 150 13.29 33.87 -0.03
N GLU A 151 13.00 35.15 -0.26
CA GLU A 151 12.47 35.59 -1.54
C GLU A 151 13.40 35.25 -2.71
N ASN A 152 14.68 35.04 -2.44
CA ASN A 152 15.63 34.72 -3.51
C ASN A 152 15.86 33.22 -3.71
N ALA A 153 15.05 32.37 -3.08
CA ALA A 153 15.21 30.93 -3.20
C ALA A 153 14.82 30.42 -4.59
N ILE A 154 15.59 29.44 -5.08
CA ILE A 154 15.37 28.83 -6.38
C ILE A 154 15.40 27.32 -6.20
N PHE A 155 14.38 26.66 -6.75
CA PHE A 155 14.18 25.23 -6.57
C PHE A 155 14.13 24.42 -7.85
N GLY A 156 14.60 23.18 -7.79
CA GLY A 156 14.50 22.28 -8.94
C GLY A 156 15.40 21.07 -8.88
N GLN A 157 15.15 20.11 -9.76
CA GLN A 157 15.97 18.91 -9.89
C GLN A 157 16.83 19.07 -11.14
N THR A 158 17.84 18.23 -11.28
CA THR A 158 18.73 18.25 -12.45
C THR A 158 18.96 16.86 -13.06
N GLY A 159 18.71 15.82 -12.27
CA GLY A 159 18.93 14.45 -12.67
C GLY A 159 18.90 14.12 -14.17
N PRO A 160 17.70 14.09 -14.76
CA PRO A 160 17.56 13.80 -16.18
C PRO A 160 18.39 14.73 -17.08
N LYS A 161 18.60 15.97 -16.65
CA LYS A 161 19.38 16.90 -17.45
C LYS A 161 20.87 16.53 -17.46
N VAL A 162 21.36 15.92 -16.39
N VAL A 162 21.33 15.91 -16.39
CA VAL A 162 22.75 15.52 -16.33
CA VAL A 162 22.73 15.52 -16.26
C VAL A 162 22.94 14.01 -16.23
C VAL A 162 22.93 14.00 -16.21
N GLY A 163 21.92 13.25 -16.64
CA GLY A 163 21.99 11.78 -16.66
C GLY A 163 21.98 10.98 -15.36
N SER A 164 21.05 11.31 -14.47
N SER A 164 21.04 11.30 -14.48
CA SER A 164 20.90 10.61 -13.19
CA SER A 164 20.90 10.61 -13.19
C SER A 164 19.49 10.83 -12.66
C SER A 164 19.48 10.83 -12.66
N PHE A 165 19.18 10.27 -11.49
CA PHE A 165 17.84 10.45 -10.90
C PHE A 165 17.74 9.95 -9.47
N ASP A 166 16.72 10.44 -8.77
CA ASP A 166 16.42 9.97 -7.41
C ASP A 166 14.98 9.46 -7.47
N GLY A 167 14.83 8.15 -7.59
CA GLY A 167 13.50 7.53 -7.69
C GLY A 167 12.94 7.05 -6.36
N GLY A 168 13.58 7.46 -5.26
CA GLY A 168 13.16 7.07 -3.92
C GLY A 168 12.21 8.12 -3.40
N TRP A 169 12.52 8.66 -2.22
CA TRP A 169 11.70 9.73 -1.64
C TRP A 169 11.71 10.97 -2.51
N GLY A 170 12.77 11.17 -3.28
CA GLY A 170 12.85 12.34 -4.15
C GLY A 170 11.72 12.38 -5.15
N ALA A 171 11.18 11.22 -5.51
CA ALA A 171 10.07 11.18 -6.45
C ALA A 171 8.76 10.99 -5.71
N SER A 172 8.57 9.81 -5.10
CA SER A 172 7.35 9.51 -4.40
C SER A 172 6.98 10.55 -3.33
N TYR A 173 7.92 10.94 -2.49
CA TYR A 173 7.57 11.87 -1.42
C TYR A 173 7.23 13.25 -2.01
N MSE A 174 7.92 13.63 -3.07
CA MSE A 174 7.64 14.89 -3.74
C MSE A 174 6.18 14.92 -4.22
O MSE A 174 5.51 15.93 -4.11
CB MSE A 174 8.55 15.09 -4.94
CG MSE A 174 8.22 16.32 -5.74
SE MSE A 174 9.17 16.32 -7.43
CE MSE A 174 10.97 16.51 -6.69
N ALA A 175 5.70 13.80 -4.74
CA ALA A 175 4.32 13.73 -5.19
C ALA A 175 3.35 13.94 -4.02
N ARG A 176 3.74 13.50 -2.82
CA ARG A 176 2.91 13.65 -1.61
C ARG A 176 2.89 15.10 -1.13
N ILE A 177 3.78 15.92 -1.68
CA ILE A 177 3.89 17.32 -1.33
C ILE A 177 3.18 18.20 -2.36
N VAL A 178 3.54 18.05 -3.62
CA VAL A 178 3.00 18.92 -4.68
C VAL A 178 2.02 18.26 -5.64
N GLY A 179 1.80 16.95 -5.52
CA GLY A 179 0.88 16.29 -6.41
C GLY A 179 1.59 15.70 -7.61
N GLN A 180 0.97 14.71 -8.24
CA GLN A 180 1.60 13.98 -9.35
C GLN A 180 1.87 14.78 -10.63
N LYS A 181 0.98 15.70 -11.00
CA LYS A 181 1.21 16.51 -12.21
C LYS A 181 2.43 17.38 -12.05
N LYS A 182 2.55 18.07 -10.91
CA LYS A 182 3.70 18.94 -10.68
C LYS A 182 4.98 18.15 -10.48
N ALA A 183 4.90 17.00 -9.80
CA ALA A 183 6.09 16.19 -9.57
C ALA A 183 6.71 15.72 -10.90
N ARG A 184 5.86 15.30 -11.84
CA ARG A 184 6.35 14.82 -13.14
C ARG A 184 6.98 15.98 -13.90
N GLU A 185 6.37 17.15 -13.78
CA GLU A 185 6.88 18.34 -14.41
C GLU A 185 8.26 18.67 -13.90
N ILE A 186 8.39 18.76 -12.57
CA ILE A 186 9.64 19.09 -11.92
C ILE A 186 10.78 18.16 -12.32
N TRP A 187 10.51 16.86 -12.34
CA TRP A 187 11.53 15.86 -12.73
C TRP A 187 11.78 15.74 -14.25
N PHE A 188 10.73 15.77 -15.05
CA PHE A 188 10.88 15.58 -16.51
C PHE A 188 11.54 16.75 -17.23
N LEU A 189 11.24 17.98 -16.82
CA LEU A 189 11.84 19.14 -17.47
C LEU A 189 13.08 19.69 -16.80
N CYS A 190 13.22 19.46 -15.49
CA CYS A 190 14.37 19.98 -14.73
C CYS A 190 14.51 21.52 -14.85
N ARG A 191 13.41 22.23 -14.68
CA ARG A 191 13.44 23.69 -14.71
C ARG A 191 13.75 24.17 -13.32
N GLN A 192 13.94 25.48 -13.22
CA GLN A 192 14.13 26.14 -11.93
C GLN A 192 12.87 26.92 -11.60
N TYR A 193 12.50 26.90 -10.33
CA TYR A 193 11.29 27.56 -9.83
C TYR A 193 11.63 28.62 -8.79
N ASP A 194 10.95 29.78 -8.85
CA ASP A 194 11.21 30.83 -7.86
C ASP A 194 10.42 30.59 -6.59
N ALA A 195 10.66 31.42 -5.58
CA ALA A 195 10.01 31.24 -4.28
C ALA A 195 8.49 31.28 -4.36
N GLN A 196 7.94 32.21 -5.13
CA GLN A 196 6.47 32.29 -5.25
C GLN A 196 5.94 31.05 -5.98
N GLN A 197 6.67 30.58 -7.00
CA GLN A 197 6.28 29.36 -7.70
C GLN A 197 6.21 28.18 -6.72
N ALA A 198 7.27 28.00 -5.94
CA ALA A 198 7.33 26.94 -4.95
C ALA A 198 6.22 27.07 -3.91
N LEU A 199 5.97 28.28 -3.44
CA LEU A 199 4.92 28.52 -2.43
C LEU A 199 3.56 28.17 -3.01
N ASP A 200 3.29 28.66 -4.21
CA ASP A 200 2.00 28.39 -4.89
C ASP A 200 1.71 26.91 -5.06
N MSE A 201 2.74 26.08 -5.21
CA MSE A 201 2.49 24.66 -5.41
C MSE A 201 2.59 23.85 -4.13
O MSE A 201 2.45 22.63 -4.16
CB MSE A 201 3.44 24.11 -6.46
CG MSE A 201 4.83 23.82 -5.97
SE MSE A 201 5.85 23.11 -7.44
CE MSE A 201 6.22 24.81 -8.35
N GLY A 202 2.83 24.52 -3.00
CA GLY A 202 2.94 23.87 -1.71
C GLY A 202 4.28 23.17 -1.44
N LEU A 203 5.30 23.54 -2.19
CA LEU A 203 6.65 22.96 -2.07
C LEU A 203 7.42 23.47 -0.86
N VAL A 204 7.16 24.71 -0.46
CA VAL A 204 7.74 25.30 0.73
C VAL A 204 6.61 25.84 1.56
N ASN A 205 6.87 26.04 2.85
CA ASN A 205 5.82 26.48 3.77
C ASN A 205 5.55 27.96 3.82
N THR A 206 6.56 28.77 3.57
CA THR A 206 6.39 30.22 3.60
C THR A 206 7.55 30.89 2.87
N VAL A 207 7.32 32.11 2.40
CA VAL A 207 8.37 32.89 1.75
C VAL A 207 8.49 34.18 2.53
N VAL A 208 9.70 34.52 2.93
CA VAL A 208 9.99 35.73 3.70
C VAL A 208 11.18 36.49 3.11
N PRO A 209 11.33 37.79 3.44
CA PRO A 209 12.49 38.50 2.92
C PRO A 209 13.81 37.85 3.32
N LEU A 210 14.80 37.90 2.43
CA LEU A 210 16.10 37.29 2.68
C LEU A 210 16.71 37.80 4.00
N ALA A 211 16.58 39.11 4.26
CA ALA A 211 17.14 39.71 5.46
C ALA A 211 16.50 39.16 6.75
N ASP A 212 15.27 38.62 6.65
CA ASP A 212 14.57 38.10 7.82
C ASP A 212 14.49 36.58 7.88
N LEU A 213 15.25 35.90 7.02
CA LEU A 213 15.22 34.46 6.95
C LEU A 213 15.44 33.77 8.31
N GLU A 214 16.53 34.09 9.01
CA GLU A 214 16.80 33.42 10.28
C GLU A 214 15.80 33.81 11.36
N LYS A 215 15.47 35.10 11.41
CA LYS A 215 14.50 35.62 12.35
C LYS A 215 13.14 34.86 12.27
N GLU A 216 12.63 34.64 11.05
CA GLU A 216 11.39 33.94 10.88
C GLU A 216 11.59 32.45 11.15
N THR A 217 12.67 31.87 10.66
CA THR A 217 12.94 30.46 10.91
C THR A 217 12.95 30.20 12.42
N VAL A 218 13.68 31.02 13.16
CA VAL A 218 13.75 30.84 14.62
C VAL A 218 12.36 30.99 15.26
N ARG A 219 11.54 31.91 14.76
CA ARG A 219 10.18 32.08 15.25
C ARG A 219 9.39 30.78 15.04
N TRP A 220 9.48 30.21 13.83
CA TRP A 220 8.81 28.94 13.54
C TRP A 220 9.32 27.83 14.46
N CYS A 221 10.62 27.77 14.70
CA CYS A 221 11.18 26.74 15.60
C CYS A 221 10.64 26.88 17.04
N ARG A 222 10.61 28.11 17.52
CA ARG A 222 10.11 28.41 18.85
C ARG A 222 8.63 28.09 18.99
N GLU A 223 7.83 28.28 17.94
CA GLU A 223 6.44 27.90 18.05
C GLU A 223 6.36 26.39 18.24
N MSE A 224 7.23 25.66 17.54
CA MSE A 224 7.24 24.22 17.69
C MSE A 224 7.74 23.79 19.05
O MSE A 224 7.25 22.83 19.63
CB MSE A 224 8.07 23.56 16.59
CG MSE A 224 7.41 23.58 15.25
SE MSE A 224 8.47 22.59 13.97
CE MSE A 224 9.91 23.84 13.69
N LEU A 225 8.75 24.50 19.55
CA LEU A 225 9.33 24.19 20.87
C LEU A 225 8.33 24.37 22.04
N GLN A 226 7.25 25.13 21.83
CA GLN A 226 6.24 25.29 22.89
C GLN A 226 5.43 24.02 23.04
N ASN A 227 5.46 23.18 22.03
CA ASN A 227 4.70 21.96 22.06
C ASN A 227 5.47 20.79 22.63
N SER A 228 4.73 19.73 22.92
CA SER A 228 5.27 18.51 23.49
C SER A 228 6.21 17.73 22.56
N PRO A 229 7.44 17.47 23.00
CA PRO A 229 8.36 16.67 22.20
C PRO A 229 7.78 15.29 21.84
N MSE A 230 7.08 14.67 22.79
CA MSE A 230 6.52 13.35 22.55
C MSE A 230 5.41 13.44 21.54
O MSE A 230 5.28 12.59 20.70
CB MSE A 230 6.03 12.74 23.87
CG MSE A 230 5.51 11.31 23.78
SE MSE A 230 6.79 9.97 23.10
CE MSE A 230 8.24 10.23 24.36
N ALA A 231 4.63 14.51 21.61
CA ALA A 231 3.56 14.70 20.65
C ALA A 231 4.11 14.91 19.25
N LEU A 232 5.13 15.77 19.10
CA LEU A 232 5.72 16.01 17.78
C LEU A 232 6.32 14.72 17.24
N ARG A 233 7.03 14.02 18.10
CA ARG A 233 7.60 12.76 17.74
C ARG A 233 6.52 11.78 17.19
N CYS A 234 5.40 11.64 17.90
CA CYS A 234 4.33 10.75 17.43
C CYS A 234 3.68 11.26 16.15
N LEU A 235 3.52 12.56 16.02
CA LEU A 235 2.89 13.10 14.82
C LEU A 235 3.81 12.93 13.61
N LYS A 236 5.12 13.15 13.80
CA LYS A 236 6.04 12.98 12.69
C LYS A 236 5.99 11.51 12.23
N ALA A 237 6.01 10.58 13.17
CA ALA A 237 5.96 9.16 12.84
C ALA A 237 4.66 8.82 12.11
N ALA A 238 3.55 9.37 12.58
CA ALA A 238 2.24 9.12 11.98
C ALA A 238 2.18 9.64 10.55
N LEU A 239 2.83 10.77 10.30
CA LEU A 239 2.85 11.37 8.97
C LEU A 239 3.76 10.54 8.06
N ASN A 240 4.89 10.09 8.60
CA ASN A 240 5.75 9.19 7.83
C ASN A 240 5.05 7.89 7.48
N ALA A 241 4.22 7.38 8.41
CA ALA A 241 3.55 6.10 8.23
C ALA A 241 2.58 6.06 7.07
N ASP A 242 2.11 7.22 6.61
CA ASP A 242 1.23 7.26 5.47
C ASP A 242 2.04 6.97 4.20
N CYS A 243 3.37 7.01 4.30
CA CYS A 243 4.23 6.81 3.14
C CYS A 243 5.13 5.60 3.21
N ASP A 244 5.58 5.25 4.42
CA ASP A 244 6.63 4.27 4.57
C ASP A 244 6.24 2.85 4.94
N GLY A 245 4.98 2.47 4.73
CA GLY A 245 4.56 1.10 5.01
C GLY A 245 5.06 0.56 6.33
N GLN A 246 5.62 -0.65 6.31
CA GLN A 246 6.10 -1.28 7.56
C GLN A 246 7.21 -0.51 8.26
N ALA A 247 8.00 0.24 7.49
CA ALA A 247 9.07 1.05 8.07
C ALA A 247 8.44 2.13 8.94
N GLY A 248 7.32 2.68 8.43
CA GLY A 248 6.53 3.68 9.13
C GLY A 248 5.83 3.08 10.34
N LEU A 249 5.35 1.86 10.23
CA LEU A 249 4.70 1.21 11.37
C LEU A 249 5.74 0.97 12.46
N GLN A 250 6.96 0.64 12.06
CA GLN A 250 8.01 0.39 13.03
C GLN A 250 8.20 1.62 13.90
N GLU A 251 8.24 2.79 13.28
CA GLU A 251 8.42 4.03 14.04
C GLU A 251 7.23 4.32 14.92
N LEU A 252 6.04 4.15 14.37
N LEU A 252 6.03 4.15 14.38
CA LEU A 252 4.84 4.43 15.14
CA LEU A 252 4.82 4.36 15.16
C LEU A 252 4.71 3.44 16.31
C LEU A 252 4.79 3.44 16.34
N ALA A 253 4.96 2.16 16.06
CA ALA A 253 4.92 1.13 17.11
C ALA A 253 5.98 1.34 18.16
N GLY A 254 7.15 1.83 17.75
CA GLY A 254 8.23 2.09 18.70
C GLY A 254 7.81 3.15 19.71
N ASN A 255 7.11 4.18 19.24
CA ASN A 255 6.61 5.23 20.10
C ASN A 255 5.54 4.69 21.05
N ALA A 256 4.62 3.88 20.55
CA ALA A 256 3.62 3.23 21.39
C ALA A 256 4.32 2.42 22.48
N THR A 257 5.39 1.73 22.10
CA THR A 257 6.16 0.94 23.06
C THR A 257 6.74 1.83 24.14
N MSE A 258 7.29 2.98 23.76
CA MSE A 258 7.84 3.92 24.74
C MSE A 258 6.78 4.34 25.71
O MSE A 258 6.99 4.33 26.90
CB MSE A 258 8.33 5.22 24.09
CG MSE A 258 9.50 5.15 23.22
SE MSE A 258 10.15 7.01 23.00
CE MSE A 258 10.90 7.29 24.77
N LEU A 259 5.65 4.79 25.16
CA LEU A 259 4.52 5.26 25.97
C LEU A 259 4.04 4.18 26.91
N PHE A 260 3.96 2.95 26.44
CA PHE A 260 3.44 1.85 27.25
C PHE A 260 4.31 1.60 28.46
N TYR A 261 5.63 1.69 28.26
CA TYR A 261 6.59 1.52 29.35
C TYR A 261 6.44 2.61 30.44
N MSE A 262 5.74 3.70 30.13
CA MSE A 262 5.50 4.78 31.08
C MSE A 262 4.13 4.66 31.75
O MSE A 262 3.62 5.61 32.35
CB MSE A 262 5.61 6.14 30.39
CG MSE A 262 7.01 6.55 30.02
SE MSE A 262 7.07 8.14 28.86
CE MSE A 262 9.02 8.36 28.79
N THR A 263 3.51 3.48 31.64
CA THR A 263 2.21 3.29 32.27
C THR A 263 2.35 2.24 33.34
N GLU A 264 1.40 2.20 34.26
CA GLU A 264 1.47 1.21 35.32
C GLU A 264 1.34 -0.21 34.76
N GLU A 265 0.44 -0.41 33.81
CA GLU A 265 0.28 -1.72 33.22
C GLU A 265 1.60 -2.16 32.59
N GLY A 266 2.25 -1.24 31.88
CA GLY A 266 3.52 -1.52 31.23
C GLY A 266 4.67 -1.73 32.20
N GLN A 267 4.51 -1.30 33.44
CA GLN A 267 5.55 -1.47 34.45
C GLN A 267 5.32 -2.71 35.31
N GLU A 268 4.12 -3.26 35.30
CA GLU A 268 3.82 -4.46 36.08
C GLU A 268 4.71 -5.63 35.66
N GLY A 269 5.07 -5.66 34.38
CA GLY A 269 5.95 -6.71 33.86
C GLY A 269 7.29 -6.65 34.56
N ARG A 270 7.96 -5.50 34.47
CA ARG A 270 9.27 -5.31 35.11
C ARG A 270 9.22 -5.48 36.62
N ASN A 271 8.14 -5.03 37.24
CA ASN A 271 7.96 -5.16 38.68
C ASN A 271 7.88 -6.62 39.09
N ALA A 272 7.07 -7.38 38.36
CA ALA A 272 6.92 -8.80 38.64
C ALA A 272 8.31 -9.41 38.66
N PHE A 273 9.10 -9.12 37.62
CA PHE A 273 10.45 -9.65 37.53
C PHE A 273 11.29 -9.20 38.72
N ASN A 274 11.45 -7.89 38.90
CA ASN A 274 12.20 -7.35 40.04
C ASN A 274 11.79 -8.05 41.32
N GLN A 275 10.49 -8.31 41.40
CA GLN A 275 9.89 -8.93 42.53
C GLN A 275 9.80 -10.44 42.33
N LYS A 276 10.34 -10.93 41.21
CA LYS A 276 10.30 -12.34 40.82
C LYS A 276 9.06 -13.17 41.14
N ARG A 277 7.93 -12.62 40.71
CA ARG A 277 6.62 -13.21 40.87
C ARG A 277 6.01 -13.22 39.48
N GLN A 278 4.84 -13.82 39.32
CA GLN A 278 4.20 -13.84 38.02
C GLN A 278 3.49 -12.53 37.76
N PRO A 279 3.47 -12.08 36.50
CA PRO A 279 2.75 -10.86 36.21
C PRO A 279 1.27 -11.03 36.46
N ASP A 280 0.64 -10.01 37.00
CA ASP A 280 -0.77 -10.05 37.28
C ASP A 280 -1.44 -8.82 36.67
N PHE A 281 -2.06 -8.99 35.51
CA PHE A 281 -2.73 -7.88 34.83
C PHE A 281 -4.21 -7.88 35.15
N SER A 282 -4.62 -8.74 36.09
CA SER A 282 -6.03 -8.85 36.46
C SER A 282 -6.63 -7.53 36.90
N LYS A 283 -5.86 -6.72 37.61
CA LYS A 283 -6.38 -5.45 38.11
C LYS A 283 -6.67 -4.41 37.03
N PHE A 284 -5.98 -4.49 35.90
CA PHE A 284 -6.15 -3.49 34.86
C PHE A 284 -7.46 -3.66 34.07
N LYS A 285 -8.14 -2.54 33.83
CA LYS A 285 -9.40 -2.55 33.10
C LYS A 285 -9.16 -2.94 31.64
N ARG A 286 -10.17 -3.51 31.01
CA ARG A 286 -10.09 -3.88 29.61
C ARG A 286 -11.03 -2.97 28.82
N ASN A 287 -10.51 -1.77 28.55
CA ASN A 287 -11.24 -0.71 27.86
C ASN A 287 -11.79 -0.99 26.45
N PRO A 288 -12.82 -0.21 26.06
CA PRO A 288 -13.43 -0.32 24.75
C PRO A 288 -12.58 0.40 23.71
N THR B 10 -32.87 28.21 -10.12
CA THR B 10 -33.44 28.84 -8.90
C THR B 10 -33.99 27.76 -7.98
N MSE B 11 -33.92 26.51 -8.42
CA MSE B 11 -34.32 25.35 -7.63
C MSE B 11 -33.27 25.10 -6.54
O MSE B 11 -33.59 24.64 -5.44
CB MSE B 11 -34.48 24.12 -8.53
CG MSE B 11 -34.73 22.76 -7.82
SE MSE B 11 -33.13 21.81 -7.07
CE MSE B 11 -34.00 20.24 -6.29
N LEU B 12 -32.02 25.43 -6.87
CA LEU B 12 -30.90 25.25 -5.95
C LEU B 12 -30.95 26.20 -4.75
N TYR B 13 -31.46 27.41 -4.98
CA TYR B 13 -31.55 28.41 -3.92
C TYR B 13 -32.94 28.52 -3.32
N ALA B 14 -33.82 27.60 -3.64
CA ALA B 14 -35.17 27.60 -3.08
C ALA B 14 -35.08 27.55 -1.54
N PRO B 15 -36.11 28.03 -0.84
CA PRO B 15 -36.07 27.93 0.61
C PRO B 15 -35.99 26.47 1.03
N VAL B 16 -35.52 26.24 2.25
CA VAL B 16 -35.40 24.88 2.76
C VAL B 16 -36.28 24.68 3.98
N GLU B 17 -37.11 23.64 3.97
CA GLU B 17 -37.97 23.35 5.12
C GLU B 17 -37.37 22.21 5.96
N TRP B 18 -36.90 22.55 7.15
CA TRP B 18 -36.35 21.56 8.07
C TRP B 18 -37.42 21.02 9.00
N HIS B 19 -37.40 19.72 9.21
CA HIS B 19 -38.33 19.08 10.13
C HIS B 19 -37.48 18.60 11.28
N ASP B 20 -37.90 18.89 12.51
CA ASP B 20 -37.12 18.50 13.68
C ASP B 20 -37.29 17.04 14.04
N CYS B 21 -36.17 16.38 14.29
CA CYS B 21 -36.13 14.98 14.68
C CYS B 21 -35.20 14.88 15.88
N SER B 22 -35.15 15.95 16.68
CA SER B 22 -34.23 16.03 17.82
C SER B 22 -34.73 15.42 19.09
N GLU B 23 -35.96 14.88 19.07
CA GLU B 23 -36.55 14.32 20.28
C GLU B 23 -35.66 13.26 20.91
N GLY B 24 -35.32 13.46 22.18
CA GLY B 24 -34.49 12.52 22.93
C GLY B 24 -33.02 12.92 22.99
N TYR B 25 -32.56 13.75 22.06
CA TYR B 25 -31.16 14.18 22.07
C TYR B 25 -30.95 15.35 23.00
N THR B 26 -29.79 15.36 23.69
CA THR B 26 -29.42 16.39 24.63
C THR B 26 -28.36 17.35 24.09
N ASP B 27 -27.35 16.81 23.41
CA ASP B 27 -26.20 17.59 22.93
C ASP B 27 -26.25 18.01 21.48
N ILE B 28 -27.20 17.49 20.71
CA ILE B 28 -27.31 17.81 19.30
C ILE B 28 -28.75 18.05 18.86
N ARG B 29 -28.87 18.66 17.69
CA ARG B 29 -30.13 18.84 17.03
C ARG B 29 -30.01 17.94 15.83
N TYR B 30 -31.12 17.37 15.40
CA TYR B 30 -31.12 16.49 14.24
C TYR B 30 -32.36 16.82 13.47
N GLU B 31 -32.15 17.24 12.23
CA GLU B 31 -33.25 17.71 11.36
C GLU B 31 -33.15 17.12 9.97
N LYS B 32 -34.28 17.10 9.26
CA LYS B 32 -34.31 16.56 7.90
C LYS B 32 -35.13 17.46 7.01
N SER B 33 -34.68 17.64 5.76
CA SER B 33 -35.44 18.41 4.81
C SER B 33 -36.27 17.46 3.95
N THR B 34 -37.42 17.92 3.47
CA THR B 34 -38.25 17.14 2.57
C THR B 34 -37.45 16.79 1.34
N ASP B 35 -36.45 17.63 1.10
CA ASP B 35 -35.55 17.56 -0.02
C ASP B 35 -34.55 16.35 0.05
N GLY B 36 -34.32 15.81 1.24
CA GLY B 36 -33.41 14.66 1.38
C GLY B 36 -32.08 14.98 2.05
N ILE B 37 -32.05 16.06 2.82
CA ILE B 37 -30.85 16.46 3.53
C ILE B 37 -31.08 16.28 5.01
N ALA B 38 -30.15 15.61 5.67
CA ALA B 38 -30.21 15.44 7.11
C ALA B 38 -29.14 16.35 7.68
N LYS B 39 -29.43 17.01 8.80
CA LYS B 39 -28.49 17.93 9.39
C LYS B 39 -28.30 17.60 10.84
N ILE B 40 -27.05 17.31 11.18
CA ILE B 40 -26.66 16.99 12.55
C ILE B 40 -25.96 18.21 13.04
N THR B 41 -26.51 18.81 14.08
CA THR B 41 -25.97 20.02 14.63
C THR B 41 -25.49 19.85 16.06
N ILE B 42 -24.20 20.10 16.30
CA ILE B 42 -23.71 20.06 17.67
C ILE B 42 -24.33 21.28 18.35
N ASN B 43 -25.02 21.04 19.44
CA ASN B 43 -25.71 22.12 20.13
C ASN B 43 -25.14 22.42 21.51
N ARG B 44 -23.90 22.88 21.57
CA ARG B 44 -23.28 23.23 22.84
C ARG B 44 -22.50 24.54 22.66
N PRO B 45 -23.20 25.58 22.14
CA PRO B 45 -22.51 26.85 21.83
C PRO B 45 -21.74 27.45 23.01
N GLN B 46 -22.18 27.10 24.22
N GLN B 46 -22.17 27.16 24.24
CA GLN B 46 -21.56 27.54 25.47
CA GLN B 46 -21.51 27.71 25.42
C GLN B 46 -20.08 27.25 25.51
C GLN B 46 -20.07 27.23 25.57
N VAL B 47 -19.74 26.07 25.01
CA VAL B 47 -18.37 25.59 25.04
C VAL B 47 -17.81 25.46 23.61
N ARG B 48 -18.27 26.36 22.73
CA ARG B 48 -17.83 26.40 21.33
C ARG B 48 -18.03 25.07 20.62
N ASN B 49 -19.14 24.44 20.95
CA ASN B 49 -19.56 23.21 20.36
C ASN B 49 -18.54 22.07 20.47
N ALA B 50 -17.78 22.06 21.57
CA ALA B 50 -16.88 20.97 21.86
C ALA B 50 -17.76 19.79 22.18
N PHE B 51 -17.29 18.60 21.85
CA PHE B 51 -18.05 17.40 22.11
C PHE B 51 -17.54 16.69 23.36
N ARG B 52 -18.46 16.03 24.05
CA ARG B 52 -18.13 15.17 25.17
C ARG B 52 -18.58 13.80 24.68
N PRO B 53 -18.22 12.73 25.43
CA PRO B 53 -18.57 11.38 24.98
C PRO B 53 -20.05 11.18 24.62
N LEU B 54 -20.96 11.79 25.37
CA LEU B 54 -22.40 11.65 25.08
C LEU B 54 -22.72 12.32 23.76
N THR B 55 -22.06 13.43 23.45
CA THR B 55 -22.33 14.11 22.18
C THR B 55 -22.02 13.17 21.02
N VAL B 56 -20.91 12.44 21.15
CA VAL B 56 -20.46 11.54 20.11
C VAL B 56 -21.43 10.38 19.98
N LYS B 57 -21.91 9.87 21.11
CA LYS B 57 -22.87 8.78 21.09
C LYS B 57 -24.12 9.22 20.34
N GLU B 58 -24.59 10.43 20.60
CA GLU B 58 -25.77 10.96 19.91
C GLU B 58 -25.49 11.15 18.42
N MSE B 59 -24.31 11.69 18.09
CA MSE B 59 -23.96 11.92 16.69
C MSE B 59 -23.88 10.61 15.92
O MSE B 59 -24.31 10.53 14.77
CB MSE B 59 -22.67 12.71 16.55
CG MSE B 59 -22.81 14.17 16.91
SE MSE B 59 -21.20 15.18 16.63
CE MSE B 59 -20.03 14.33 17.93
N ILE B 60 -23.32 9.58 16.55
CA ILE B 60 -23.28 8.26 15.94
C ILE B 60 -24.71 7.75 15.68
N GLN B 61 -25.59 7.90 16.68
CA GLN B 61 -26.98 7.45 16.52
C GLN B 61 -27.71 8.18 15.39
N ALA B 62 -27.55 9.51 15.32
CA ALA B 62 -28.22 10.29 14.28
C ALA B 62 -27.68 9.96 12.90
N LEU B 63 -26.37 9.78 12.79
CA LEU B 63 -25.76 9.47 11.50
C LEU B 63 -26.24 8.09 11.03
N ALA B 64 -26.45 7.18 11.97
CA ALA B 64 -26.96 5.87 11.64
C ALA B 64 -28.41 5.99 11.14
N ASP B 65 -29.18 6.85 11.80
CA ASP B 65 -30.56 7.08 11.36
C ASP B 65 -30.57 7.59 9.92
N ALA B 66 -29.72 8.57 9.62
CA ALA B 66 -29.66 9.15 8.28
C ALA B 66 -29.22 8.11 7.24
N ARG B 67 -28.26 7.28 7.62
CA ARG B 67 -27.80 6.22 6.75
C ARG B 67 -28.95 5.30 6.40
N TYR B 68 -29.78 4.97 7.40
CA TYR B 68 -30.91 4.06 7.20
C TYR B 68 -32.19 4.72 6.72
N ASP B 69 -32.20 6.04 6.60
CA ASP B 69 -33.39 6.73 6.11
C ASP B 69 -33.30 6.83 4.61
N ASP B 70 -34.14 6.01 3.96
CA ASP B 70 -34.21 5.94 2.52
C ASP B 70 -34.41 7.30 1.83
N ASN B 71 -34.99 8.28 2.51
CA ASN B 71 -35.22 9.58 1.86
C ASN B 71 -34.04 10.51 2.02
N VAL B 72 -33.06 10.13 2.81
CA VAL B 72 -31.91 10.98 2.99
C VAL B 72 -30.81 10.59 2.00
N GLY B 73 -30.30 11.58 1.28
CA GLY B 73 -29.22 11.38 0.32
C GLY B 73 -27.89 12.01 0.71
N VAL B 74 -27.93 13.06 1.53
CA VAL B 74 -26.71 13.78 1.94
C VAL B 74 -26.85 14.24 3.39
N ILE B 75 -25.73 14.28 4.12
CA ILE B 75 -25.75 14.72 5.51
C ILE B 75 -24.87 15.94 5.72
N ILE B 76 -25.37 16.88 6.51
CA ILE B 76 -24.64 18.07 6.85
C ILE B 76 -24.29 17.95 8.32
N LEU B 77 -23.04 18.25 8.66
CA LEU B 77 -22.57 18.31 10.04
C LEU B 77 -22.19 19.78 10.27
N THR B 78 -22.76 20.38 11.30
CA THR B 78 -22.45 21.76 11.62
C THR B 78 -22.53 21.99 13.13
N GLY B 79 -22.17 23.19 13.57
CA GLY B 79 -22.24 23.56 14.99
C GLY B 79 -23.30 24.65 15.14
N GLU B 80 -23.97 24.69 16.28
CA GLU B 80 -25.02 25.69 16.55
C GLU B 80 -24.43 27.09 16.59
N GLY B 81 -25.14 28.05 16.00
CA GLY B 81 -24.69 29.44 15.98
C GLY B 81 -23.67 29.71 14.88
N ASP B 82 -23.08 30.89 14.93
CA ASP B 82 -22.10 31.33 13.92
C ASP B 82 -20.66 31.42 14.42
N LYS B 83 -20.43 31.13 15.69
CA LYS B 83 -19.10 31.27 16.27
C LYS B 83 -18.21 30.01 16.28
N ALA B 84 -18.83 28.83 16.24
CA ALA B 84 -18.05 27.61 16.28
C ALA B 84 -18.78 26.45 15.66
N PHE B 85 -18.00 25.66 14.94
CA PHE B 85 -18.40 24.41 14.33
C PHE B 85 -18.19 23.36 15.41
N CYS B 86 -16.94 23.26 15.87
CA CYS B 86 -16.55 22.33 16.94
C CYS B 86 -15.13 22.65 17.37
N ALA B 87 -14.96 22.97 18.65
CA ALA B 87 -13.66 23.36 19.20
C ALA B 87 -12.86 22.21 19.79
N GLY B 88 -13.33 20.98 19.66
CA GLY B 88 -12.58 19.83 20.15
C GLY B 88 -13.30 18.97 21.15
N GLY B 89 -12.55 18.07 21.77
CA GLY B 89 -13.08 17.15 22.76
C GLY B 89 -12.98 17.73 24.15
N HIS B 107 -10.72 8.50 30.02
CA HIS B 107 -11.80 9.01 29.19
C HIS B 107 -11.91 8.21 27.88
N HIS B 108 -13.13 8.14 27.34
CA HIS B 108 -13.37 7.39 26.14
C HIS B 108 -13.09 8.19 24.87
N LEU B 109 -12.54 7.49 23.89
CA LEU B 109 -12.19 8.06 22.61
C LEU B 109 -13.20 7.58 21.57
N ASN B 110 -14.48 7.59 21.93
CA ASN B 110 -15.52 7.14 21.03
C ASN B 110 -15.63 7.99 19.76
N VAL B 111 -15.02 9.18 19.76
CA VAL B 111 -15.05 10.02 18.55
C VAL B 111 -14.32 9.28 17.41
N LEU B 112 -13.39 8.39 17.74
CA LEU B 112 -12.72 7.61 16.71
C LEU B 112 -13.75 6.75 15.97
N ASP B 113 -14.76 6.24 16.69
CA ASP B 113 -15.81 5.46 16.05
C ASP B 113 -16.66 6.37 15.17
N PHE B 114 -16.88 7.61 15.61
CA PHE B 114 -17.69 8.49 14.81
C PHE B 114 -17.00 8.85 13.48
N GLN B 115 -15.69 9.03 13.54
CA GLN B 115 -14.88 9.35 12.35
C GLN B 115 -14.96 8.25 11.29
N ARG B 116 -14.87 7.01 11.76
N ARG B 116 -14.87 6.99 11.72
CA ARG B 116 -14.96 5.84 10.90
CA ARG B 116 -14.99 5.87 10.78
C ARG B 116 -16.37 5.69 10.27
C ARG B 116 -16.38 5.86 10.18
N GLN B 117 -17.39 6.10 11.01
CA GLN B 117 -18.78 6.07 10.56
C GLN B 117 -19.05 7.12 9.47
N ILE B 118 -18.45 8.31 9.59
CA ILE B 118 -18.54 9.35 8.57
C ILE B 118 -17.88 8.83 7.28
N ARG B 119 -16.73 8.23 7.46
CA ARG B 119 -15.92 7.64 6.39
C ARG B 119 -16.64 6.56 5.60
N THR B 120 -17.30 5.65 6.31
CA THR B 120 -17.96 4.52 5.71
C THR B 120 -19.41 4.81 5.36
N CYS B 121 -19.89 6.00 5.69
CA CYS B 121 -21.25 6.36 5.34
C CYS B 121 -21.34 6.40 3.82
N PRO B 122 -22.30 5.67 3.23
CA PRO B 122 -22.45 5.64 1.77
C PRO B 122 -23.07 6.89 1.16
N LYS B 123 -23.44 7.84 1.99
CA LYS B 123 -24.02 9.09 1.54
C LYS B 123 -22.99 10.17 1.84
N PRO B 124 -22.83 11.16 0.94
CA PRO B 124 -21.85 12.20 1.19
C PRO B 124 -22.16 12.94 2.48
N VAL B 125 -21.11 13.35 3.20
CA VAL B 125 -21.25 14.10 4.44
C VAL B 125 -20.52 15.41 4.23
N VAL B 126 -21.24 16.51 4.45
CA VAL B 126 -20.71 17.84 4.21
C VAL B 126 -20.56 18.63 5.52
N ALA B 127 -19.36 19.13 5.77
CA ALA B 127 -19.12 19.94 6.96
C ALA B 127 -19.44 21.40 6.58
N MSE B 128 -20.34 22.01 7.33
CA MSE B 128 -20.73 23.42 7.15
C MSE B 128 -20.12 24.18 8.31
O MSE B 128 -20.61 24.14 9.46
CB MSE B 128 -22.25 23.54 7.16
CG MSE B 128 -22.75 24.93 7.01
SE MSE B 128 -24.67 24.87 6.73
CE MSE B 128 -25.30 24.61 8.56
N VAL B 129 -19.03 24.87 8.01
CA VAL B 129 -18.25 25.50 9.06
C VAL B 129 -18.34 27.03 9.22
N ALA B 130 -18.87 27.45 10.38
CA ALA B 130 -18.89 28.86 10.77
C ALA B 130 -17.99 28.92 12.02
N GLY B 131 -17.07 29.87 12.07
CA GLY B 131 -16.22 30.01 13.24
C GLY B 131 -15.17 28.91 13.40
N TYR B 132 -14.90 28.57 14.65
CA TYR B 132 -13.87 27.60 15.00
C TYR B 132 -14.11 26.10 14.67
N SER B 133 -13.13 25.52 13.99
CA SER B 133 -13.04 24.10 13.71
C SER B 133 -11.61 23.80 14.16
N ILE B 134 -11.48 23.44 15.45
CA ILE B 134 -10.20 23.28 16.10
C ILE B 134 -10.03 21.96 16.86
N GLY B 135 -8.80 21.45 16.86
CA GLY B 135 -8.49 20.22 17.59
C GLY B 135 -9.28 19.07 17.02
N GLY B 136 -10.02 18.37 17.87
CA GLY B 136 -10.81 17.24 17.44
C GLY B 136 -11.87 17.69 16.46
N GLY B 137 -12.29 18.95 16.61
CA GLY B 137 -13.29 19.53 15.75
C GLY B 137 -12.76 19.77 14.37
N HIS B 138 -11.44 19.96 14.26
CA HIS B 138 -10.80 20.15 12.96
C HIS B 138 -10.73 18.80 12.24
N VAL B 139 -10.35 17.76 12.96
CA VAL B 139 -10.35 16.42 12.36
C VAL B 139 -11.77 16.09 11.88
N LEU B 140 -12.79 16.51 12.62
CA LEU B 140 -14.16 16.23 12.19
C LEU B 140 -14.51 16.85 10.84
N HIS B 141 -14.18 18.11 10.61
CA HIS B 141 -14.55 18.69 9.31
C HIS B 141 -13.77 18.00 8.20
N MSE B 142 -12.51 17.65 8.49
CA MSE B 142 -11.68 16.98 7.50
C MSE B 142 -12.21 15.65 7.05
O MSE B 142 -12.03 15.32 5.88
CB MSE B 142 -10.25 16.76 7.99
CG MSE B 142 -9.45 18.01 8.04
SE MSE B 142 -7.56 17.61 8.34
CE MSE B 142 -7.62 16.91 10.17
N MSE B 143 -12.76 14.86 7.99
CA MSE B 143 -13.29 13.53 7.67
C MSE B 143 -14.48 13.66 6.75
O MSE B 143 -14.82 12.71 6.02
CB MSE B 143 -13.79 12.83 8.93
CG MSE B 143 -12.79 12.58 9.99
SE MSE B 143 -11.45 11.42 9.34
CE MSE B 143 -12.57 9.97 8.71
N CYS B 144 -15.19 14.78 6.85
CA CYS B 144 -16.33 15.00 5.96
C CYS B 144 -15.81 15.05 4.54
N ASP B 145 -16.64 14.60 3.61
CA ASP B 145 -16.25 14.55 2.23
C ASP B 145 -15.92 15.90 1.69
N LEU B 146 -16.74 16.88 2.03
CA LEU B 146 -16.60 18.24 1.57
C LEU B 146 -16.70 19.21 2.74
N THR B 147 -16.13 20.40 2.60
CA THR B 147 -16.26 21.40 3.63
C THR B 147 -16.66 22.75 3.02
N ILE B 148 -17.76 23.32 3.52
CA ILE B 148 -18.20 24.63 3.07
C ILE B 148 -17.92 25.54 4.24
N ALA B 149 -17.09 26.55 4.03
CA ALA B 149 -16.74 27.44 5.12
C ALA B 149 -17.29 28.87 4.94
N ALA B 150 -17.67 29.48 6.07
CA ALA B 150 -18.07 30.87 6.07
C ALA B 150 -16.80 31.68 6.14
N GLU B 151 -16.89 32.95 5.76
CA GLU B 151 -15.74 33.85 5.74
C GLU B 151 -15.10 34.01 7.12
N ASN B 152 -15.85 33.73 8.18
CA ASN B 152 -15.32 33.84 9.54
C ASN B 152 -14.80 32.51 10.11
N ALA B 153 -14.63 31.48 9.28
CA ALA B 153 -14.17 30.19 9.80
C ALA B 153 -12.68 30.19 10.19
N ILE B 154 -12.35 29.51 11.27
CA ILE B 154 -10.97 29.42 11.75
C ILE B 154 -10.64 27.94 11.93
N PHE B 155 -9.50 27.53 11.38
CA PHE B 155 -9.07 26.13 11.35
C PHE B 155 -7.72 25.89 12.00
N GLY B 156 -7.54 24.69 12.54
CA GLY B 156 -6.24 24.29 13.10
C GLY B 156 -6.30 23.19 14.17
N GLN B 157 -5.13 22.65 14.49
CA GLN B 157 -4.96 21.63 15.49
C GLN B 157 -4.46 22.29 16.77
N THR B 158 -4.52 21.56 17.88
CA THR B 158 -4.09 22.06 19.20
C THR B 158 -3.37 21.00 20.07
N GLY B 159 -3.55 19.72 19.70
CA GLY B 159 -2.99 18.57 20.42
C GLY B 159 -1.65 18.71 21.09
N PRO B 160 -0.59 18.92 20.30
CA PRO B 160 0.76 19.08 20.82
C PRO B 160 0.87 20.25 21.83
N LYS B 161 -0.05 21.20 21.72
CA LYS B 161 -0.10 22.34 22.63
C LYS B 161 -0.46 21.74 23.99
N VAL B 162 -1.23 20.67 23.97
CA VAL B 162 -1.62 19.96 25.19
C VAL B 162 -0.83 18.65 25.42
N GLY B 163 -0.11 18.16 24.40
CA GLY B 163 0.64 16.91 24.51
C GLY B 163 -0.10 15.72 23.86
N SER B 164 -1.38 15.93 23.53
N SER B 164 -1.36 15.95 23.51
CA SER B 164 -2.17 14.89 22.88
CA SER B 164 -2.20 14.95 22.89
C SER B 164 -1.99 15.00 21.38
C SER B 164 -2.01 15.02 21.37
N PHE B 165 -2.60 14.09 20.64
CA PHE B 165 -2.49 14.09 19.18
C PHE B 165 -3.39 13.10 18.48
N ASP B 166 -3.79 13.43 17.25
N ASP B 166 -3.77 13.44 17.25
CA ASP B 166 -4.56 12.51 16.45
CA ASP B 166 -4.55 12.55 16.38
C ASP B 166 -3.70 12.08 15.23
C ASP B 166 -3.66 12.10 15.22
N GLY B 167 -3.03 10.94 15.38
CA GLY B 167 -2.17 10.40 14.34
C GLY B 167 -2.84 9.41 13.41
N GLY B 168 -4.17 9.35 13.43
CA GLY B 168 -4.90 8.44 12.54
C GLY B 168 -5.20 9.17 11.24
N TRP B 169 -6.48 9.24 10.89
CA TRP B 169 -6.85 9.99 9.72
C TRP B 169 -6.54 11.48 9.97
N GLY B 170 -6.43 11.87 11.24
CA GLY B 170 -6.12 13.25 11.56
C GLY B 170 -4.80 13.71 10.95
N ALA B 171 -3.87 12.79 10.73
CA ALA B 171 -2.59 13.19 10.17
C ALA B 171 -2.42 12.70 8.75
N SER B 172 -2.50 11.39 8.55
CA SER B 172 -2.33 10.82 7.23
C SER B 172 -3.37 11.37 6.24
N TYR B 173 -4.64 11.41 6.64
CA TYR B 173 -5.67 11.90 5.73
C TYR B 173 -5.50 13.38 5.41
N MSE B 174 -5.12 14.18 6.41
CA MSE B 174 -4.84 15.59 6.20
C MSE B 174 -3.79 15.75 5.12
O MSE B 174 -3.93 16.60 4.26
CB MSE B 174 -4.33 16.21 7.48
CG MSE B 174 -3.89 17.67 7.32
SE MSE B 174 -3.02 18.27 8.91
CE MSE B 174 -4.60 18.41 10.06
N ALA B 175 -2.73 14.94 5.17
CA ALA B 175 -1.68 14.98 4.15
C ALA B 175 -2.25 14.71 2.78
N ARG B 176 -3.27 13.84 2.68
CA ARG B 176 -3.91 13.54 1.39
C ARG B 176 -4.77 14.69 0.91
N ILE B 177 -4.96 15.67 1.78
CA ILE B 177 -5.73 16.86 1.43
C ILE B 177 -4.82 18.04 1.07
N VAL B 178 -3.91 18.40 1.98
CA VAL B 178 -3.06 19.58 1.83
C VAL B 178 -1.60 19.32 1.48
N GLY B 179 -1.20 18.05 1.47
CA GLY B 179 0.17 17.70 1.18
C GLY B 179 1.01 17.59 2.45
N GLN B 180 2.15 16.91 2.34
CA GLN B 180 3.00 16.64 3.51
C GLN B 180 3.65 17.83 4.22
N LYS B 181 4.10 18.84 3.46
CA LYS B 181 4.71 20.01 4.08
C LYS B 181 3.71 20.78 4.90
N LYS B 182 2.56 21.04 4.29
CA LYS B 182 1.50 21.76 5.00
C LYS B 182 0.92 20.98 6.17
N ALA B 183 0.83 19.66 6.07
CA ALA B 183 0.29 18.87 7.18
C ALA B 183 1.26 18.91 8.38
N ARG B 184 2.55 18.78 8.13
CA ARG B 184 3.54 18.84 9.22
C ARG B 184 3.50 20.22 9.86
N GLU B 185 3.32 21.25 9.05
CA GLU B 185 3.22 22.60 9.59
C GLU B 185 2.01 22.74 10.51
N ILE B 186 0.85 22.31 10.03
CA ILE B 186 -0.40 22.38 10.79
C ILE B 186 -0.29 21.73 12.14
N TRP B 187 0.29 20.53 12.16
CA TRP B 187 0.41 19.73 13.38
C TRP B 187 1.54 20.17 14.30
N PHE B 188 2.70 20.46 13.75
CA PHE B 188 3.87 20.84 14.57
C PHE B 188 3.76 22.23 15.25
N LEU B 189 3.17 23.21 14.57
CA LEU B 189 3.09 24.56 15.14
C LEU B 189 1.76 24.90 15.80
N CYS B 190 0.70 24.20 15.40
CA CYS B 190 -0.64 24.43 15.94
C CYS B 190 -1.14 25.87 15.78
N ARG B 191 -0.88 26.50 14.65
CA ARG B 191 -1.41 27.85 14.42
C ARG B 191 -2.88 27.78 14.05
N GLN B 192 -3.49 28.94 13.95
CA GLN B 192 -4.86 29.04 13.49
C GLN B 192 -4.75 29.61 12.09
N TYR B 193 -5.62 29.14 11.21
CA TYR B 193 -5.68 29.55 9.82
C TYR B 193 -7.07 30.10 9.53
N ASP B 194 -7.15 31.22 8.81
CA ASP B 194 -8.45 31.79 8.47
C ASP B 194 -9.04 31.14 7.22
N ALA B 195 -10.23 31.56 6.83
CA ALA B 195 -10.95 30.91 5.72
C ALA B 195 -10.22 30.98 4.41
N GLN B 196 -9.57 32.10 4.11
CA GLN B 196 -8.86 32.24 2.84
C GLN B 196 -7.63 31.29 2.80
N GLN B 197 -6.90 31.23 3.90
CA GLN B 197 -5.75 30.33 4.00
C GLN B 197 -6.18 28.88 3.83
N ALA B 198 -7.28 28.51 4.45
CA ALA B 198 -7.79 27.14 4.34
C ALA B 198 -8.12 26.82 2.88
N LEU B 199 -8.70 27.79 2.17
CA LEU B 199 -9.08 27.63 0.78
C LEU B 199 -7.87 27.53 -0.12
N ASP B 200 -6.89 28.40 0.13
CA ASP B 200 -5.67 28.38 -0.65
C ASP B 200 -4.89 27.05 -0.54
N MSE B 201 -5.00 26.37 0.61
CA MSE B 201 -4.31 25.06 0.79
C MSE B 201 -5.08 23.89 0.26
O MSE B 201 -4.54 22.79 0.22
CB MSE B 201 -4.20 24.68 2.25
CG MSE B 201 -3.49 25.55 3.14
SE MSE B 201 -3.68 24.53 4.80
CE MSE B 201 -3.27 26.02 5.99
N GLY B 202 -6.35 24.09 -0.05
CA GLY B 202 -7.20 23.00 -0.51
C GLY B 202 -7.84 22.27 0.67
N LEU B 203 -7.77 22.88 1.85
CA LEU B 203 -8.34 22.34 3.09
C LEU B 203 -9.88 22.38 3.12
N VAL B 204 -10.47 23.42 2.49
CA VAL B 204 -11.92 23.54 2.37
C VAL B 204 -12.27 23.68 0.89
N ASN B 205 -13.52 23.37 0.56
CA ASN B 205 -13.97 23.43 -0.83
C ASN B 205 -14.35 24.81 -1.34
N THR B 206 -14.98 25.60 -0.50
CA THR B 206 -15.34 26.96 -0.86
C THR B 206 -15.53 27.84 0.39
N VAL B 207 -15.48 29.16 0.18
CA VAL B 207 -15.66 30.12 1.24
C VAL B 207 -16.74 31.10 0.78
N VAL B 208 -17.77 31.27 1.61
CA VAL B 208 -18.85 32.16 1.29
C VAL B 208 -19.17 33.03 2.48
N PRO B 209 -19.86 34.16 2.25
CA PRO B 209 -20.22 34.97 3.37
C PRO B 209 -21.06 34.19 4.39
N LEU B 210 -20.92 34.57 5.65
CA LEU B 210 -21.62 33.94 6.75
C LEU B 210 -23.13 33.86 6.51
N ALA B 211 -23.72 34.96 6.04
CA ALA B 211 -25.18 34.98 5.78
C ALA B 211 -25.61 33.99 4.69
N ASP B 212 -24.69 33.61 3.81
CA ASP B 212 -25.00 32.64 2.74
C ASP B 212 -24.56 31.21 3.04
N LEU B 213 -23.96 30.98 4.19
CA LEU B 213 -23.44 29.66 4.52
C LEU B 213 -24.46 28.54 4.31
N GLU B 214 -25.66 28.69 4.87
CA GLU B 214 -26.65 27.62 4.72
C GLU B 214 -27.19 27.46 3.31
N LYS B 215 -27.53 28.56 2.64
CA LYS B 215 -28.07 28.44 1.29
C LYS B 215 -27.03 27.89 0.33
N GLU B 216 -25.76 28.22 0.53
CA GLU B 216 -24.70 27.68 -0.32
C GLU B 216 -24.55 26.19 -0.05
N THR B 217 -24.49 25.82 1.23
CA THR B 217 -24.34 24.41 1.61
C THR B 217 -25.49 23.57 1.05
N VAL B 218 -26.71 24.09 1.18
CA VAL B 218 -27.91 23.44 0.65
C VAL B 218 -27.85 23.31 -0.87
N ARG B 219 -27.37 24.35 -1.54
CA ARG B 219 -27.19 24.26 -2.97
C ARG B 219 -26.24 23.10 -3.36
N TRP B 220 -25.10 23.02 -2.71
CA TRP B 220 -24.14 21.95 -3.00
C TRP B 220 -24.80 20.58 -2.75
N CYS B 221 -25.54 20.47 -1.65
CA CYS B 221 -26.26 19.22 -1.34
C CYS B 221 -27.25 18.86 -2.44
N ARG B 222 -28.01 19.85 -2.89
CA ARG B 222 -29.00 19.62 -3.94
C ARG B 222 -28.34 19.21 -5.25
N GLU B 223 -27.14 19.70 -5.52
CA GLU B 223 -26.47 19.27 -6.75
C GLU B 223 -26.10 17.80 -6.63
N MSE B 224 -25.77 17.37 -5.41
CA MSE B 224 -25.45 15.97 -5.22
C MSE B 224 -26.72 15.13 -5.26
O MSE B 224 -26.73 14.05 -5.84
CB MSE B 224 -24.69 15.75 -3.93
CG MSE B 224 -23.30 16.27 -4.02
SE MSE B 224 -22.23 15.86 -2.45
CE MSE B 224 -23.07 17.03 -1.16
N LEU B 225 -27.79 15.66 -4.67
CA LEU B 225 -29.05 14.94 -4.63
C LEU B 225 -29.63 14.70 -6.03
N GLN B 226 -29.16 15.45 -7.02
CA GLN B 226 -29.65 15.25 -8.38
C GLN B 226 -28.88 14.15 -9.10
N ASN B 227 -27.79 13.69 -8.50
CA ASN B 227 -26.94 12.68 -9.13
C ASN B 227 -27.28 11.27 -8.65
N SER B 228 -26.76 10.26 -9.35
CA SER B 228 -27.01 8.86 -8.97
C SER B 228 -26.48 8.54 -7.58
N PRO B 229 -27.35 8.11 -6.66
CA PRO B 229 -26.82 7.79 -5.36
C PRO B 229 -25.88 6.60 -5.42
N MSE B 230 -26.17 5.64 -6.30
CA MSE B 230 -25.28 4.48 -6.43
C MSE B 230 -23.90 4.91 -6.92
O MSE B 230 -22.88 4.39 -6.44
CB MSE B 230 -25.85 3.44 -7.36
CG MSE B 230 -25.02 2.17 -7.41
SE MSE B 230 -25.01 1.15 -5.71
CE MSE B 230 -26.91 0.88 -5.53
N ALA B 231 -23.84 5.84 -7.87
CA ALA B 231 -22.54 6.32 -8.38
C ALA B 231 -21.77 7.03 -7.26
N LEU B 232 -22.46 7.85 -6.48
CA LEU B 232 -21.79 8.59 -5.42
C LEU B 232 -21.20 7.65 -4.37
N ARG B 233 -21.96 6.62 -3.97
CA ARG B 233 -21.47 5.69 -2.98
C ARG B 233 -20.26 4.91 -3.52
N CYS B 234 -20.32 4.49 -4.78
CA CYS B 234 -19.19 3.79 -5.36
C CYS B 234 -17.95 4.66 -5.42
N LEU B 235 -18.12 5.93 -5.79
CA LEU B 235 -17.00 6.86 -5.89
C LEU B 235 -16.45 7.22 -4.52
N LYS B 236 -17.31 7.33 -3.50
CA LYS B 236 -16.80 7.62 -2.17
C LYS B 236 -15.95 6.44 -1.71
N ALA B 237 -16.42 5.22 -1.96
CA ALA B 237 -15.62 4.02 -1.56
C ALA B 237 -14.32 3.97 -2.34
N ALA B 238 -14.37 4.34 -3.61
CA ALA B 238 -13.17 4.33 -4.45
C ALA B 238 -12.13 5.33 -3.95
N LEU B 239 -12.59 6.52 -3.58
CA LEU B 239 -11.68 7.52 -3.01
C LEU B 239 -11.15 7.08 -1.62
N ASN B 240 -11.98 6.46 -0.79
CA ASN B 240 -11.50 5.97 0.50
C ASN B 240 -10.47 4.86 0.28
N ALA B 241 -10.68 4.08 -0.77
CA ALA B 241 -9.86 2.94 -1.09
C ALA B 241 -8.40 3.32 -1.42
N ASP B 242 -8.18 4.55 -1.84
CA ASP B 242 -6.84 5.01 -2.12
C ASP B 242 -6.10 5.24 -0.81
N CYS B 243 -6.83 5.24 0.31
CA CYS B 243 -6.25 5.53 1.59
C CYS B 243 -6.29 4.37 2.60
N ASP B 244 -7.43 3.68 2.65
CA ASP B 244 -7.72 2.69 3.70
C ASP B 244 -7.42 1.22 3.45
N GLY B 245 -6.48 0.92 2.56
CA GLY B 245 -6.09 -0.48 2.29
C GLY B 245 -7.25 -1.48 2.15
N GLN B 246 -7.18 -2.61 2.85
CA GLN B 246 -8.24 -3.64 2.76
C GLN B 246 -9.57 -3.14 3.28
N ALA B 247 -9.53 -2.22 4.25
CA ALA B 247 -10.76 -1.63 4.76
C ALA B 247 -11.49 -0.89 3.63
N GLY B 248 -10.74 -0.22 2.77
CA GLY B 248 -11.34 0.48 1.63
C GLY B 248 -11.76 -0.51 0.57
N LEU B 249 -11.00 -1.60 0.44
CA LEU B 249 -11.40 -2.63 -0.51
C LEU B 249 -12.72 -3.24 -0.07
N GLN B 250 -12.91 -3.40 1.24
CA GLN B 250 -14.15 -3.97 1.76
C GLN B 250 -15.33 -3.13 1.30
N GLU B 251 -15.20 -1.81 1.42
CA GLU B 251 -16.29 -0.92 0.99
C GLU B 251 -16.56 -1.02 -0.51
N LEU B 252 -15.50 -0.96 -1.30
CA LEU B 252 -15.62 -0.99 -2.76
C LEU B 252 -16.21 -2.30 -3.25
N ALA B 253 -15.63 -3.42 -2.81
CA ALA B 253 -16.12 -4.76 -3.18
C ALA B 253 -17.56 -4.94 -2.71
N GLY B 254 -17.87 -4.42 -1.54
CA GLY B 254 -19.22 -4.48 -0.99
C GLY B 254 -20.22 -3.78 -1.89
N ASN B 255 -19.79 -2.69 -2.49
CA ASN B 255 -20.67 -1.99 -3.44
C ASN B 255 -20.76 -2.83 -4.71
N ALA B 256 -19.67 -3.51 -5.05
CA ALA B 256 -19.69 -4.38 -6.23
C ALA B 256 -20.67 -5.53 -6.01
N THR B 257 -20.68 -6.07 -4.79
CA THR B 257 -21.56 -7.18 -4.45
C THR B 257 -23.01 -6.72 -4.55
N MSE B 258 -23.27 -5.50 -4.10
CA MSE B 258 -24.61 -4.92 -4.15
C MSE B 258 -25.05 -4.64 -5.60
O MSE B 258 -26.21 -4.80 -5.95
CB MSE B 258 -24.65 -3.64 -3.33
CG MSE B 258 -25.94 -2.83 -3.50
SE MSE B 258 -25.97 -1.24 -2.37
CE MSE B 258 -25.91 -2.17 -0.64
N LEU B 259 -24.12 -4.18 -6.42
CA LEU B 259 -24.40 -3.93 -7.83
C LEU B 259 -24.70 -5.26 -8.53
N PHE B 260 -23.95 -6.28 -8.16
CA PHE B 260 -24.12 -7.59 -8.75
C PHE B 260 -25.51 -8.17 -8.45
N TYR B 261 -26.02 -8.00 -7.23
CA TYR B 261 -27.36 -8.52 -6.90
C TYR B 261 -28.47 -7.88 -7.73
N MSE B 262 -28.15 -6.77 -8.39
CA MSE B 262 -29.14 -6.08 -9.20
C MSE B 262 -28.97 -6.30 -10.70
O MSE B 262 -29.51 -5.56 -11.52
CB MSE B 262 -29.13 -4.60 -8.86
CG MSE B 262 -29.56 -4.31 -7.43
SE MSE B 262 -29.15 -2.47 -6.95
CE MSE B 262 -30.01 -2.38 -5.18
N THR B 263 -28.19 -7.32 -11.07
CA THR B 263 -28.00 -7.65 -12.48
C THR B 263 -28.62 -9.03 -12.72
N GLU B 264 -28.91 -9.35 -13.97
CA GLU B 264 -29.49 -10.66 -14.32
C GLU B 264 -28.62 -11.81 -13.82
N GLU B 265 -27.31 -11.72 -14.10
CA GLU B 265 -26.40 -12.76 -13.68
C GLU B 265 -26.34 -12.89 -12.16
N GLY B 266 -26.41 -11.75 -11.47
CA GLY B 266 -26.37 -11.73 -10.01
C GLY B 266 -27.71 -12.13 -9.41
N GLN B 267 -28.70 -12.39 -10.26
CA GLN B 267 -30.01 -12.83 -9.82
C GLN B 267 -30.30 -14.27 -10.24
N GLU B 268 -29.32 -14.93 -10.84
CA GLU B 268 -29.50 -16.33 -11.29
C GLU B 268 -29.62 -17.31 -10.11
N GLY B 269 -28.88 -17.06 -9.03
CA GLY B 269 -28.95 -17.93 -7.83
C GLY B 269 -30.33 -17.92 -7.20
N ARG B 270 -30.87 -16.72 -6.98
CA ARG B 270 -32.19 -16.55 -6.35
C ARG B 270 -33.29 -17.07 -7.29
N ASN B 271 -33.12 -16.83 -8.58
CA ASN B 271 -34.07 -17.30 -9.59
C ASN B 271 -34.04 -18.82 -9.75
N ALA B 272 -32.84 -19.39 -9.66
CA ALA B 272 -32.69 -20.85 -9.77
C ALA B 272 -33.42 -21.51 -8.61
N PHE B 273 -33.23 -20.98 -7.41
CA PHE B 273 -33.90 -21.53 -6.23
C PHE B 273 -35.43 -21.44 -6.32
N ASN B 274 -35.94 -20.25 -6.63
CA ASN B 274 -37.40 -20.05 -6.76
C ASN B 274 -37.98 -20.95 -7.84
N GLN B 275 -37.19 -21.25 -8.86
CA GLN B 275 -37.61 -22.06 -9.99
C GLN B 275 -37.18 -23.50 -9.81
N LYS B 276 -36.86 -23.81 -8.58
CA LYS B 276 -36.55 -25.18 -8.21
C LYS B 276 -35.60 -25.82 -9.21
N ARG B 277 -34.45 -25.20 -9.43
CA ARG B 277 -33.48 -25.71 -10.39
C ARG B 277 -32.07 -25.24 -10.06
N GLN B 278 -31.08 -25.88 -10.67
CA GLN B 278 -29.67 -25.52 -10.44
C GLN B 278 -29.29 -24.23 -11.18
N PRO B 279 -28.42 -23.42 -10.56
CA PRO B 279 -27.95 -22.22 -11.24
C PRO B 279 -27.24 -22.60 -12.53
N ASP B 280 -27.46 -21.83 -13.59
CA ASP B 280 -26.81 -22.10 -14.86
C ASP B 280 -26.21 -20.81 -15.38
N PHE B 281 -24.90 -20.67 -15.23
CA PHE B 281 -24.22 -19.45 -15.69
C PHE B 281 -23.71 -19.50 -17.12
N SER B 282 -23.88 -20.64 -17.80
CA SER B 282 -23.46 -20.78 -19.20
C SER B 282 -24.30 -19.86 -20.07
N LYS B 283 -25.46 -19.49 -19.54
CA LYS B 283 -26.39 -18.58 -20.20
C LYS B 283 -25.76 -17.22 -20.48
N PHE B 284 -24.88 -16.78 -19.59
CA PHE B 284 -24.29 -15.44 -19.66
C PHE B 284 -22.99 -15.31 -20.44
N LYS B 285 -22.80 -14.13 -21.00
CA LYS B 285 -21.62 -13.81 -21.80
C LYS B 285 -20.40 -13.56 -20.92
N ARG B 286 -19.22 -13.77 -21.50
CA ARG B 286 -17.96 -13.58 -20.80
C ARG B 286 -17.22 -12.46 -21.52
N ASN B 287 -17.57 -11.23 -21.19
CA ASN B 287 -16.88 -10.09 -21.73
C ASN B 287 -15.37 -10.02 -21.48
N PRO B 288 -14.69 -9.28 -22.34
CA PRO B 288 -13.26 -9.10 -22.21
C PRO B 288 -12.95 -8.07 -21.12
N ASP C 8 18.87 27.68 -27.42
CA ASP C 8 17.96 27.50 -26.24
C ASP C 8 16.53 27.92 -26.61
N GLU C 9 16.11 29.10 -26.16
CA GLU C 9 14.77 29.60 -26.44
C GLU C 9 14.40 29.57 -27.93
N THR C 10 15.29 30.06 -28.79
CA THR C 10 15.02 30.08 -30.21
C THR C 10 14.88 28.64 -30.69
N MSE C 11 15.74 27.77 -30.19
CA MSE C 11 15.68 26.36 -30.56
C MSE C 11 14.37 25.76 -30.04
O MSE C 11 13.71 25.00 -30.75
CB MSE C 11 16.89 25.58 -30.02
CG MSE C 11 18.26 26.12 -30.50
SE MSE C 11 18.44 26.32 -32.46
CE MSE C 11 18.01 24.49 -33.02
N LEU C 12 14.00 26.13 -28.83
CA LEU C 12 12.75 25.64 -28.19
C LEU C 12 11.52 26.09 -28.97
N TYR C 13 11.57 27.29 -29.53
CA TYR C 13 10.44 27.81 -30.30
C TYR C 13 10.61 27.73 -31.80
N ALA C 14 11.54 26.90 -32.27
CA ALA C 14 11.71 26.73 -33.71
C ALA C 14 10.41 26.11 -34.26
N PRO C 15 10.07 26.41 -35.51
CA PRO C 15 8.83 25.84 -36.03
C PRO C 15 8.84 24.31 -35.95
N VAL C 16 7.68 23.69 -36.05
CA VAL C 16 7.61 22.22 -36.03
C VAL C 16 7.02 21.69 -37.32
N GLU C 17 7.70 20.70 -37.90
CA GLU C 17 7.25 20.04 -39.13
C GLU C 17 6.66 18.68 -38.78
N TRP C 18 5.35 18.54 -38.93
CA TRP C 18 4.66 17.30 -38.65
C TRP C 18 4.60 16.36 -39.85
N HIS C 19 5.25 15.19 -39.74
CA HIS C 19 5.21 14.20 -40.79
C HIS C 19 4.01 13.27 -40.52
N ASP C 20 3.14 13.14 -41.51
CA ASP C 20 1.90 12.36 -41.36
C ASP C 20 2.11 10.85 -41.34
N CYS C 21 1.46 10.17 -40.41
CA CYS C 21 1.51 8.70 -40.27
C CYS C 21 0.10 8.19 -40.05
N SER C 22 -0.88 8.92 -40.54
CA SER C 22 -2.29 8.62 -40.33
C SER C 22 -2.92 7.58 -41.26
N GLU C 23 -2.19 7.16 -42.29
CA GLU C 23 -2.74 6.19 -43.22
C GLU C 23 -3.23 4.93 -42.50
N GLY C 24 -4.47 4.55 -42.78
CA GLY C 24 -5.05 3.36 -42.17
C GLY C 24 -5.94 3.65 -40.98
N TYR C 25 -5.76 4.81 -40.35
CA TYR C 25 -6.57 5.20 -39.19
C TYR C 25 -7.85 5.94 -39.63
N THR C 26 -8.94 5.75 -38.88
CA THR C 26 -10.21 6.39 -39.22
C THR C 26 -10.62 7.52 -38.28
N ASP C 27 -10.44 7.31 -36.98
CA ASP C 27 -10.87 8.30 -35.97
C ASP C 27 -9.79 9.20 -35.41
N ILE C 28 -8.54 8.96 -35.80
CA ILE C 28 -7.44 9.78 -35.29
C ILE C 28 -6.44 10.10 -36.38
N ARG C 29 -5.63 11.11 -36.11
CA ARG C 29 -4.52 11.48 -36.97
C ARG C 29 -3.32 11.08 -36.12
N TYR C 30 -2.23 10.66 -36.78
CA TYR C 30 -1.02 10.28 -36.10
C TYR C 30 0.14 10.90 -36.85
N GLU C 31 0.96 11.67 -36.13
CA GLU C 31 2.03 12.44 -36.73
C GLU C 31 3.30 12.45 -35.91
N LYS C 32 4.42 12.64 -36.59
CA LYS C 32 5.70 12.65 -35.93
C LYS C 32 6.60 13.75 -36.47
N SER C 33 7.40 14.34 -35.58
CA SER C 33 8.35 15.39 -35.96
C SER C 33 9.75 14.77 -36.04
N THR C 34 10.65 15.44 -36.75
CA THR C 34 12.01 14.96 -36.94
C THR C 34 12.78 14.86 -35.62
N ASP C 35 12.48 15.76 -34.68
CA ASP C 35 13.17 15.81 -33.40
C ASP C 35 12.62 14.91 -32.28
N GLY C 36 11.62 14.08 -32.56
CA GLY C 36 11.18 13.10 -31.57
C GLY C 36 9.82 13.17 -30.92
N ILE C 37 8.91 13.97 -31.48
CA ILE C 37 7.58 14.08 -30.91
C ILE C 37 6.56 13.34 -31.76
N ALA C 38 5.75 12.52 -31.11
CA ALA C 38 4.66 11.81 -31.79
C ALA C 38 3.41 12.45 -31.25
N LYS C 39 2.47 12.76 -32.14
CA LYS C 39 1.23 13.37 -31.73
C LYS C 39 0.08 12.50 -32.20
N ILE C 40 -0.80 12.17 -31.25
CA ILE C 40 -1.98 11.41 -31.51
C ILE C 40 -3.13 12.40 -31.33
N THR C 41 -3.92 12.59 -32.38
CA THR C 41 -5.02 13.54 -32.34
C THR C 41 -6.37 12.90 -32.56
N ILE C 42 -7.26 13.04 -31.59
CA ILE C 42 -8.61 12.52 -31.75
C ILE C 42 -9.25 13.43 -32.79
N ASN C 43 -9.69 12.83 -33.89
CA ASN C 43 -10.25 13.60 -34.98
C ASN C 43 -11.73 13.36 -35.21
N ARG C 44 -12.55 13.75 -34.26
CA ARG C 44 -13.99 13.60 -34.39
C ARG C 44 -14.65 14.86 -33.81
N PRO C 45 -14.24 16.03 -34.34
CA PRO C 45 -14.72 17.29 -33.80
C PRO C 45 -16.24 17.48 -33.91
N GLN C 46 -16.90 16.78 -34.83
CA GLN C 46 -18.35 16.86 -34.91
C GLN C 46 -19.01 16.43 -33.60
N VAL C 47 -18.26 15.71 -32.77
CA VAL C 47 -18.77 15.24 -31.49
C VAL C 47 -17.84 15.62 -30.35
N ARG C 48 -17.29 16.82 -30.41
CA ARG C 48 -16.36 17.29 -29.39
C ARG C 48 -15.29 16.24 -29.07
N ASN C 49 -14.92 15.47 -30.09
CA ASN C 49 -13.90 14.46 -29.98
C ASN C 49 -14.11 13.38 -28.91
N ALA C 50 -15.37 13.01 -28.67
CA ALA C 50 -15.65 11.93 -27.75
C ALA C 50 -15.09 10.72 -28.47
N PHE C 51 -14.74 9.68 -27.73
CA PHE C 51 -14.20 8.48 -28.37
C PHE C 51 -15.23 7.37 -28.39
N ARG C 52 -15.03 6.44 -29.31
CA ARG C 52 -15.88 5.28 -29.42
C ARG C 52 -14.85 4.16 -29.39
N PRO C 53 -15.29 2.91 -29.27
CA PRO C 53 -14.38 1.76 -29.20
C PRO C 53 -13.28 1.74 -30.28
N LEU C 54 -13.64 2.01 -31.54
CA LEU C 54 -12.66 2.05 -32.63
C LEU C 54 -11.58 3.09 -32.37
N THR C 55 -11.99 4.25 -31.85
CA THR C 55 -11.06 5.32 -31.56
C THR C 55 -10.04 4.86 -30.53
N VAL C 56 -10.50 4.11 -29.55
CA VAL C 56 -9.62 3.63 -28.49
C VAL C 56 -8.66 2.62 -29.09
N LYS C 57 -9.20 1.68 -29.87
N LYS C 57 -9.20 1.69 -29.88
CA LYS C 57 -8.38 0.67 -30.54
CA LYS C 57 -8.37 0.69 -30.53
C LYS C 57 -7.27 1.35 -31.34
C LYS C 57 -7.27 1.35 -31.34
N GLU C 58 -7.61 2.41 -32.06
CA GLU C 58 -6.63 3.13 -32.87
C GLU C 58 -5.56 3.82 -32.05
N MSE C 59 -5.97 4.44 -30.95
CA MSE C 59 -5.02 5.15 -30.07
C MSE C 59 -4.02 4.19 -29.43
O MSE C 59 -2.84 4.53 -29.21
CB MSE C 59 -5.77 5.95 -29.00
CG MSE C 59 -6.47 7.16 -29.56
SE MSE C 59 -7.33 8.29 -28.23
CE MSE C 59 -8.62 7.02 -27.51
N ILE C 60 -4.48 2.98 -29.12
CA ILE C 60 -3.63 1.95 -28.54
C ILE C 60 -2.58 1.56 -29.56
N GLN C 61 -3.03 1.37 -30.81
CA GLN C 61 -2.12 1.03 -31.88
C GLN C 61 -1.10 2.15 -32.06
N ALA C 62 -1.57 3.39 -32.14
CA ALA C 62 -0.67 4.51 -32.35
C ALA C 62 0.33 4.69 -31.20
N LEU C 63 -0.13 4.52 -29.96
CA LEU C 63 0.73 4.70 -28.82
C LEU C 63 1.76 3.58 -28.78
N ALA C 64 1.36 2.36 -29.16
CA ALA C 64 2.29 1.25 -29.20
C ALA C 64 3.39 1.54 -30.22
N ASP C 65 2.98 2.14 -31.34
CA ASP C 65 3.91 2.50 -32.41
C ASP C 65 4.94 3.48 -31.87
N ALA C 66 4.46 4.52 -31.20
CA ALA C 66 5.34 5.54 -30.60
C ALA C 66 6.33 4.93 -29.62
N ARG C 67 5.81 4.04 -28.78
CA ARG C 67 6.63 3.37 -27.77
C ARG C 67 7.81 2.66 -28.39
N TYR C 68 7.55 1.96 -29.50
CA TYR C 68 8.57 1.20 -30.17
C TYR C 68 9.39 1.96 -31.19
N ASP C 69 9.05 3.21 -31.47
CA ASP C 69 9.83 4.02 -32.42
C ASP C 69 10.96 4.68 -31.63
N ASP C 70 12.20 4.21 -31.81
CA ASP C 70 13.35 4.74 -31.04
C ASP C 70 13.70 6.20 -31.30
N ASN C 71 13.11 6.78 -32.33
N ASN C 71 13.14 6.81 -32.33
CA ASN C 71 13.32 8.18 -32.66
CA ASN C 71 13.38 8.26 -32.56
C ASN C 71 12.27 9.06 -32.00
C ASN C 71 12.36 9.07 -31.77
N VAL C 72 11.26 8.44 -31.41
CA VAL C 72 10.22 9.16 -30.66
C VAL C 72 10.59 9.12 -29.17
N GLY C 73 10.63 10.30 -28.56
CA GLY C 73 10.94 10.42 -27.14
C GLY C 73 9.77 10.89 -26.28
N VAL C 74 8.84 11.61 -26.90
N VAL C 74 8.83 11.61 -26.89
CA VAL C 74 7.68 12.15 -26.19
CA VAL C 74 7.67 12.10 -26.17
C VAL C 74 6.43 12.05 -27.06
C VAL C 74 6.43 12.05 -27.04
N ILE C 75 5.29 11.72 -26.42
CA ILE C 75 4.02 11.62 -27.12
C ILE C 75 3.06 12.72 -26.66
N ILE C 76 2.36 13.34 -27.61
CA ILE C 76 1.35 14.32 -27.31
C ILE C 76 -0.02 13.72 -27.66
N LEU C 77 -0.97 13.92 -26.77
CA LEU C 77 -2.34 13.48 -26.97
C LEU C 77 -3.16 14.76 -27.07
N THR C 78 -4.01 14.87 -28.09
CA THR C 78 -4.83 16.06 -28.24
C THR C 78 -6.06 15.75 -29.05
N GLY C 79 -6.96 16.73 -29.14
CA GLY C 79 -8.17 16.59 -29.93
C GLY C 79 -8.15 17.56 -31.11
N GLU C 80 -8.77 17.16 -32.21
CA GLU C 80 -8.82 18.00 -33.41
C GLU C 80 -9.59 19.29 -33.14
N GLY C 81 -9.06 20.40 -33.62
CA GLY C 81 -9.73 21.68 -33.46
C GLY C 81 -9.37 22.33 -32.16
N ASP C 82 -10.10 23.38 -31.83
CA ASP C 82 -9.83 24.15 -30.61
C ASP C 82 -10.97 24.09 -29.62
N LYS C 83 -12.07 23.43 -29.97
CA LYS C 83 -13.24 23.40 -29.08
C LYS C 83 -13.28 22.20 -28.16
N ALA C 84 -12.52 21.16 -28.47
CA ALA C 84 -12.53 20.00 -27.60
C ALA C 84 -11.30 19.11 -27.69
N PHE C 85 -10.88 18.67 -26.52
CA PHE C 85 -9.80 17.71 -26.39
C PHE C 85 -10.49 16.36 -26.52
N CYS C 86 -11.51 16.15 -25.69
CA CYS C 86 -12.29 14.92 -25.65
C CYS C 86 -13.44 15.11 -24.67
N ALA C 87 -14.67 15.05 -25.18
CA ALA C 87 -15.86 15.27 -24.38
C ALA C 87 -16.41 14.01 -23.72
N GLY C 88 -15.77 12.86 -23.96
CA GLY C 88 -16.20 11.62 -23.33
C GLY C 88 -16.15 10.36 -24.17
N GLY C 89 -16.74 9.30 -23.64
CA GLY C 89 -16.80 8.01 -24.32
C GLY C 89 -18.18 7.76 -24.90
N LEU C 109 -15.61 -0.96 -23.03
CA LEU C 109 -14.81 0.01 -22.31
C LEU C 109 -13.32 -0.36 -22.37
N ASN C 110 -12.83 -0.51 -23.60
N ASN C 110 -12.82 -0.50 -23.59
CA ASN C 110 -11.43 -0.82 -23.86
CA ASN C 110 -11.42 -0.85 -23.84
C ASN C 110 -10.55 0.35 -23.45
C ASN C 110 -10.53 0.34 -23.44
N VAL C 111 -11.17 1.46 -23.09
CA VAL C 111 -10.45 2.65 -22.67
C VAL C 111 -9.59 2.33 -21.41
N LEU C 112 -10.02 1.36 -20.60
CA LEU C 112 -9.23 0.92 -19.46
C LEU C 112 -7.87 0.40 -19.91
N ASP C 113 -7.83 -0.26 -21.07
CA ASP C 113 -6.55 -0.74 -21.62
C ASP C 113 -5.66 0.46 -21.96
N PHE C 114 -6.27 1.42 -22.63
CA PHE C 114 -5.56 2.61 -23.04
C PHE C 114 -5.02 3.36 -21.82
N GLN C 115 -5.82 3.49 -20.76
CA GLN C 115 -5.33 4.17 -19.55
C GLN C 115 -4.04 3.45 -19.06
N ARG C 116 -4.07 2.13 -18.97
CA ARG C 116 -2.89 1.38 -18.54
C ARG C 116 -1.68 1.61 -19.45
N GLN C 117 -1.96 1.65 -20.76
CA GLN C 117 -0.94 1.82 -21.76
C GLN C 117 -0.27 3.19 -21.61
N ILE C 118 -1.04 4.23 -21.32
CA ILE C 118 -0.45 5.55 -21.11
C ILE C 118 0.45 5.51 -19.88
N ARG C 119 -0.07 4.89 -18.83
CA ARG C 119 0.62 4.74 -17.55
C ARG C 119 1.96 4.04 -17.65
N THR C 120 1.98 2.91 -18.34
CA THR C 120 3.18 2.09 -18.44
C THR C 120 4.14 2.49 -19.57
N CYS C 121 3.76 3.47 -20.39
CA CYS C 121 4.63 3.94 -21.49
C CYS C 121 5.93 4.54 -20.91
N PRO C 122 7.10 4.04 -21.36
CA PRO C 122 8.35 4.55 -20.76
C PRO C 122 8.77 5.94 -21.25
N LYS C 123 7.91 6.57 -22.03
CA LYS C 123 8.17 7.89 -22.57
C LYS C 123 7.05 8.77 -22.07
N PRO C 124 7.36 10.05 -21.81
CA PRO C 124 6.34 10.97 -21.32
C PRO C 124 5.23 11.20 -22.32
N VAL C 125 4.02 11.30 -21.79
CA VAL C 125 2.83 11.57 -22.59
C VAL C 125 2.30 12.90 -22.04
N VAL C 126 2.11 13.86 -22.94
CA VAL C 126 1.63 15.18 -22.58
C VAL C 126 0.25 15.42 -23.16
N ALA C 127 -0.71 15.81 -22.32
CA ALA C 127 -2.04 16.13 -22.81
C ALA C 127 -2.06 17.61 -23.23
N MSE C 128 -2.46 17.85 -24.47
CA MSE C 128 -2.56 19.20 -25.01
C MSE C 128 -4.04 19.51 -25.13
O MSE C 128 -4.70 19.07 -26.07
CB MSE C 128 -1.87 19.27 -26.36
CG MSE C 128 -1.82 20.68 -26.91
SE MSE C 128 -0.71 20.82 -28.49
CE MSE C 128 -1.83 19.93 -29.82
N VAL C 129 -4.54 20.28 -24.18
CA VAL C 129 -5.96 20.51 -24.05
C VAL C 129 -6.46 21.88 -24.41
N ALA C 130 -7.28 21.92 -25.46
CA ALA C 130 -7.98 23.12 -25.85
C ALA C 130 -9.46 22.75 -25.67
N GLY C 131 -10.24 23.63 -25.07
CA GLY C 131 -11.65 23.37 -24.91
C GLY C 131 -11.96 22.23 -23.94
N TYR C 132 -13.02 21.50 -24.24
CA TYR C 132 -13.55 20.45 -23.35
C TYR C 132 -12.74 19.19 -23.16
N SER C 133 -12.48 18.88 -21.88
CA SER C 133 -11.87 17.63 -21.42
C SER C 133 -12.83 17.15 -20.35
N ILE C 134 -13.80 16.32 -20.74
CA ILE C 134 -14.86 15.90 -19.86
C ILE C 134 -15.13 14.41 -19.87
N GLY C 135 -15.62 13.93 -18.72
CA GLY C 135 -15.94 12.52 -18.53
C GLY C 135 -14.74 11.65 -18.72
N GLY C 136 -14.86 10.64 -19.58
CA GLY C 136 -13.70 9.76 -19.88
C GLY C 136 -12.56 10.57 -20.46
N GLY C 137 -12.93 11.69 -21.12
CA GLY C 137 -11.97 12.58 -21.74
C GLY C 137 -11.17 13.30 -20.69
N HIS C 138 -11.79 13.56 -19.55
CA HIS C 138 -11.09 14.19 -18.45
C HIS C 138 -10.12 13.21 -17.78
N VAL C 139 -10.53 11.96 -17.64
CA VAL C 139 -9.63 10.97 -17.07
C VAL C 139 -8.44 10.78 -18.00
N LEU C 140 -8.67 10.85 -19.32
CA LEU C 140 -7.57 10.70 -20.27
C LEU C 140 -6.48 11.74 -20.06
N HIS C 141 -6.84 13.01 -19.85
CA HIS C 141 -5.80 14.03 -19.66
C HIS C 141 -5.08 13.78 -18.35
N MSE C 142 -5.82 13.40 -17.32
CA MSE C 142 -5.19 13.11 -16.04
C MSE C 142 -4.12 12.01 -16.10
O MSE C 142 -3.07 12.12 -15.47
CB MSE C 142 -6.23 12.79 -14.98
CG MSE C 142 -7.00 14.01 -14.56
SE MSE C 142 -8.09 13.64 -12.98
CE MSE C 142 -9.19 12.16 -13.64
N MSE C 143 -4.41 10.94 -16.85
CA MSE C 143 -3.48 9.84 -17.00
C MSE C 143 -2.18 10.32 -17.65
O MSE C 143 -1.13 9.74 -17.42
CB MSE C 143 -4.06 8.74 -17.90
CG MSE C 143 -5.30 8.07 -17.40
SE MSE C 143 -5.05 7.24 -15.68
CE MSE C 143 -3.40 6.20 -16.05
N CYS C 144 -2.25 11.33 -18.49
CA CYS C 144 -1.04 11.82 -19.12
C CYS C 144 -0.14 12.38 -18.02
N ASP C 145 1.16 12.26 -18.24
CA ASP C 145 2.12 12.74 -17.27
C ASP C 145 1.96 14.23 -17.00
N LEU C 146 1.74 15.00 -18.06
CA LEU C 146 1.58 16.43 -17.96
C LEU C 146 0.38 16.86 -18.80
N THR C 147 -0.15 18.03 -18.46
CA THR C 147 -1.24 18.64 -19.17
C THR C 147 -0.92 20.13 -19.38
N ILE C 148 -0.90 20.54 -20.65
CA ILE C 148 -0.71 21.91 -21.05
C ILE C 148 -2.11 22.32 -21.52
N ALA C 149 -2.69 23.33 -20.85
CA ALA C 149 -4.03 23.80 -21.15
C ALA C 149 -4.09 25.15 -21.83
N ALA C 150 -5.05 25.31 -22.73
CA ALA C 150 -5.31 26.58 -23.37
C ALA C 150 -6.27 27.34 -22.46
N GLU C 151 -6.35 28.66 -22.63
CA GLU C 151 -7.25 29.47 -21.81
C GLU C 151 -8.73 29.11 -21.93
N ASN C 152 -9.11 28.46 -23.03
CA ASN C 152 -10.50 28.07 -23.24
C ASN C 152 -10.79 26.67 -22.74
N ALA C 153 -9.83 26.06 -22.04
CA ALA C 153 -9.99 24.69 -21.57
C ALA C 153 -11.03 24.58 -20.44
N ILE C 154 -11.85 23.54 -20.51
CA ILE C 154 -12.87 23.28 -19.51
C ILE C 154 -12.75 21.81 -19.08
N PHE C 155 -12.78 21.58 -17.76
CA PHE C 155 -12.59 20.25 -17.16
C PHE C 155 -13.72 19.82 -16.24
N GLY C 156 -13.90 18.51 -16.10
CA GLY C 156 -14.95 18.00 -15.22
C GLY C 156 -15.31 16.58 -15.49
N GLN C 157 -16.00 15.95 -14.53
CA GLN C 157 -16.46 14.59 -14.68
C GLN C 157 -17.96 14.66 -14.84
N THR C 158 -18.57 13.60 -15.37
CA THR C 158 -20.03 13.57 -15.55
C THR C 158 -20.67 12.28 -15.06
N GLY C 159 -19.86 11.29 -14.71
CA GLY C 159 -20.36 10.00 -14.29
C GLY C 159 -21.68 10.03 -13.51
N PRO C 160 -21.65 10.56 -12.28
CA PRO C 160 -22.84 10.61 -11.43
C PRO C 160 -24.09 11.32 -12.00
N LYS C 161 -23.91 12.26 -12.94
CA LYS C 161 -25.05 12.92 -13.55
C LYS C 161 -25.69 12.02 -14.59
N VAL C 162 -24.91 11.13 -15.17
CA VAL C 162 -25.44 10.28 -16.22
C VAL C 162 -25.38 8.81 -15.87
N GLY C 163 -25.38 8.52 -14.58
CA GLY C 163 -25.37 7.14 -14.09
C GLY C 163 -24.13 6.33 -14.42
N SER C 164 -22.97 6.86 -14.09
CA SER C 164 -21.73 6.13 -14.36
C SER C 164 -20.65 6.64 -13.42
N PHE C 165 -19.45 6.08 -13.53
CA PHE C 165 -18.32 6.53 -12.72
C PHE C 165 -17.02 5.81 -13.10
N ASP C 166 -15.90 6.47 -12.83
CA ASP C 166 -14.60 5.86 -13.02
C ASP C 166 -13.96 5.86 -11.63
N GLY C 167 -14.08 4.74 -10.93
CA GLY C 167 -13.54 4.63 -9.59
C GLY C 167 -12.13 4.11 -9.54
N GLY C 168 -11.46 4.00 -10.69
CA GLY C 168 -10.08 3.51 -10.77
C GLY C 168 -9.12 4.67 -10.63
N TRP C 169 -8.28 4.84 -11.65
CA TRP C 169 -7.36 5.97 -11.67
C TRP C 169 -8.17 7.26 -11.74
N GLY C 170 -9.36 7.21 -12.33
CA GLY C 170 -10.20 8.40 -12.38
C GLY C 170 -10.49 8.97 -11.00
N ALA C 171 -10.41 8.13 -9.97
CA ALA C 171 -10.69 8.60 -8.60
C ALA C 171 -9.42 8.75 -7.77
N SER C 172 -8.80 7.62 -7.45
CA SER C 172 -7.61 7.62 -6.64
C SER C 172 -6.49 8.49 -7.22
N TYR C 173 -6.25 8.42 -8.53
CA TYR C 173 -5.12 9.17 -9.10
C TYR C 173 -5.41 10.66 -9.11
N MSE C 174 -6.66 11.02 -9.35
CA MSE C 174 -7.07 12.40 -9.27
C MSE C 174 -6.77 12.92 -7.88
O MSE C 174 -6.29 14.04 -7.73
CB MSE C 174 -8.58 12.49 -9.53
CG MSE C 174 -9.14 13.88 -9.34
SE MSE C 174 -11.09 13.93 -9.34
CE MSE C 174 -11.39 13.51 -11.26
N ALA C 175 -7.10 12.13 -6.86
CA ALA C 175 -6.85 12.55 -5.48
C ALA C 175 -5.34 12.81 -5.25
N ARG C 176 -4.49 12.04 -5.94
CA ARG C 176 -3.04 12.25 -5.86
C ARG C 176 -2.61 13.50 -6.64
N ILE C 177 -3.51 14.10 -7.42
CA ILE C 177 -3.17 15.30 -8.16
C ILE C 177 -3.67 16.54 -7.42
N VAL C 178 -4.99 16.55 -7.14
CA VAL C 178 -5.67 17.68 -6.49
C VAL C 178 -6.05 17.52 -5.00
N GLY C 179 -5.86 16.34 -4.41
CA GLY C 179 -6.20 16.14 -3.00
C GLY C 179 -7.62 15.60 -2.83
N GLN C 180 -7.87 14.99 -1.68
CA GLN C 180 -9.15 14.33 -1.40
C GLN C 180 -10.38 15.24 -1.34
N LYS C 181 -10.25 16.46 -0.81
CA LYS C 181 -11.42 17.34 -0.77
C LYS C 181 -11.88 17.70 -2.17
N LYS C 182 -10.94 18.19 -2.98
CA LYS C 182 -11.25 18.58 -4.34
C LYS C 182 -11.67 17.43 -5.20
N ALA C 183 -11.03 16.27 -5.04
CA ALA C 183 -11.42 15.11 -5.82
C ALA C 183 -12.87 14.72 -5.51
N ARG C 184 -13.25 14.82 -4.24
CA ARG C 184 -14.61 14.45 -3.84
C ARG C 184 -15.61 15.46 -4.43
N GLU C 185 -15.21 16.74 -4.47
CA GLU C 185 -16.06 17.79 -5.04
C GLU C 185 -16.26 17.55 -6.54
N ILE C 186 -15.15 17.37 -7.25
CA ILE C 186 -15.19 17.10 -8.67
C ILE C 186 -16.14 15.95 -9.02
N TRP C 187 -15.98 14.81 -8.37
CA TRP C 187 -16.84 13.67 -8.67
C TRP C 187 -18.28 13.72 -8.17
N PHE C 188 -18.49 14.23 -6.96
CA PHE C 188 -19.80 14.22 -6.36
C PHE C 188 -20.75 15.24 -6.99
N LEU C 189 -20.23 16.42 -7.35
CA LEU C 189 -21.09 17.47 -7.94
C LEU C 189 -21.09 17.51 -9.46
N CYS C 190 -20.02 17.02 -10.10
CA CYS C 190 -19.89 17.02 -11.57
C CYS C 190 -20.02 18.39 -12.25
N ARG C 191 -19.42 19.43 -11.65
CA ARG C 191 -19.42 20.76 -12.25
C ARG C 191 -18.31 20.82 -13.30
N GLN C 192 -18.25 21.94 -14.01
CA GLN C 192 -17.20 22.20 -14.97
C GLN C 192 -16.28 23.23 -14.37
N TYR C 193 -14.98 23.09 -14.65
CA TYR C 193 -13.97 24.01 -14.12
C TYR C 193 -13.25 24.66 -15.30
N ASP C 194 -12.93 25.95 -15.17
CA ASP C 194 -12.22 26.64 -16.24
C ASP C 194 -10.72 26.41 -16.10
N ALA C 195 -9.94 26.95 -17.02
CA ALA C 195 -8.48 26.75 -17.02
C ALA C 195 -7.82 27.24 -15.74
N GLN C 196 -8.25 28.41 -15.27
CA GLN C 196 -7.69 29.00 -14.05
C GLN C 196 -7.96 28.13 -12.83
N GLN C 197 -9.20 27.73 -12.64
CA GLN C 197 -9.56 26.84 -11.55
C GLN C 197 -8.66 25.59 -11.61
N ALA C 198 -8.53 25.00 -12.79
CA ALA C 198 -7.71 23.78 -12.95
C ALA C 198 -6.27 24.01 -12.52
N LEU C 199 -5.72 25.17 -12.90
CA LEU C 199 -4.35 25.53 -12.58
C LEU C 199 -4.19 25.74 -11.07
N ASP C 200 -5.14 26.44 -10.47
CA ASP C 200 -5.11 26.75 -9.06
C ASP C 200 -5.15 25.52 -8.16
N MSE C 201 -5.79 24.44 -8.62
CA MSE C 201 -5.84 23.23 -7.82
C MSE C 201 -4.73 22.25 -8.17
O MSE C 201 -4.62 21.20 -7.56
CB MSE C 201 -7.20 22.58 -7.95
CG MSE C 201 -7.43 21.85 -9.24
SE MSE C 201 -9.25 21.21 -9.31
CE MSE C 201 -10.20 22.89 -9.66
N GLY C 202 -3.90 22.60 -9.14
CA GLY C 202 -2.78 21.74 -9.54
C GLY C 202 -3.17 20.62 -10.48
N LEU C 203 -4.34 20.75 -11.11
CA LEU C 203 -4.85 19.77 -12.05
C LEU C 203 -4.16 19.82 -13.42
N VAL C 204 -3.74 21.01 -13.86
CA VAL C 204 -2.99 21.14 -15.12
C VAL C 204 -1.67 21.81 -14.76
N ASN C 205 -0.66 21.63 -15.60
CA ASN C 205 0.65 22.17 -15.31
C ASN C 205 0.82 23.63 -15.65
N THR C 206 0.12 24.09 -16.70
CA THR C 206 0.20 25.47 -17.11
C THR C 206 -0.97 25.83 -17.99
N VAL C 207 -1.21 27.13 -18.14
CA VAL C 207 -2.27 27.64 -19.00
C VAL C 207 -1.67 28.70 -19.93
N VAL C 208 -1.93 28.55 -21.23
CA VAL C 208 -1.39 29.47 -22.20
C VAL C 208 -2.50 29.87 -23.13
N PRO C 209 -2.33 31.01 -23.82
CA PRO C 209 -3.38 31.43 -24.75
C PRO C 209 -3.55 30.42 -25.87
N LEU C 210 -4.78 30.24 -26.29
CA LEU C 210 -5.12 29.26 -27.32
C LEU C 210 -4.15 29.23 -28.51
N ALA C 211 -3.78 30.40 -29.00
CA ALA C 211 -2.89 30.47 -30.18
C ALA C 211 -1.46 29.94 -29.92
N ASP C 212 -1.02 29.92 -28.66
CA ASP C 212 0.31 29.45 -28.36
C ASP C 212 0.30 28.03 -27.80
N LEU C 213 -0.84 27.36 -27.83
CA LEU C 213 -0.92 26.05 -27.22
C LEU C 213 0.11 25.08 -27.82
N GLU C 214 0.09 24.92 -29.14
CA GLU C 214 1.02 24.02 -29.79
C GLU C 214 2.44 24.46 -29.51
N LYS C 215 2.68 25.76 -29.68
CA LYS C 215 3.99 26.33 -29.47
C LYS C 215 4.53 25.95 -28.09
N GLU C 216 3.75 26.22 -27.06
CA GLU C 216 4.18 25.89 -25.70
C GLU C 216 4.31 24.40 -25.47
N THR C 217 3.36 23.64 -25.98
CA THR C 217 3.39 22.20 -25.79
C THR C 217 4.66 21.66 -26.43
N VAL C 218 4.99 22.14 -27.63
CA VAL C 218 6.20 21.67 -28.32
C VAL C 218 7.47 22.08 -27.55
N ARG C 219 7.46 23.27 -26.95
CA ARG C 219 8.61 23.69 -26.14
C ARG C 219 8.87 22.74 -24.95
N TRP C 220 7.81 22.39 -24.25
CA TRP C 220 7.93 21.50 -23.11
C TRP C 220 8.48 20.16 -23.58
N CYS C 221 7.91 19.62 -24.68
CA CYS C 221 8.41 18.36 -25.22
C CYS C 221 9.89 18.42 -25.52
N ARG C 222 10.32 19.51 -26.17
CA ARG C 222 11.73 19.67 -26.55
C ARG C 222 12.65 19.74 -25.32
N GLU C 223 12.16 20.32 -24.23
CA GLU C 223 12.95 20.38 -23.00
C GLU C 223 13.15 18.96 -22.48
N MSE C 224 12.12 18.14 -22.55
CA MSE C 224 12.26 16.76 -22.14
C MSE C 224 13.16 15.94 -23.08
O MSE C 224 13.85 15.02 -22.62
CB MSE C 224 10.89 16.12 -22.04
CG MSE C 224 10.08 16.67 -20.89
SE MSE C 224 8.40 15.75 -20.67
CE MSE C 224 7.39 16.54 -22.11
N LEU C 225 13.14 16.28 -24.36
CA LEU C 225 13.97 15.59 -25.36
C LEU C 225 15.47 15.82 -25.18
N GLN C 226 15.85 16.92 -24.53
N GLN C 226 15.87 16.92 -24.56
CA GLN C 226 17.26 17.22 -24.26
CA GLN C 226 17.30 17.16 -24.32
C GLN C 226 17.77 16.39 -23.10
C GLN C 226 17.78 16.39 -23.09
N ASN C 227 16.86 15.84 -22.31
CA ASN C 227 17.22 15.10 -21.10
C ASN C 227 17.40 13.60 -21.38
N SER C 228 18.02 12.92 -20.41
CA SER C 228 18.29 11.49 -20.53
C SER C 228 17.00 10.65 -20.64
N PRO C 229 16.82 9.88 -21.72
CA PRO C 229 15.60 9.06 -21.84
C PRO C 229 15.53 7.96 -20.78
N MSE C 230 16.69 7.44 -20.37
CA MSE C 230 16.71 6.40 -19.37
C MSE C 230 16.29 6.98 -18.02
O MSE C 230 15.59 6.32 -17.26
CB MSE C 230 18.09 5.76 -19.26
CG MSE C 230 18.15 4.62 -18.25
SE MSE C 230 16.98 3.12 -18.76
CE MSE C 230 17.88 2.48 -20.33
N ALA C 231 16.73 8.21 -17.73
CA ALA C 231 16.36 8.85 -16.46
C ALA C 231 14.86 9.14 -16.42
N LEU C 232 14.30 9.63 -17.53
CA LEU C 232 12.84 9.91 -17.59
C LEU C 232 12.01 8.66 -17.37
N ARG C 233 12.46 7.59 -17.97
CA ARG C 233 11.82 6.32 -17.90
C ARG C 233 11.80 5.78 -16.45
N CYS C 234 12.93 5.87 -15.76
CA CYS C 234 13.01 5.44 -14.37
C CYS C 234 12.20 6.33 -13.44
N LEU C 235 12.20 7.63 -13.69
CA LEU C 235 11.43 8.55 -12.85
C LEU C 235 9.95 8.32 -13.03
N LYS C 236 9.53 8.10 -14.27
CA LYS C 236 8.13 7.87 -14.51
C LYS C 236 7.69 6.60 -13.78
N ALA C 237 8.51 5.55 -13.85
CA ALA C 237 8.16 4.30 -13.15
C ALA C 237 8.16 4.53 -11.64
N ALA C 238 9.09 5.35 -11.16
CA ALA C 238 9.20 5.63 -9.74
C ALA C 238 7.99 6.41 -9.23
N LEU C 239 7.54 7.37 -10.02
CA LEU C 239 6.35 8.16 -9.68
C LEU C 239 5.11 7.27 -9.73
N ASN C 240 5.03 6.37 -10.70
CA ASN C 240 3.91 5.42 -10.75
C ASN C 240 3.92 4.48 -9.55
N ALA C 241 5.12 4.10 -9.10
CA ALA C 241 5.24 3.14 -8.01
C ALA C 241 4.68 3.66 -6.67
N ASP C 242 4.55 4.97 -6.52
CA ASP C 242 3.95 5.50 -5.30
C ASP C 242 2.44 5.22 -5.30
N CYS C 243 1.89 4.81 -6.45
CA CYS C 243 0.44 4.59 -6.53
C CYS C 243 0.04 3.17 -6.86
N ASP C 244 0.88 2.47 -7.61
CA ASP C 244 0.47 1.22 -8.21
C ASP C 244 0.93 -0.05 -7.55
N GLY C 245 1.34 0.05 -6.29
CA GLY C 245 1.78 -1.13 -5.54
C GLY C 245 2.72 -2.01 -6.33
N GLN C 246 2.44 -3.32 -6.35
CA GLN C 246 3.32 -4.25 -7.08
C GLN C 246 3.38 -3.99 -8.58
N ALA C 247 2.32 -3.43 -9.17
CA ALA C 247 2.33 -3.18 -10.61
C ALA C 247 3.38 -2.09 -10.86
N GLY C 248 3.50 -1.19 -9.90
CA GLY C 248 4.50 -0.13 -9.98
C GLY C 248 5.88 -0.73 -9.74
N LEU C 249 5.99 -1.65 -8.79
CA LEU C 249 7.27 -2.29 -8.54
C LEU C 249 7.71 -3.07 -9.78
N GLN C 250 6.76 -3.66 -10.51
CA GLN C 250 7.10 -4.39 -11.71
C GLN C 250 7.81 -3.48 -12.70
N GLU C 251 7.27 -2.29 -12.93
CA GLU C 251 7.88 -1.34 -13.86
C GLU C 251 9.24 -0.88 -13.35
N LEU C 252 9.31 -0.51 -12.08
CA LEU C 252 10.55 -0.01 -11.50
C LEU C 252 11.63 -1.07 -11.55
N ALA C 253 11.31 -2.31 -11.14
CA ALA C 253 12.29 -3.39 -11.17
C ALA C 253 12.67 -3.81 -12.60
N GLY C 254 11.73 -3.68 -13.53
CA GLY C 254 12.00 -3.97 -14.94
C GLY C 254 13.08 -3.02 -15.48
N ASN C 255 13.03 -1.76 -15.06
CA ASN C 255 14.04 -0.80 -15.48
C ASN C 255 15.39 -1.18 -14.87
N ALA C 256 15.38 -1.62 -13.62
CA ALA C 256 16.61 -2.06 -12.93
C ALA C 256 17.23 -3.21 -13.65
N THR C 257 16.40 -4.16 -14.06
CA THR C 257 16.87 -5.32 -14.79
C THR C 257 17.53 -4.85 -16.09
N MSE C 258 16.84 -3.96 -16.82
CA MSE C 258 17.38 -3.46 -18.08
C MSE C 258 18.74 -2.77 -17.85
O MSE C 258 19.67 -2.99 -18.62
CB MSE C 258 16.39 -2.52 -18.72
CG MSE C 258 16.89 -1.80 -19.96
SE MSE C 258 15.52 -0.54 -20.60
CE MSE C 258 14.06 -1.83 -20.74
N LEU C 259 18.82 -1.95 -16.82
CA LEU C 259 20.10 -1.29 -16.48
C LEU C 259 21.16 -2.35 -16.20
N PHE C 260 20.81 -3.34 -15.39
CA PHE C 260 21.72 -4.42 -14.98
C PHE C 260 22.33 -5.19 -16.16
N TYR C 261 21.57 -5.39 -17.24
CA TYR C 261 22.08 -6.06 -18.44
C TYR C 261 23.17 -5.21 -19.10
N MSE C 262 23.14 -3.91 -18.85
CA MSE C 262 24.10 -3.00 -19.46
C MSE C 262 25.34 -2.77 -18.61
O MSE C 262 26.08 -1.82 -18.85
CB MSE C 262 23.44 -1.66 -19.72
CG MSE C 262 22.39 -1.71 -20.77
SE MSE C 262 21.41 -0.03 -20.80
CE MSE C 262 20.40 -0.28 -22.46
N THR C 263 25.54 -3.61 -17.59
CA THR C 263 26.70 -3.50 -16.71
C THR C 263 27.60 -4.73 -16.87
N GLU C 264 28.87 -4.58 -16.50
CA GLU C 264 29.84 -5.67 -16.60
C GLU C 264 29.36 -6.90 -15.87
N GLU C 265 28.99 -6.72 -14.60
CA GLU C 265 28.53 -7.84 -13.77
C GLU C 265 27.31 -8.52 -14.37
N GLY C 266 26.41 -7.74 -14.96
CA GLY C 266 25.20 -8.29 -15.58
C GLY C 266 25.55 -9.09 -16.83
N GLN C 267 26.67 -8.76 -17.44
CA GLN C 267 27.13 -9.42 -18.67
C GLN C 267 27.94 -10.68 -18.38
N GLU C 268 28.53 -10.75 -17.19
CA GLU C 268 29.28 -11.92 -16.78
C GLU C 268 28.42 -13.18 -16.93
N GLY C 269 27.11 -13.02 -16.84
CA GLY C 269 26.19 -14.14 -16.99
C GLY C 269 26.19 -14.72 -18.41
N ARG C 270 25.96 -13.86 -19.40
CA ARG C 270 25.92 -14.29 -20.80
C ARG C 270 27.34 -14.68 -21.23
N ASN C 271 28.32 -13.92 -20.76
CA ASN C 271 29.72 -14.21 -21.06
C ASN C 271 30.07 -15.60 -20.57
N ALA C 272 29.44 -16.00 -19.46
CA ALA C 272 29.65 -17.34 -18.90
C ALA C 272 29.32 -18.37 -19.98
N PHE C 273 28.20 -18.18 -20.68
CA PHE C 273 27.83 -19.10 -21.77
C PHE C 273 28.84 -19.05 -22.90
N ASN C 274 28.92 -17.89 -23.56
CA ASN C 274 29.81 -17.71 -24.70
C ASN C 274 31.20 -18.26 -24.42
N GLN C 275 31.68 -17.99 -23.22
CA GLN C 275 33.01 -18.37 -22.86
C GLN C 275 33.01 -19.79 -22.34
N LYS C 276 31.80 -20.27 -22.03
CA LYS C 276 31.54 -21.65 -21.55
C LYS C 276 32.32 -21.98 -20.28
N ARG C 277 31.75 -21.62 -19.14
CA ARG C 277 32.41 -21.83 -17.86
C ARG C 277 31.54 -21.40 -16.68
N GLN C 278 32.09 -21.59 -15.48
CA GLN C 278 31.43 -21.20 -14.25
C GLN C 278 31.37 -19.67 -14.17
N PRO C 279 30.18 -19.13 -13.84
CA PRO C 279 30.11 -17.68 -13.67
C PRO C 279 30.97 -17.31 -12.46
N ASP C 280 31.70 -16.20 -12.55
CA ASP C 280 32.58 -15.78 -11.46
C ASP C 280 32.30 -14.35 -11.00
N PHE C 281 31.44 -14.21 -10.00
CA PHE C 281 31.10 -12.91 -9.47
C PHE C 281 32.02 -12.50 -8.32
N SER C 282 32.90 -13.42 -7.91
CA SER C 282 33.83 -13.12 -6.82
C SER C 282 34.78 -12.02 -7.25
N LYS C 283 34.93 -11.86 -8.56
CA LYS C 283 35.80 -10.85 -9.13
C LYS C 283 35.16 -9.46 -9.04
N PHE C 284 33.85 -9.42 -8.90
CA PHE C 284 33.14 -8.14 -8.80
C PHE C 284 33.10 -7.60 -7.38
N LYS C 285 33.00 -6.28 -7.28
CA LYS C 285 33.03 -5.59 -6.00
C LYS C 285 31.67 -5.59 -5.33
N ARG C 286 31.68 -5.30 -4.03
CA ARG C 286 30.48 -5.19 -3.24
C ARG C 286 30.50 -3.83 -2.59
N ASN C 287 29.56 -2.97 -2.98
CA ASN C 287 29.49 -1.63 -2.41
C ASN C 287 28.63 -1.65 -1.17
N PRO C 288 28.81 -0.67 -0.29
CA PRO C 288 27.97 -0.59 0.90
C PRO C 288 26.58 -0.04 0.54
N ASP D 8 28.15 -28.54 -5.69
CA ASP D 8 29.56 -28.87 -5.33
C ASP D 8 29.67 -29.04 -3.80
N GLU D 9 29.21 -30.18 -3.31
CA GLU D 9 29.17 -30.44 -1.87
C GLU D 9 30.51 -30.52 -1.13
N THR D 10 31.58 -30.91 -1.81
CA THR D 10 32.88 -30.97 -1.14
C THR D 10 33.32 -29.53 -0.89
N MSE D 11 32.91 -28.63 -1.78
CA MSE D 11 33.21 -27.20 -1.62
C MSE D 11 32.24 -26.60 -0.57
O MSE D 11 32.68 -25.93 0.37
CB MSE D 11 33.09 -26.50 -2.98
CG MSE D 11 33.29 -24.98 -2.99
SE MSE D 11 31.69 -23.87 -2.62
CE MSE D 11 30.57 -24.43 -4.13
N LEU D 12 30.96 -26.86 -0.72
CA LEU D 12 29.95 -26.32 0.21
C LEU D 12 30.20 -26.78 1.65
N TYR D 13 30.47 -28.07 1.83
CA TYR D 13 30.78 -28.59 3.16
C TYR D 13 32.29 -28.58 3.46
N ALA D 14 33.06 -27.88 2.64
CA ALA D 14 34.50 -27.77 2.90
C ALA D 14 34.62 -27.08 4.24
N PRO D 15 35.75 -27.29 4.93
CA PRO D 15 35.95 -26.68 6.25
C PRO D 15 35.90 -25.17 6.19
N VAL D 16 35.55 -24.53 7.31
CA VAL D 16 35.47 -23.07 7.36
C VAL D 16 36.51 -22.51 8.33
N GLU D 17 37.31 -21.56 7.84
CA GLU D 17 38.35 -20.90 8.61
C GLU D 17 37.91 -19.52 9.08
N TRP D 18 37.53 -19.41 10.36
CA TRP D 18 37.13 -18.13 10.92
C TRP D 18 38.35 -17.35 11.36
N HIS D 19 38.28 -16.02 11.26
CA HIS D 19 39.36 -15.17 11.71
C HIS D 19 38.75 -14.12 12.62
N ASP D 20 39.28 -14.02 13.84
CA ASP D 20 38.71 -13.14 14.85
C ASP D 20 38.91 -11.64 14.58
N CYS D 21 37.84 -10.86 14.81
CA CYS D 21 37.85 -9.40 14.66
C CYS D 21 37.11 -8.76 15.82
N SER D 22 37.13 -9.41 16.98
CA SER D 22 36.35 -8.96 18.14
C SER D 22 37.07 -8.01 19.09
N GLU D 23 38.27 -7.56 18.72
N GLU D 23 38.26 -7.57 18.72
CA GLU D 23 39.02 -6.67 19.58
CA GLU D 23 39.02 -6.67 19.58
C GLU D 23 38.25 -5.38 19.79
C GLU D 23 38.24 -5.39 19.80
N GLY D 24 38.02 -5.03 21.06
CA GLY D 24 37.28 -3.83 21.42
C GLY D 24 35.83 -4.08 21.79
N TYR D 25 35.35 -5.30 21.54
CA TYR D 25 33.96 -5.66 21.85
C TYR D 25 33.86 -6.46 23.14
N THR D 26 32.86 -6.15 23.95
CA THR D 26 32.65 -6.82 25.23
C THR D 26 31.54 -7.88 25.20
N ASP D 27 30.37 -7.52 24.66
CA ASP D 27 29.21 -8.43 24.62
C ASP D 27 29.07 -9.33 23.38
N ILE D 28 29.87 -9.10 22.35
CA ILE D 28 29.80 -9.94 21.17
C ILE D 28 31.14 -10.39 20.69
N ARG D 29 31.11 -11.34 19.76
CA ARG D 29 32.29 -11.78 19.06
C ARG D 29 32.01 -11.40 17.62
N TYR D 30 33.05 -11.15 16.85
CA TYR D 30 32.90 -10.76 15.46
C TYR D 30 34.05 -11.42 14.72
N GLU D 31 33.69 -12.26 13.75
CA GLU D 31 34.65 -13.07 12.99
C GLU D 31 34.35 -13.02 11.50
N LYS D 32 35.37 -13.28 10.71
CA LYS D 32 35.24 -13.29 9.26
C LYS D 32 35.92 -14.52 8.68
N SER D 33 35.23 -15.19 7.76
CA SER D 33 35.80 -16.33 7.08
C SER D 33 36.58 -15.80 5.91
N THR D 34 37.54 -16.61 5.48
CA THR D 34 38.36 -16.30 4.35
C THR D 34 37.56 -16.22 3.06
N ASP D 35 36.37 -16.82 3.05
CA ASP D 35 35.57 -16.85 1.82
C ASP D 35 34.38 -15.88 1.76
N GLY D 36 34.36 -14.89 2.66
CA GLY D 36 33.34 -13.84 2.58
C GLY D 36 32.16 -13.86 3.51
N ILE D 37 32.20 -14.67 4.56
CA ILE D 37 31.12 -14.70 5.51
C ILE D 37 31.57 -13.99 6.77
N ALA D 38 30.71 -13.10 7.29
CA ALA D 38 30.97 -12.40 8.54
C ALA D 38 30.02 -13.00 9.58
N LYS D 39 30.50 -13.22 10.79
CA LYS D 39 29.67 -13.78 11.84
C LYS D 39 29.68 -12.92 13.10
N ILE D 40 28.47 -12.52 13.50
CA ILE D 40 28.26 -11.71 14.71
C ILE D 40 27.60 -12.62 15.72
N THR D 41 28.28 -12.83 16.83
CA THR D 41 27.82 -13.74 17.88
C THR D 41 27.54 -13.01 19.18
N ILE D 42 26.32 -13.12 19.69
CA ILE D 42 26.01 -12.51 20.97
C ILE D 42 26.72 -13.41 21.94
N ASN D 43 27.52 -12.82 22.82
CA ASN D 43 28.34 -13.61 23.73
C ASN D 43 27.97 -13.39 25.19
N ARG D 44 26.76 -13.80 25.55
CA ARG D 44 26.28 -13.66 26.92
C ARG D 44 25.43 -14.87 27.26
N PRO D 45 26.03 -16.06 27.11
CA PRO D 45 25.33 -17.33 27.33
C PRO D 45 24.78 -17.47 28.74
N GLN D 46 25.39 -16.83 29.72
CA GLN D 46 24.92 -16.94 31.11
C GLN D 46 23.48 -16.42 31.27
N VAL D 47 23.04 -15.54 30.37
CA VAL D 47 21.67 -15.03 30.41
C VAL D 47 20.95 -15.35 29.09
N ARG D 48 21.29 -16.49 28.52
CA ARG D 48 20.67 -16.94 27.29
C ARG D 48 20.85 -15.96 26.13
N ASN D 49 22.00 -15.30 26.13
CA ASN D 49 22.36 -14.36 25.08
C ASN D 49 21.40 -13.19 24.87
N ALA D 50 20.74 -12.79 25.95
CA ALA D 50 19.87 -11.61 25.92
C ALA D 50 20.77 -10.41 25.61
N PHE D 51 20.21 -9.35 25.03
CA PHE D 51 21.01 -8.17 24.74
C PHE D 51 20.81 -7.01 25.72
N ARG D 52 21.90 -6.27 25.92
CA ARG D 52 21.93 -5.05 26.72
C ARG D 52 22.05 -3.93 25.70
N PRO D 53 21.90 -2.68 26.14
CA PRO D 53 22.04 -1.62 25.16
C PRO D 53 23.44 -1.62 24.53
N LEU D 54 24.43 -2.02 25.32
CA LEU D 54 25.80 -2.12 24.87
C LEU D 54 25.92 -3.19 23.81
N THR D 55 25.25 -4.31 24.04
CA THR D 55 25.28 -5.42 23.11
C THR D 55 24.76 -4.93 21.78
N VAL D 56 23.66 -4.17 21.81
CA VAL D 56 23.05 -3.63 20.58
C VAL D 56 23.97 -2.63 19.89
N LYS D 57 24.64 -1.76 20.66
CA LYS D 57 25.55 -0.79 20.07
C LYS D 57 26.66 -1.53 19.36
N GLU D 58 27.19 -2.55 20.02
CA GLU D 58 28.25 -3.34 19.42
C GLU D 58 27.79 -4.00 18.12
N MSE D 59 26.61 -4.62 18.15
CA MSE D 59 26.07 -5.28 16.97
C MSE D 59 25.91 -4.29 15.83
O MSE D 59 26.15 -4.63 14.67
CB MSE D 59 24.75 -5.98 17.27
CG MSE D 59 24.94 -7.16 18.15
SE MSE D 59 23.36 -8.21 18.37
CE MSE D 59 22.26 -6.90 19.30
N ILE D 60 25.47 -3.10 16.13
CA ILE D 60 25.31 -2.09 15.11
C ILE D 60 26.67 -1.77 14.46
N GLN D 61 27.71 -1.64 15.27
CA GLN D 61 29.05 -1.34 14.76
C GLN D 61 29.56 -2.47 13.89
N ALA D 62 29.44 -3.70 14.39
CA ALA D 62 29.91 -4.87 13.66
C ALA D 62 29.23 -5.03 12.31
N LEU D 63 27.90 -4.87 12.29
CA LEU D 63 27.13 -4.99 11.05
C LEU D 63 27.52 -3.89 10.08
N ALA D 64 27.76 -2.69 10.62
CA ALA D 64 28.17 -1.56 9.80
C ALA D 64 29.51 -1.94 9.15
N ASP D 65 30.37 -2.62 9.89
CA ASP D 65 31.67 -3.05 9.38
C ASP D 65 31.49 -4.06 8.26
N ALA D 66 30.67 -5.09 8.47
CA ALA D 66 30.42 -6.11 7.45
C ALA D 66 29.85 -5.51 6.18
N ARG D 67 28.96 -4.53 6.34
CA ARG D 67 28.36 -3.87 5.19
C ARG D 67 29.45 -3.18 4.36
N TYR D 68 30.35 -2.44 5.00
CA TYR D 68 31.41 -1.74 4.24
C TYR D 68 32.63 -2.59 3.86
N ASP D 69 32.74 -3.81 4.38
CA ASP D 69 33.87 -4.66 4.04
C ASP D 69 33.60 -5.34 2.69
N ASP D 70 34.38 -4.95 1.69
CA ASP D 70 34.26 -5.45 0.33
C ASP D 70 34.48 -6.96 0.25
N ASN D 71 35.16 -7.53 1.22
CA ASN D 71 35.43 -8.98 1.23
C ASN D 71 34.29 -9.81 1.83
N VAL D 72 33.34 -9.14 2.47
CA VAL D 72 32.20 -9.84 3.07
C VAL D 72 31.01 -9.79 2.13
N GLY D 73 30.46 -10.97 1.82
CA GLY D 73 29.27 -11.07 0.98
C GLY D 73 28.00 -11.46 1.75
N VAL D 74 28.17 -12.23 2.82
N VAL D 74 28.16 -12.24 2.82
CA VAL D 74 27.02 -12.67 3.62
CA VAL D 74 27.02 -12.68 3.62
C VAL D 74 27.32 -12.55 5.12
C VAL D 74 27.32 -12.60 5.12
N ILE D 75 26.29 -12.36 5.92
CA ILE D 75 26.44 -12.21 7.36
C ILE D 75 25.64 -13.22 8.18
N ILE D 76 26.29 -13.83 9.16
CA ILE D 76 25.58 -14.73 10.05
C ILE D 76 25.38 -14.04 11.38
N LEU D 77 24.17 -14.15 11.94
CA LEU D 77 23.88 -13.63 13.26
C LEU D 77 23.59 -14.87 14.09
N THR D 78 24.23 -14.98 15.25
CA THR D 78 24.03 -16.15 16.08
C THR D 78 24.31 -15.83 17.55
N GLY D 79 24.11 -16.82 18.41
CA GLY D 79 24.36 -16.67 19.85
C GLY D 79 25.41 -17.68 20.26
N GLU D 80 26.16 -17.37 21.32
CA GLU D 80 27.20 -18.25 21.83
C GLU D 80 26.61 -19.51 22.45
N GLY D 81 27.17 -20.67 22.09
CA GLY D 81 26.73 -21.94 22.62
C GLY D 81 25.67 -22.63 21.80
N ASP D 82 25.05 -23.64 22.39
CA ASP D 82 24.05 -24.43 21.70
C ASP D 82 22.67 -24.33 22.34
N LYS D 83 22.54 -23.49 23.37
CA LYS D 83 21.29 -23.40 24.10
C LYS D 83 20.48 -22.13 23.91
N ALA D 84 21.05 -21.14 23.25
CA ALA D 84 20.34 -19.88 23.05
C ALA D 84 20.91 -19.06 21.91
N PHE D 85 20.01 -18.56 21.07
CA PHE D 85 20.35 -17.63 20.02
C PHE D 85 20.26 -16.26 20.64
N CYS D 86 19.14 -15.97 21.28
CA CYS D 86 18.93 -14.70 21.97
C CYS D 86 17.57 -14.71 22.66
N ALA D 87 17.59 -14.65 23.99
CA ALA D 87 16.38 -14.66 24.80
C ALA D 87 15.72 -13.29 24.86
N GLY D 88 16.25 -12.31 24.14
CA GLY D 88 15.63 -10.99 24.06
C GLY D 88 16.28 -9.86 24.83
N GLY D 89 15.55 -8.77 25.00
CA GLY D 89 16.04 -7.61 25.75
C GLY D 89 16.30 -8.00 27.18
N ASP D 90 17.55 -7.83 27.62
CA ASP D 90 17.95 -8.23 28.96
C ASP D 90 16.97 -7.69 30.01
N GLN D 91 16.30 -8.62 30.69
CA GLN D 91 15.28 -8.31 31.68
C GLN D 91 15.89 -8.16 33.07
N LEU D 109 15.16 0.91 23.30
CA LEU D 109 14.62 0.96 21.93
C LEU D 109 15.69 1.32 20.90
N ASN D 110 16.93 1.02 21.25
CA ASN D 110 18.10 1.19 20.37
C ASN D 110 18.11 0.02 19.39
N VAL D 111 17.42 -1.05 19.80
N VAL D 111 17.45 -1.06 19.79
CA VAL D 111 17.30 -2.26 19.00
CA VAL D 111 17.36 -2.25 18.96
C VAL D 111 16.54 -1.94 17.72
C VAL D 111 16.55 -1.94 17.70
N LEU D 112 15.71 -0.90 17.77
CA LEU D 112 14.93 -0.48 16.61
C LEU D 112 15.88 -0.01 15.49
N ASP D 113 16.95 0.71 15.83
CA ASP D 113 17.92 1.13 14.81
C ASP D 113 18.61 -0.08 14.20
N PHE D 114 18.87 -1.09 15.02
CA PHE D 114 19.54 -2.31 14.55
C PHE D 114 18.64 -3.09 13.60
N GLN D 115 17.35 -3.16 13.89
CA GLN D 115 16.41 -3.86 13.01
C GLN D 115 16.42 -3.20 11.62
N ARG D 116 16.34 -1.88 11.57
CA ARG D 116 16.37 -1.16 10.30
C ARG D 116 17.67 -1.44 9.54
N GLN D 117 18.76 -1.56 10.30
CA GLN D 117 20.07 -1.82 9.73
C GLN D 117 20.14 -3.22 9.11
N ILE D 118 19.54 -4.20 9.76
CA ILE D 118 19.52 -5.54 9.19
C ILE D 118 18.71 -5.49 7.90
N ARG D 119 17.61 -4.74 7.97
CA ARG D 119 16.63 -4.58 6.90
C ARG D 119 17.19 -4.01 5.63
N THR D 120 17.94 -2.92 5.77
CA THR D 120 18.50 -2.24 4.63
C THR D 120 19.94 -2.67 4.31
N CYS D 121 20.46 -3.68 5.02
CA CYS D 121 21.79 -4.19 4.73
C CYS D 121 21.70 -4.77 3.33
N PRO D 122 22.62 -4.33 2.42
CA PRO D 122 22.59 -4.81 1.04
C PRO D 122 23.16 -6.21 0.84
N LYS D 123 23.47 -6.89 1.92
CA LYS D 123 23.98 -8.24 1.86
C LYS D 123 23.00 -9.14 2.64
N PRO D 124 22.87 -10.40 2.24
CA PRO D 124 21.99 -11.29 3.01
C PRO D 124 22.49 -11.47 4.44
N VAL D 125 21.55 -11.49 5.37
CA VAL D 125 21.83 -11.70 6.77
C VAL D 125 21.10 -13.01 7.15
N VAL D 126 21.82 -13.93 7.77
CA VAL D 126 21.25 -15.23 8.10
C VAL D 126 21.29 -15.48 9.61
N ALA D 127 20.15 -15.88 10.17
CA ALA D 127 20.05 -16.20 11.58
C ALA D 127 20.37 -17.69 11.75
N MSE D 128 21.35 -17.99 12.59
CA MSE D 128 21.73 -19.37 12.87
C MSE D 128 21.28 -19.65 14.29
O MSE D 128 21.91 -19.22 15.26
CB MSE D 128 23.22 -19.54 12.72
CG MSE D 128 23.71 -20.94 12.98
SE MSE D 128 25.60 -21.03 12.61
CE MSE D 128 26.32 -20.11 14.16
N VAL D 129 20.18 -20.37 14.41
CA VAL D 129 19.56 -20.54 15.71
C VAL D 129 19.66 -21.92 16.36
N ALA D 130 20.27 -21.93 17.55
CA ALA D 130 20.34 -23.11 18.39
C ALA D 130 19.62 -22.66 19.66
N GLY D 131 18.68 -23.47 20.14
CA GLY D 131 17.97 -23.15 21.37
C GLY D 131 17.03 -21.96 21.26
N TYR D 132 16.98 -21.17 22.32
CA TYR D 132 16.03 -20.06 22.40
C TYR D 132 16.23 -18.81 21.53
N SER D 133 15.15 -18.43 20.85
CA SER D 133 15.04 -17.18 20.08
C SER D 133 13.67 -16.70 20.54
N ILE D 134 13.68 -15.83 21.55
CA ILE D 134 12.51 -15.41 22.27
C ILE D 134 12.41 -13.90 22.39
N GLY D 135 11.19 -13.39 22.36
CA GLY D 135 10.93 -11.94 22.52
C GLY D 135 11.67 -11.09 21.50
N GLY D 136 12.39 -10.09 21.99
CA GLY D 136 13.19 -9.23 21.10
C GLY D 136 14.12 -10.07 20.26
N GLY D 137 14.59 -11.19 20.80
CA GLY D 137 15.49 -12.07 20.07
C GLY D 137 14.79 -12.82 18.96
N HIS D 138 13.48 -13.04 19.11
CA HIS D 138 12.72 -13.72 18.08
C HIS D 138 12.52 -12.75 16.93
N VAL D 139 12.24 -11.50 17.24
CA VAL D 139 12.11 -10.48 16.19
C VAL D 139 13.44 -10.42 15.43
N LEU D 140 14.56 -10.52 16.14
CA LEU D 140 15.86 -10.50 15.48
C LEU D 140 16.02 -11.58 14.39
N HIS D 141 15.68 -12.83 14.70
CA HIS D 141 15.87 -13.86 13.69
C HIS D 141 14.91 -13.60 12.55
N MSE D 142 13.72 -13.10 12.86
CA MSE D 142 12.74 -12.82 11.81
C MSE D 142 13.21 -11.75 10.85
O MSE D 142 12.94 -11.88 9.66
CB MSE D 142 11.37 -12.45 12.35
CG MSE D 142 10.60 -13.62 12.87
SE MSE D 142 8.81 -13.05 13.24
CE MSE D 142 9.13 -11.68 14.60
N MSE D 143 13.90 -10.73 11.35
CA MSE D 143 14.42 -9.64 10.51
C MSE D 143 15.45 -10.17 9.52
O MSE D 143 15.59 -9.65 8.40
CB MSE D 143 15.12 -8.56 11.33
CG MSE D 143 14.27 -7.83 12.33
SE MSE D 143 12.80 -6.92 11.49
CE MSE D 143 13.75 -5.63 10.36
N CYS D 144 16.20 -11.18 9.92
CA CYS D 144 17.19 -11.77 9.03
C CYS D 144 16.49 -12.35 7.83
N ASP D 145 17.13 -12.25 6.69
CA ASP D 145 16.58 -12.78 5.46
C ASP D 145 16.23 -14.28 5.57
N LEU D 146 17.13 -15.07 6.13
CA LEU D 146 16.91 -16.50 6.27
C LEU D 146 17.19 -16.95 7.71
N THR D 147 16.58 -18.07 8.11
CA THR D 147 16.84 -18.67 9.41
C THR D 147 17.12 -20.15 9.24
N ILE D 148 18.27 -20.58 9.73
CA ILE D 148 18.68 -21.98 9.75
C ILE D 148 18.55 -22.37 11.23
N ALA D 149 17.78 -23.41 11.54
CA ALA D 149 17.52 -23.80 12.92
C ALA D 149 18.00 -25.20 13.31
N ALA D 150 18.54 -25.32 14.52
CA ALA D 150 18.94 -26.62 15.06
C ALA D 150 17.65 -27.29 15.55
N GLU D 151 17.68 -28.61 15.70
CA GLU D 151 16.51 -29.35 16.16
C GLU D 151 16.08 -28.93 17.55
N ASN D 152 16.97 -28.30 18.30
CA ASN D 152 16.65 -27.88 19.66
C ASN D 152 16.17 -26.43 19.73
N ALA D 153 15.98 -25.80 18.58
CA ALA D 153 15.56 -24.41 18.55
C ALA D 153 14.13 -24.20 19.11
N ILE D 154 13.96 -23.12 19.88
CA ILE D 154 12.66 -22.78 20.47
C ILE D 154 12.35 -21.34 20.14
N PHE D 155 11.12 -21.10 19.67
CA PHE D 155 10.69 -19.79 19.19
C PHE D 155 9.45 -19.24 19.87
N GLY D 156 9.33 -17.91 19.89
CA GLY D 156 8.15 -17.27 20.44
C GLY D 156 8.34 -15.85 20.95
N GLN D 157 7.22 -15.16 21.17
CA GLN D 157 7.23 -13.80 21.70
C GLN D 157 6.83 -13.82 23.17
N THR D 158 7.16 -12.75 23.90
CA THR D 158 6.81 -12.69 25.33
C THR D 158 6.18 -11.38 25.76
N GLY D 159 6.22 -10.38 24.89
CA GLY D 159 5.73 -9.04 25.21
C GLY D 159 4.50 -8.95 26.11
N PRO D 160 3.36 -9.39 25.60
CA PRO D 160 2.09 -9.36 26.30
C PRO D 160 2.13 -10.07 27.65
N LYS D 161 3.00 -11.09 27.79
CA LYS D 161 3.18 -11.78 29.06
C LYS D 161 3.89 -10.88 30.04
N VAL D 162 4.89 -10.15 29.54
N VAL D 162 4.88 -10.14 29.54
CA VAL D 162 5.66 -9.26 30.39
CA VAL D 162 5.67 -9.25 30.38
C VAL D 162 5.28 -7.80 30.19
C VAL D 162 5.28 -7.79 30.20
N GLY D 163 4.09 -7.56 29.65
CA GLY D 163 3.59 -6.21 29.44
C GLY D 163 4.40 -5.32 28.51
N SER D 164 4.55 -5.78 27.26
CA SER D 164 5.26 -5.00 26.23
C SER D 164 4.88 -5.58 24.88
N PHE D 165 5.45 -5.01 23.81
CA PHE D 165 5.14 -5.51 22.49
C PHE D 165 5.95 -4.81 21.42
N ASP D 166 6.06 -5.49 20.28
CA ASP D 166 6.72 -4.92 19.12
C ASP D 166 5.68 -4.88 18.02
N GLY D 167 5.06 -3.73 17.86
CA GLY D 167 4.04 -3.51 16.86
C GLY D 167 4.57 -3.10 15.50
N GLY D 168 5.90 -3.13 15.34
CA GLY D 168 6.52 -2.73 14.08
C GLY D 168 6.62 -3.94 13.16
N TRP D 169 7.83 -4.18 12.64
CA TRP D 169 8.10 -5.34 11.79
C TRP D 169 7.83 -6.63 12.58
N GLY D 170 8.01 -6.57 13.89
CA GLY D 170 7.78 -7.71 14.72
C GLY D 170 6.36 -8.24 14.54
N ALA D 171 5.45 -7.37 14.12
CA ALA D 171 4.08 -7.76 13.93
C ALA D 171 3.77 -7.92 12.45
N SER D 172 3.78 -6.80 11.72
CA SER D 172 3.47 -6.83 10.31
C SER D 172 4.37 -7.77 9.53
N TYR D 173 5.68 -7.72 9.74
CA TYR D 173 6.54 -8.55 8.93
C TYR D 173 6.37 -10.04 9.26
N MSE D 174 6.14 -10.35 10.53
CA MSE D 174 5.87 -11.73 10.91
C MSE D 174 4.70 -12.24 10.10
O MSE D 174 4.69 -13.40 9.64
CB MSE D 174 5.53 -11.82 12.38
CG MSE D 174 5.04 -13.20 12.82
SE MSE D 174 4.39 -13.15 14.64
CE MSE D 174 6.16 -12.96 15.51
N ALA D 175 3.69 -11.39 9.94
CA ALA D 175 2.49 -11.78 9.19
C ALA D 175 2.80 -12.05 7.70
N ARG D 176 3.83 -11.39 7.15
CA ARG D 176 4.26 -11.65 5.77
C ARG D 176 5.01 -12.99 5.68
N ILE D 177 5.35 -13.57 6.82
CA ILE D 177 6.05 -14.85 6.86
C ILE D 177 5.11 -16.05 7.17
N VAL D 178 4.32 -15.98 8.24
CA VAL D 178 3.45 -17.10 8.66
C VAL D 178 1.95 -16.91 8.44
N GLY D 179 1.56 -15.72 7.98
CA GLY D 179 0.16 -15.48 7.75
C GLY D 179 -0.47 -14.85 8.98
N GLN D 180 -1.57 -14.15 8.75
CA GLN D 180 -2.24 -13.40 9.80
C GLN D 180 -2.80 -14.24 10.97
N LYS D 181 -3.35 -15.43 10.70
CA LYS D 181 -3.87 -16.27 11.83
C LYS D 181 -2.75 -16.70 12.75
N LYS D 182 -1.65 -17.18 12.17
CA LYS D 182 -0.56 -17.65 12.97
C LYS D 182 0.14 -16.53 13.69
N ALA D 183 0.29 -15.37 13.04
CA ALA D 183 0.92 -14.22 13.70
C ALA D 183 0.10 -13.79 14.91
N ARG D 184 -1.22 -13.79 14.75
CA ARG D 184 -2.07 -13.40 15.88
C ARG D 184 -1.93 -14.40 17.03
N GLU D 185 -1.81 -15.68 16.72
CA GLU D 185 -1.64 -16.70 17.75
C GLU D 185 -0.30 -16.53 18.49
N ILE D 186 0.76 -16.33 17.71
CA ILE D 186 2.08 -16.18 18.28
C ILE D 186 2.12 -15.02 19.25
N TRP D 187 1.62 -13.87 18.84
CA TRP D 187 1.63 -12.69 19.68
C TRP D 187 0.62 -12.67 20.83
N PHE D 188 -0.60 -13.16 20.60
CA PHE D 188 -1.64 -13.08 21.63
C PHE D 188 -1.48 -14.08 22.80
N LEU D 189 -1.01 -15.29 22.51
CA LEU D 189 -0.82 -16.33 23.54
C LEU D 189 0.60 -16.42 24.09
N CYS D 190 1.59 -16.03 23.30
CA CYS D 190 2.97 -16.09 23.75
C CYS D 190 3.45 -17.48 24.11
N ARG D 191 3.06 -18.48 23.32
CA ARG D 191 3.56 -19.82 23.53
C ARG D 191 4.96 -19.93 22.95
N GLN D 192 5.61 -21.07 23.24
CA GLN D 192 6.91 -21.39 22.67
C GLN D 192 6.66 -22.45 21.62
N TYR D 193 7.43 -22.40 20.53
CA TYR D 193 7.27 -23.34 19.42
C TYR D 193 8.58 -24.07 19.15
N ASP D 194 8.49 -25.39 18.93
CA ASP D 194 9.70 -26.16 18.63
C ASP D 194 10.08 -26.02 17.16
N ALA D 195 11.22 -26.59 16.81
CA ALA D 195 11.75 -26.45 15.45
C ALA D 195 10.82 -26.97 14.37
N GLN D 196 10.21 -28.11 14.60
CA GLN D 196 9.28 -28.65 13.62
C GLN D 196 8.09 -27.70 13.43
N GLN D 197 7.55 -27.20 14.54
CA GLN D 197 6.43 -26.24 14.49
C GLN D 197 6.81 -25.01 13.70
N ALA D 198 8.01 -24.49 13.96
CA ALA D 198 8.51 -23.33 13.25
C ALA D 198 8.61 -23.63 11.75
N LEU D 199 9.17 -24.78 11.44
CA LEU D 199 9.34 -25.21 10.05
C LEU D 199 8.00 -25.34 9.35
N ASP D 200 7.07 -26.04 9.99
CA ASP D 200 5.75 -26.28 9.38
C ASP D 200 4.96 -25.01 9.08
N MSE D 201 5.17 -23.95 9.85
CA MSE D 201 4.43 -22.72 9.62
C MSE D 201 5.23 -21.73 8.77
O MSE D 201 4.79 -20.64 8.49
CB MSE D 201 4.01 -22.09 10.93
CG MSE D 201 5.13 -21.33 11.60
SE MSE D 201 4.48 -20.47 13.18
CE MSE D 201 4.51 -21.93 14.47
N GLY D 202 6.43 -22.15 8.37
CA GLY D 202 7.26 -21.33 7.50
C GLY D 202 8.04 -20.22 8.13
N LEU D 203 8.24 -20.32 9.42
CA LEU D 203 8.96 -19.35 10.21
C LEU D 203 10.49 -19.49 10.05
N VAL D 204 10.98 -20.71 9.81
CA VAL D 204 12.41 -20.91 9.59
C VAL D 204 12.53 -21.64 8.26
N ASN D 205 13.71 -21.56 7.64
CA ASN D 205 13.92 -22.17 6.33
C ASN D 205 14.25 -23.64 6.35
N THR D 206 14.97 -24.09 7.37
CA THR D 206 15.29 -25.52 7.46
C THR D 206 15.63 -25.89 8.90
N VAL D 207 15.52 -27.16 9.22
CA VAL D 207 15.87 -27.67 10.53
C VAL D 207 16.93 -28.75 10.33
N VAL D 208 18.03 -28.68 11.09
CA VAL D 208 19.11 -29.66 10.98
C VAL D 208 19.60 -30.05 12.37
N PRO D 209 20.35 -31.14 12.46
CA PRO D 209 20.89 -31.53 13.76
C PRO D 209 21.79 -30.45 14.38
N LEU D 210 21.66 -30.28 15.69
CA LEU D 210 22.43 -29.28 16.42
C LEU D 210 23.91 -29.31 16.05
N ALA D 211 24.45 -30.53 15.95
CA ALA D 211 25.86 -30.72 15.64
C ALA D 211 26.22 -30.23 14.26
N ASP D 212 25.25 -30.19 13.35
CA ASP D 212 25.50 -29.75 11.98
C ASP D 212 25.04 -28.32 11.72
N LEU D 213 24.56 -27.62 12.74
CA LEU D 213 24.06 -26.26 12.56
C LEU D 213 25.04 -25.36 11.80
N GLU D 214 26.31 -25.36 12.17
CA GLU D 214 27.22 -24.45 11.49
C GLU D 214 27.61 -24.89 10.08
N LYS D 215 27.87 -26.18 9.89
CA LYS D 215 28.24 -26.63 8.55
C LYS D 215 27.08 -26.35 7.60
N GLU D 216 25.86 -26.61 8.05
CA GLU D 216 24.71 -26.41 7.21
C GLU D 216 24.46 -24.90 6.92
N THR D 217 24.61 -24.07 7.93
CA THR D 217 24.46 -22.63 7.73
C THR D 217 25.50 -22.15 6.75
N VAL D 218 26.73 -22.62 6.91
CA VAL D 218 27.83 -22.24 6.04
C VAL D 218 27.57 -22.66 4.58
N ARG D 219 27.08 -23.88 4.38
CA ARG D 219 26.72 -24.30 3.04
C ARG D 219 25.74 -23.31 2.40
N TRP D 220 24.69 -22.93 3.14
CA TRP D 220 23.70 -21.99 2.59
C TRP D 220 24.38 -20.66 2.24
N CYS D 221 25.25 -20.18 3.12
CA CYS D 221 25.99 -18.94 2.84
C CYS D 221 26.82 -19.08 1.56
N ARG D 222 27.52 -20.21 1.42
CA ARG D 222 28.35 -20.42 0.23
C ARG D 222 27.53 -20.50 -1.02
N GLU D 223 26.32 -21.05 -0.95
CA GLU D 223 25.48 -21.08 -2.13
C GLU D 223 25.14 -19.65 -2.56
N MSE D 224 24.89 -18.77 -1.59
CA MSE D 224 24.57 -17.38 -1.93
C MSE D 224 25.79 -16.63 -2.43
O MSE D 224 25.67 -15.73 -3.25
CB MSE D 224 23.97 -16.66 -0.74
CG MSE D 224 22.62 -17.16 -0.33
SE MSE D 224 21.87 -16.07 1.09
CE MSE D 224 22.95 -16.66 2.57
N LEU D 225 26.95 -16.99 -1.91
CA LEU D 225 28.20 -16.37 -2.29
C LEU D 225 28.62 -16.65 -3.74
N GLN D 226 28.04 -17.68 -4.37
CA GLN D 226 28.36 -17.98 -5.76
C GLN D 226 27.50 -17.15 -6.73
N ASN D 227 26.54 -16.40 -6.18
CA ASN D 227 25.67 -15.59 -7.02
C ASN D 227 26.08 -14.13 -7.02
N SER D 228 25.56 -13.39 -7.98
CA SER D 228 25.87 -11.98 -8.12
C SER D 228 25.48 -11.16 -6.89
N PRO D 229 26.47 -10.50 -6.27
CA PRO D 229 26.19 -9.63 -5.13
C PRO D 229 25.20 -8.52 -5.53
N MSE D 230 25.31 -8.00 -6.76
CA MSE D 230 24.39 -6.95 -7.20
C MSE D 230 22.95 -7.50 -7.35
O MSE D 230 21.98 -6.88 -6.91
CB MSE D 230 24.86 -6.30 -8.49
CG MSE D 230 24.02 -5.13 -8.98
SE MSE D 230 23.92 -3.58 -7.78
CE MSE D 230 25.83 -3.20 -7.66
N ALA D 231 22.80 -8.70 -7.91
CA ALA D 231 21.46 -9.26 -8.07
C ALA D 231 20.80 -9.48 -6.67
N LEU D 232 21.59 -9.98 -5.72
CA LEU D 232 21.11 -10.23 -4.37
C LEU D 232 20.67 -8.92 -3.70
N ARG D 233 21.49 -7.87 -3.77
CA ARG D 233 21.07 -6.63 -3.16
C ARG D 233 19.79 -6.07 -3.82
N CYS D 234 19.67 -6.21 -5.15
CA CYS D 234 18.45 -5.72 -5.83
C CYS D 234 17.23 -6.52 -5.42
N LEU D 235 17.39 -7.83 -5.30
CA LEU D 235 16.28 -8.70 -4.90
C LEU D 235 15.86 -8.44 -3.47
N LYS D 236 16.82 -8.23 -2.58
CA LYS D 236 16.53 -7.94 -1.19
C LYS D 236 15.73 -6.65 -1.12
N ALA D 237 16.17 -5.64 -1.87
CA ALA D 237 15.49 -4.36 -1.91
C ALA D 237 14.09 -4.56 -2.45
N ALA D 238 13.97 -5.33 -3.52
CA ALA D 238 12.69 -5.62 -4.14
C ALA D 238 11.72 -6.32 -3.15
N LEU D 239 12.20 -7.31 -2.41
CA LEU D 239 11.36 -8.01 -1.42
C LEU D 239 10.98 -7.07 -0.29
N ASN D 240 11.91 -6.21 0.16
CA ASN D 240 11.56 -5.22 1.17
C ASN D 240 10.52 -4.22 0.66
N ALA D 241 10.59 -3.94 -0.63
CA ALA D 241 9.71 -2.95 -1.24
C ALA D 241 8.24 -3.37 -1.19
N ASP D 242 8.00 -4.67 -1.10
CA ASP D 242 6.64 -5.16 -1.00
C ASP D 242 6.05 -4.83 0.37
N CYS D 243 6.90 -4.40 1.31
CA CYS D 243 6.47 -4.14 2.68
C CYS D 243 6.66 -2.71 3.19
N ASP D 244 7.70 -2.05 2.69
CA ASP D 244 8.13 -0.76 3.25
C ASP D 244 7.77 0.53 2.50
N GLY D 245 6.78 0.47 1.62
CA GLY D 245 6.32 1.65 0.88
C GLY D 245 7.48 2.48 0.32
N GLN D 246 7.46 3.79 0.56
CA GLN D 246 8.49 4.68 0.04
C GLN D 246 9.93 4.41 0.53
N ALA D 247 10.10 3.95 1.77
CA ALA D 247 11.40 3.60 2.31
C ALA D 247 11.98 2.44 1.46
N GLY D 248 11.07 1.54 1.06
CA GLY D 248 11.40 0.43 0.18
C GLY D 248 11.72 0.92 -1.20
N LEU D 249 10.93 1.87 -1.68
CA LEU D 249 11.19 2.47 -2.99
C LEU D 249 12.53 3.19 -2.96
N GLN D 250 12.90 3.80 -1.83
CA GLN D 250 14.20 4.47 -1.76
C GLN D 250 15.33 3.44 -1.96
N GLU D 251 15.21 2.30 -1.30
CA GLU D 251 16.22 1.27 -1.43
C GLU D 251 16.30 0.77 -2.88
N LEU D 252 15.15 0.41 -3.42
CA LEU D 252 15.07 -0.09 -4.77
C LEU D 252 15.53 0.96 -5.79
N ALA D 253 15.04 2.19 -5.68
CA ALA D 253 15.44 3.26 -6.61
C ALA D 253 16.93 3.59 -6.45
N GLY D 254 17.43 3.51 -5.24
CA GLY D 254 18.85 3.71 -4.98
C GLY D 254 19.71 2.67 -5.71
N ASN D 255 19.24 1.43 -5.79
CA ASN D 255 19.99 0.42 -6.54
C ASN D 255 19.95 0.75 -8.02
N ALA D 256 18.81 1.24 -8.50
CA ALA D 256 18.69 1.57 -9.90
C ALA D 256 19.66 2.71 -10.23
N THR D 257 19.84 3.63 -9.29
CA THR D 257 20.75 4.76 -9.54
C THR D 257 22.20 4.27 -9.65
N MSE D 258 22.60 3.35 -8.77
CA MSE D 258 23.97 2.76 -8.84
C MSE D 258 24.17 2.15 -10.20
O MSE D 258 25.17 2.38 -10.86
CB MSE D 258 24.16 1.60 -7.87
CG MSE D 258 24.56 1.90 -6.47
SE MSE D 258 25.12 0.16 -5.68
CE MSE D 258 26.61 -0.27 -6.84
N LEU D 259 23.22 1.29 -10.57
CA LEU D 259 23.26 0.60 -11.86
C LEU D 259 23.42 1.55 -13.02
N PHE D 260 22.62 2.60 -13.02
CA PHE D 260 22.63 3.60 -14.09
C PHE D 260 24.01 4.25 -14.22
N TYR D 261 24.66 4.53 -13.08
CA TYR D 261 25.99 5.11 -13.11
C TYR D 261 27.00 4.19 -13.79
N MSE D 262 26.71 2.89 -13.84
CA MSE D 262 27.59 1.91 -14.47
C MSE D 262 27.26 1.67 -15.93
O MSE D 262 27.65 0.65 -16.49
CB MSE D 262 27.55 0.59 -13.70
CG MSE D 262 28.02 0.65 -12.27
SE MSE D 262 27.55 -0.98 -11.30
CE MSE D 262 28.36 -0.58 -9.56
N THR D 263 26.52 2.58 -16.55
CA THR D 263 26.17 2.45 -17.97
C THR D 263 26.69 3.68 -18.72
N GLU D 264 26.77 3.55 -20.04
CA GLU D 264 27.26 4.64 -20.90
C GLU D 264 26.43 5.88 -20.68
N GLU D 265 25.13 5.76 -20.84
CA GLU D 265 24.24 6.91 -20.72
C GLU D 265 24.33 7.52 -19.34
N GLY D 266 24.54 6.69 -18.34
CA GLY D 266 24.63 7.17 -16.96
C GLY D 266 25.95 7.84 -16.63
N GLN D 267 26.88 7.84 -17.59
CA GLN D 267 28.20 8.45 -17.41
C GLN D 267 28.39 9.71 -18.26
N GLU D 268 27.45 9.97 -19.16
CA GLU D 268 27.52 11.13 -20.06
C GLU D 268 27.57 12.44 -19.29
N GLY D 269 26.78 12.54 -18.22
CA GLY D 269 26.79 13.74 -17.39
C GLY D 269 28.19 14.02 -16.85
N ARG D 270 28.79 13.00 -16.27
CA ARG D 270 30.13 13.06 -15.71
C ARG D 270 31.18 13.37 -16.79
N ASN D 271 31.11 12.64 -17.90
CA ASN D 271 32.02 12.86 -19.01
C ASN D 271 31.89 14.30 -19.48
N ALA D 272 30.64 14.73 -19.66
CA ALA D 272 30.31 16.08 -20.09
C ALA D 272 30.90 17.14 -19.16
N PHE D 273 30.70 16.95 -17.85
CA PHE D 273 31.25 17.90 -16.87
C PHE D 273 32.77 18.02 -17.00
N ASN D 274 33.44 16.88 -16.99
CA ASN D 274 34.91 16.84 -17.08
C ASN D 274 35.47 17.39 -18.38
N GLN D 275 34.68 17.36 -19.43
CA GLN D 275 35.12 17.87 -20.69
C GLN D 275 34.56 19.25 -20.98
N LYS D 276 34.03 19.91 -19.98
CA LYS D 276 33.54 21.29 -20.11
C LYS D 276 32.55 21.47 -21.27
N ARG D 277 31.57 20.60 -21.38
CA ARG D 277 30.59 20.70 -22.47
C ARG D 277 29.19 20.31 -21.98
N GLN D 278 28.20 20.54 -22.83
CA GLN D 278 26.83 20.19 -22.52
C GLN D 278 26.65 18.69 -22.70
N PRO D 279 25.81 18.07 -21.86
CA PRO D 279 25.55 16.67 -22.06
C PRO D 279 24.67 16.51 -23.29
N ASP D 280 24.91 15.45 -24.05
CA ASP D 280 24.16 15.16 -25.27
C ASP D 280 23.61 13.74 -25.13
N PHE D 281 22.31 13.64 -24.88
CA PHE D 281 21.68 12.33 -24.73
C PHE D 281 21.10 11.78 -26.03
N SER D 282 21.27 12.52 -27.13
CA SER D 282 20.81 12.07 -28.42
C SER D 282 21.69 10.91 -28.88
N LYS D 283 22.84 10.80 -28.25
CA LYS D 283 23.78 9.73 -28.54
C LYS D 283 23.21 8.37 -28.14
N PHE D 284 22.19 8.37 -27.30
CA PHE D 284 21.64 7.13 -26.79
C PHE D 284 20.25 6.80 -27.34
N LYS D 285 20.00 5.52 -27.47
CA LYS D 285 18.77 5.03 -28.08
C LYS D 285 17.66 4.86 -27.06
N ARG D 286 16.44 5.16 -27.50
CA ARG D 286 15.25 5.08 -26.65
C ARG D 286 14.57 3.74 -26.75
N ASN D 287 14.70 2.95 -25.70
CA ASN D 287 14.11 1.64 -25.65
C ASN D 287 12.60 1.69 -25.42
N PRO D 288 11.89 0.67 -25.92
CA PRO D 288 10.45 0.59 -25.69
C PRO D 288 10.16 0.01 -24.32
N ASP E 8 -21.52 -35.90 -11.57
CA ASP E 8 -20.85 -34.57 -11.72
C ASP E 8 -19.39 -34.83 -12.05
N GLU E 9 -18.82 -35.84 -11.39
CA GLU E 9 -17.44 -36.23 -11.64
C GLU E 9 -17.36 -36.78 -13.06
N THR E 10 -18.43 -37.45 -13.52
CA THR E 10 -18.50 -37.98 -14.88
C THR E 10 -18.29 -36.83 -15.86
N MSE E 11 -18.95 -35.72 -15.58
CA MSE E 11 -18.85 -34.52 -16.40
C MSE E 11 -17.45 -33.89 -16.32
O MSE E 11 -16.90 -33.45 -17.32
CB MSE E 11 -19.93 -33.52 -15.98
CG MSE E 11 -19.90 -32.16 -16.69
SE MSE E 11 -18.55 -30.91 -16.00
CE MSE E 11 -19.32 -30.58 -14.23
N LEU E 12 -16.88 -33.86 -15.12
CA LEU E 12 -15.55 -33.25 -14.92
C LEU E 12 -14.45 -34.02 -15.67
N TYR E 13 -14.59 -35.33 -15.74
CA TYR E 13 -13.62 -36.18 -16.44
C TYR E 13 -14.08 -36.61 -17.81
N ALA E 14 -15.02 -35.87 -18.40
CA ALA E 14 -15.46 -36.18 -19.76
C ALA E 14 -14.28 -35.88 -20.69
N PRO E 15 -14.23 -36.51 -21.85
CA PRO E 15 -13.11 -36.17 -22.72
C PRO E 15 -13.18 -34.72 -23.16
N VAL E 16 -12.05 -34.14 -23.54
CA VAL E 16 -12.02 -32.76 -23.99
C VAL E 16 -11.64 -32.75 -25.45
N GLU E 17 -12.43 -32.06 -26.28
CA GLU E 17 -12.08 -31.96 -27.70
C GLU E 17 -11.48 -30.58 -27.92
N TRP E 18 -10.23 -30.57 -28.35
CA TRP E 18 -9.54 -29.32 -28.64
C TRP E 18 -9.69 -28.95 -30.11
N HIS E 19 -10.03 -27.69 -30.38
CA HIS E 19 -10.13 -27.22 -31.74
C HIS E 19 -8.92 -26.33 -31.98
N ASP E 20 -8.17 -26.62 -33.02
CA ASP E 20 -6.95 -25.87 -33.30
C ASP E 20 -7.13 -24.45 -33.81
N CYS E 21 -6.48 -23.51 -33.15
CA CYS E 21 -6.49 -22.10 -33.58
C CYS E 21 -5.05 -21.61 -33.71
N SER E 22 -4.14 -22.54 -34.03
CA SER E 22 -2.71 -22.23 -34.13
C SER E 22 -2.27 -21.61 -35.44
N GLU E 23 -3.22 -21.43 -36.36
CA GLU E 23 -2.91 -20.85 -37.64
C GLU E 23 -2.15 -19.53 -37.51
N GLY E 24 -0.98 -19.46 -38.12
CA GLY E 24 -0.18 -18.24 -38.09
C GLY E 24 0.86 -18.17 -37.00
N TYR E 25 0.77 -19.04 -36.00
CA TYR E 25 1.74 -19.04 -34.93
C TYR E 25 2.93 -19.96 -35.23
N THR E 26 4.12 -19.48 -34.88
CA THR E 26 5.35 -20.20 -35.10
C THR E 26 5.87 -20.90 -33.83
N ASP E 27 5.82 -20.20 -32.69
CA ASP E 27 6.38 -20.73 -31.46
C ASP E 27 5.39 -21.33 -30.48
N ILE E 28 4.09 -21.14 -30.71
CA ILE E 28 3.11 -21.69 -29.80
C ILE E 28 2.00 -22.40 -30.55
N ARG E 29 1.22 -23.19 -29.81
CA ARG E 29 0.01 -23.77 -30.34
C ARG E 29 -1.08 -23.01 -29.60
N TYR E 30 -2.26 -22.87 -30.20
CA TYR E 30 -3.37 -22.20 -29.53
C TYR E 30 -4.64 -22.98 -29.88
N GLU E 31 -5.29 -23.53 -28.86
CA GLU E 31 -6.44 -24.39 -29.03
C GLU E 31 -7.60 -24.05 -28.09
N LYS E 32 -8.82 -24.36 -28.52
CA LYS E 32 -9.99 -24.08 -27.73
C LYS E 32 -10.89 -25.31 -27.67
N SER E 33 -11.46 -25.56 -26.51
CA SER E 33 -12.41 -26.65 -26.32
C SER E 33 -13.80 -26.05 -26.49
N THR E 34 -14.78 -26.88 -26.85
CA THR E 34 -16.13 -26.37 -27.02
C THR E 34 -16.78 -25.95 -25.69
N ASP E 35 -16.33 -26.52 -24.58
CA ASP E 35 -16.90 -26.16 -23.28
C ASP E 35 -16.30 -24.87 -22.69
N GLY E 36 -15.39 -24.24 -23.43
CA GLY E 36 -14.85 -22.95 -23.03
C GLY E 36 -13.45 -22.85 -22.45
N ILE E 37 -12.57 -23.78 -22.76
CA ILE E 37 -11.20 -23.69 -22.26
C ILE E 37 -10.28 -23.30 -23.42
N ALA E 38 -9.48 -22.25 -23.22
CA ALA E 38 -8.51 -21.82 -24.21
C ALA E 38 -7.16 -22.29 -23.73
N LYS E 39 -6.39 -22.98 -24.57
CA LYS E 39 -5.07 -23.42 -24.15
C LYS E 39 -3.94 -22.84 -25.01
N ILE E 40 -2.96 -22.26 -24.34
CA ILE E 40 -1.79 -21.68 -24.99
C ILE E 40 -0.62 -22.57 -24.62
N THR E 41 0.01 -23.14 -25.63
CA THR E 41 1.13 -24.05 -25.40
C THR E 41 2.41 -23.51 -25.99
N ILE E 42 3.46 -23.38 -25.18
CA ILE E 42 4.75 -22.97 -25.69
C ILE E 42 5.26 -24.17 -26.44
N ASN E 43 5.55 -24.00 -27.72
CA ASN E 43 5.97 -25.13 -28.54
C ASN E 43 7.43 -25.04 -29.03
N ARG E 44 8.37 -25.20 -28.10
CA ARG E 44 9.79 -25.18 -28.42
C ARG E 44 10.45 -26.20 -27.49
N PRO E 45 9.97 -27.45 -27.52
CA PRO E 45 10.48 -28.46 -26.60
C PRO E 45 11.96 -28.78 -26.75
N GLN E 46 12.53 -28.52 -27.93
CA GLN E 46 13.94 -28.76 -28.19
C GLN E 46 14.85 -27.84 -27.34
N VAL E 47 14.28 -26.74 -26.84
CA VAL E 47 14.99 -25.82 -25.93
C VAL E 47 14.23 -25.74 -24.58
N ARG E 48 13.61 -26.86 -24.22
CA ARG E 48 12.86 -26.97 -22.97
C ARG E 48 11.84 -25.85 -22.85
N ASN E 49 11.27 -25.48 -23.99
CA ASN E 49 10.23 -24.46 -24.07
C ASN E 49 10.60 -23.07 -23.55
N ALA E 50 11.85 -22.68 -23.77
CA ALA E 50 12.27 -21.35 -23.43
C ALA E 50 11.51 -20.39 -24.37
N PHE E 51 11.30 -19.15 -23.96
CA PHE E 51 10.63 -18.18 -24.81
C PHE E 51 11.64 -17.20 -25.36
N ARG E 52 11.34 -16.71 -26.55
CA ARG E 52 12.15 -15.68 -27.15
C ARG E 52 11.15 -14.59 -27.41
N PRO E 53 11.63 -13.42 -27.83
CA PRO E 53 10.69 -12.33 -28.06
C PRO E 53 9.50 -12.70 -28.92
N LEU E 54 9.72 -13.49 -29.96
CA LEU E 54 8.61 -13.88 -30.83
C LEU E 54 7.58 -14.69 -30.05
N THR E 55 8.06 -15.61 -29.21
CA THR E 55 7.16 -16.45 -28.42
C THR E 55 6.25 -15.56 -27.57
N VAL E 56 6.85 -14.55 -26.95
CA VAL E 56 6.11 -13.63 -26.10
C VAL E 56 5.05 -12.87 -26.91
N LYS E 57 5.44 -12.31 -28.06
CA LYS E 57 4.49 -11.59 -28.90
C LYS E 57 3.30 -12.49 -29.27
N GLU E 58 3.56 -13.75 -29.58
CA GLU E 58 2.51 -14.68 -29.97
C GLU E 58 1.61 -15.01 -28.78
N MSE E 59 2.21 -15.23 -27.60
CA MSE E 59 1.43 -15.53 -26.40
C MSE E 59 0.52 -14.35 -26.04
O MSE E 59 -0.61 -14.53 -25.60
CB MSE E 59 2.32 -15.87 -25.22
CG MSE E 59 3.01 -17.20 -25.37
SE MSE E 59 4.00 -17.75 -23.80
CE MSE E 59 5.32 -16.31 -23.76
N ILE E 60 1.03 -13.14 -26.25
CA ILE E 60 0.27 -11.94 -26.00
C ILE E 60 -0.94 -11.92 -26.91
N GLN E 61 -0.72 -12.16 -28.20
CA GLN E 61 -1.80 -12.14 -29.17
C GLN E 61 -2.87 -13.22 -28.88
N ALA E 62 -2.40 -14.42 -28.56
CA ALA E 62 -3.32 -15.52 -28.24
C ALA E 62 -4.13 -15.22 -26.96
N LEU E 63 -3.50 -14.65 -25.94
CA LEU E 63 -4.21 -14.34 -24.70
C LEU E 63 -5.26 -13.25 -24.97
N ALA E 64 -4.90 -12.27 -25.77
CA ALA E 64 -5.84 -11.21 -26.14
C ALA E 64 -7.04 -11.82 -26.88
N ASP E 65 -6.78 -12.80 -27.74
CA ASP E 65 -7.86 -13.47 -28.46
C ASP E 65 -8.76 -14.22 -27.48
N ALA E 66 -8.15 -14.94 -26.56
CA ALA E 66 -8.88 -15.69 -25.56
C ALA E 66 -9.74 -14.75 -24.72
N ARG E 67 -9.20 -13.57 -24.43
CA ARG E 67 -9.91 -12.58 -23.65
C ARG E 67 -11.15 -12.10 -24.39
N TYR E 68 -11.03 -11.81 -25.68
CA TYR E 68 -12.17 -11.33 -26.44
C TYR E 68 -13.10 -12.42 -26.98
N ASP E 69 -12.76 -13.68 -26.71
CA ASP E 69 -13.61 -14.78 -27.16
C ASP E 69 -14.68 -15.05 -26.09
N ASP E 70 -15.90 -14.64 -26.40
CA ASP E 70 -17.05 -14.81 -25.51
C ASP E 70 -17.25 -16.27 -25.07
N ASN E 71 -16.85 -17.23 -25.91
CA ASN E 71 -16.98 -18.65 -25.60
C ASN E 71 -15.88 -19.18 -24.68
N VAL E 72 -14.85 -18.37 -24.41
CA VAL E 72 -13.78 -18.82 -23.54
C VAL E 72 -13.96 -18.26 -22.13
N GLY E 73 -13.90 -19.15 -21.13
CA GLY E 73 -14.04 -18.77 -19.73
C GLY E 73 -12.80 -18.98 -18.87
N VAL E 74 -11.91 -19.86 -19.32
CA VAL E 74 -10.68 -20.15 -18.61
C VAL E 74 -9.55 -20.41 -19.60
N ILE E 75 -8.35 -20.04 -19.21
CA ILE E 75 -7.19 -20.19 -20.06
C ILE E 75 -6.13 -21.06 -19.37
N ILE E 76 -5.60 -22.05 -20.10
CA ILE E 76 -4.49 -22.86 -19.61
C ILE E 76 -3.20 -22.44 -20.35
N LEU E 77 -2.11 -22.28 -19.60
CA LEU E 77 -0.81 -22.01 -20.15
C LEU E 77 0.02 -23.25 -19.83
N THR E 78 0.71 -23.77 -20.83
CA THR E 78 1.53 -24.94 -20.63
C THR E 78 2.61 -24.98 -21.70
N GLY E 79 3.47 -25.99 -21.61
CA GLY E 79 4.55 -26.18 -22.55
C GLY E 79 4.40 -27.53 -23.25
N GLU E 80 4.85 -27.60 -24.50
CA GLU E 80 4.79 -28.81 -25.29
C GLU E 80 5.56 -29.94 -24.63
N GLY E 81 4.94 -31.12 -24.56
CA GLY E 81 5.59 -32.31 -24.02
C GLY E 81 5.58 -32.39 -22.51
N ASP E 82 6.26 -33.41 -22.00
CA ASP E 82 6.33 -33.71 -20.57
C ASP E 82 7.57 -33.23 -19.86
N LYS E 83 8.57 -32.76 -20.58
CA LYS E 83 9.83 -32.38 -19.93
C LYS E 83 9.88 -30.93 -19.45
N ALA E 84 9.05 -30.05 -19.99
CA ALA E 84 9.10 -28.67 -19.57
C ALA E 84 7.87 -27.83 -19.85
N PHE E 85 7.62 -26.95 -18.90
CA PHE E 85 6.58 -25.94 -18.99
C PHE E 85 7.25 -24.77 -19.70
N CYS E 86 8.29 -24.25 -19.07
CA CYS E 86 9.07 -23.15 -19.63
C CYS E 86 10.36 -23.01 -18.86
N ALA E 87 11.49 -23.20 -19.54
CA ALA E 87 12.81 -23.13 -18.92
C ALA E 87 13.38 -21.70 -18.80
N GLY E 88 12.62 -20.71 -19.22
CA GLY E 88 13.06 -19.33 -19.08
C GLY E 88 13.26 -18.65 -20.41
N GLY E 89 13.95 -17.52 -20.38
CA GLY E 89 14.28 -16.75 -21.59
C GLY E 89 15.35 -17.45 -22.41
N ASP E 90 15.24 -17.33 -23.74
CA ASP E 90 16.17 -17.98 -24.65
C ASP E 90 17.40 -17.10 -24.90
N HIS E 108 13.88 -7.88 -25.17
CA HIS E 108 13.90 -9.15 -24.44
C HIS E 108 13.09 -9.06 -23.14
N LEU E 109 12.58 -7.87 -22.83
CA LEU E 109 11.76 -7.69 -21.64
C LEU E 109 10.29 -7.51 -22.00
N ASN E 110 9.89 -7.91 -23.23
CA ASN E 110 8.48 -7.81 -23.59
C ASN E 110 7.66 -8.80 -22.74
N VAL E 111 8.35 -9.74 -22.09
CA VAL E 111 7.67 -10.70 -21.22
C VAL E 111 6.95 -9.95 -20.08
N LEU E 112 7.45 -8.76 -19.75
CA LEU E 112 6.83 -7.96 -18.69
C LEU E 112 5.43 -7.57 -19.09
N ASP E 113 5.22 -7.26 -20.37
CA ASP E 113 3.90 -6.94 -20.87
C ASP E 113 3.02 -8.17 -20.70
N PHE E 114 3.56 -9.33 -21.05
CA PHE E 114 2.80 -10.54 -20.97
C PHE E 114 2.38 -10.85 -19.53
N GLN E 115 3.28 -10.61 -18.57
CA GLN E 115 2.96 -10.77 -17.16
C GLN E 115 1.76 -9.88 -16.82
N ARG E 116 1.82 -8.61 -17.22
CA ARG E 116 0.72 -7.67 -16.97
C ARG E 116 -0.58 -8.17 -17.62
N GLN E 117 -0.46 -8.77 -18.79
CA GLN E 117 -1.62 -9.28 -19.49
C GLN E 117 -2.27 -10.47 -18.78
N ILE E 118 -1.47 -11.38 -18.23
CA ILE E 118 -2.02 -12.50 -17.47
C ILE E 118 -2.75 -11.99 -16.21
N ARG E 119 -2.12 -11.03 -15.54
CA ARG E 119 -2.65 -10.39 -14.33
C ARG E 119 -4.02 -9.74 -14.49
N THR E 120 -4.15 -8.93 -15.53
CA THR E 120 -5.37 -8.17 -15.77
C THR E 120 -6.42 -8.91 -16.61
N CYS E 121 -6.11 -10.14 -17.01
CA CYS E 121 -7.04 -10.92 -17.79
C CYS E 121 -8.25 -11.21 -16.90
N PRO E 122 -9.47 -10.89 -17.37
CA PRO E 122 -10.65 -11.10 -16.53
C PRO E 122 -11.14 -12.54 -16.47
N LYS E 123 -10.32 -13.47 -16.90
CA LYS E 123 -10.68 -14.87 -16.87
C LYS E 123 -9.56 -15.59 -16.15
N PRO E 124 -9.89 -16.62 -15.37
CA PRO E 124 -8.82 -17.35 -14.68
C PRO E 124 -7.81 -17.92 -15.67
N VAL E 125 -6.53 -17.86 -15.29
CA VAL E 125 -5.43 -18.43 -16.09
C VAL E 125 -4.77 -19.50 -15.22
N VAL E 126 -4.62 -20.69 -15.78
CA VAL E 126 -4.09 -21.81 -15.03
C VAL E 126 -2.80 -22.32 -15.64
N ALA E 127 -1.74 -22.38 -14.84
CA ALA E 127 -0.46 -22.94 -15.32
C ALA E 127 -0.53 -24.45 -15.15
N MSE E 128 -0.30 -25.17 -16.24
CA MSE E 128 -0.30 -26.63 -16.25
C MSE E 128 1.15 -27.01 -16.45
O MSE E 128 1.65 -26.97 -17.57
CB MSE E 128 -1.17 -27.17 -17.39
CG MSE E 128 -1.22 -28.67 -17.44
SE MSE E 128 -2.51 -29.38 -18.69
CE MSE E 128 -1.59 -29.06 -20.37
N VAL E 129 1.81 -27.40 -15.36
CA VAL E 129 3.24 -27.63 -15.38
C VAL E 129 3.71 -29.06 -15.32
N ALA E 130 4.36 -29.47 -16.40
CA ALA E 130 5.06 -30.75 -16.47
C ALA E 130 6.55 -30.38 -16.54
N GLY E 131 7.38 -31.02 -15.74
CA GLY E 131 8.80 -30.74 -15.81
C GLY E 131 9.21 -29.35 -15.38
N TYR E 132 10.21 -28.80 -16.05
CA TYR E 132 10.78 -27.51 -15.66
C TYR E 132 9.97 -26.24 -15.82
N SER E 133 9.92 -25.49 -14.72
CA SER E 133 9.38 -24.15 -14.68
C SER E 133 10.47 -23.39 -13.93
N ILE E 134 11.40 -22.84 -14.71
CA ILE E 134 12.58 -22.18 -14.15
C ILE E 134 12.78 -20.77 -14.69
N GLY E 135 13.39 -19.92 -13.87
CA GLY E 135 13.74 -18.55 -14.26
C GLY E 135 12.52 -17.77 -14.68
N GLY E 136 12.61 -17.16 -15.86
CA GLY E 136 11.48 -16.42 -16.40
C GLY E 136 10.27 -17.33 -16.51
N GLY E 137 10.52 -18.61 -16.72
CA GLY E 137 9.47 -19.61 -16.79
C GLY E 137 8.79 -19.87 -15.45
N HIS E 138 9.50 -19.63 -14.35
CA HIS E 138 8.94 -19.84 -13.03
C HIS E 138 8.00 -18.66 -12.71
N VAL E 139 8.42 -17.47 -13.06
CA VAL E 139 7.60 -16.30 -12.80
C VAL E 139 6.30 -16.44 -13.58
N LEU E 140 6.38 -16.98 -14.79
CA LEU E 140 5.20 -17.17 -15.60
C LEU E 140 4.17 -18.05 -14.90
N HIS E 141 4.58 -19.19 -14.32
CA HIS E 141 3.59 -20.05 -13.64
C HIS E 141 3.07 -19.31 -12.41
N MSE E 142 3.94 -18.56 -11.73
CA MSE E 142 3.50 -17.79 -10.55
C MSE E 142 2.46 -16.74 -10.87
O MSE E 142 1.56 -16.50 -10.06
CB MSE E 142 4.65 -17.13 -9.82
CG MSE E 142 5.48 -18.08 -9.03
SE MSE E 142 6.64 -17.11 -7.85
CE MSE E 142 7.64 -16.07 -9.18
N MSE E 143 2.57 -16.10 -12.04
CA MSE E 143 1.62 -15.08 -12.48
C MSE E 143 0.26 -15.73 -12.76
O MSE E 143 -0.77 -15.07 -12.69
CB MSE E 143 2.09 -14.35 -13.73
CG MSE E 143 3.38 -13.59 -13.57
SE MSE E 143 3.25 -12.18 -12.29
CE MSE E 143 1.83 -11.09 -13.13
N CYS E 144 0.23 -17.00 -13.12
CA CYS E 144 -1.06 -17.65 -13.34
C CYS E 144 -1.85 -17.71 -12.02
N ASP E 145 -3.17 -17.64 -12.11
CA ASP E 145 -4.00 -17.68 -10.92
C ASP E 145 -3.76 -18.97 -10.15
N LEU E 146 -3.74 -20.10 -10.85
CA LEU E 146 -3.53 -21.39 -10.22
C LEU E 146 -2.44 -22.13 -10.94
N THR E 147 -1.85 -23.09 -10.25
CA THR E 147 -0.86 -23.94 -10.87
C THR E 147 -1.16 -25.38 -10.50
N ILE E 148 -1.35 -26.19 -11.54
CA ILE E 148 -1.53 -27.63 -11.44
C ILE E 148 -0.21 -28.25 -11.88
N ALA E 149 0.46 -28.97 -10.98
CA ALA E 149 1.76 -29.57 -11.27
C ALA E 149 1.77 -31.08 -11.35
N ALA E 150 2.58 -31.58 -12.27
CA ALA E 150 2.80 -33.00 -12.40
C ALA E 150 3.86 -33.42 -11.41
N GLU E 151 3.87 -34.72 -11.12
N GLU E 151 3.89 -34.72 -11.08
CA GLU E 151 4.83 -35.36 -10.22
CA GLU E 151 4.86 -35.26 -10.14
C GLU E 151 6.28 -35.01 -10.55
C GLU E 151 6.30 -34.97 -10.54
N ASN E 152 6.56 -34.82 -11.83
CA ASN E 152 7.91 -34.52 -12.33
C ASN E 152 8.24 -33.01 -12.44
N ALA E 153 7.35 -32.13 -11.99
CA ALA E 153 7.62 -30.69 -12.11
C ALA E 153 8.77 -30.25 -11.19
N ILE E 154 9.59 -29.35 -11.70
CA ILE E 154 10.74 -28.80 -10.97
C ILE E 154 10.64 -27.30 -11.08
N PHE E 155 10.81 -26.61 -9.95
CA PHE E 155 10.66 -25.17 -9.85
C PHE E 155 11.88 -24.46 -9.27
N GLY E 156 12.10 -23.23 -9.73
CA GLY E 156 13.20 -22.41 -9.22
C GLY E 156 13.50 -21.18 -10.04
N GLN E 157 14.29 -20.27 -9.46
CA GLN E 157 14.73 -19.06 -10.13
C GLN E 157 16.21 -19.28 -10.46
N THR E 158 16.77 -18.48 -11.37
CA THR E 158 18.20 -18.61 -11.73
C THR E 158 18.91 -17.28 -11.85
N GLY E 159 18.12 -16.20 -11.88
CA GLY E 159 18.63 -14.84 -12.03
C GLY E 159 20.02 -14.55 -11.45
N PRO E 160 20.14 -14.53 -10.12
CA PRO E 160 21.38 -14.22 -9.43
C PRO E 160 22.56 -15.12 -9.81
N LYS E 161 22.26 -16.35 -10.24
CA LYS E 161 23.28 -17.30 -10.67
C LYS E 161 23.85 -16.90 -12.03
N VAL E 162 23.00 -16.30 -12.86
CA VAL E 162 23.40 -15.89 -14.19
C VAL E 162 23.36 -14.36 -14.33
N GLY E 163 23.51 -13.66 -13.22
CA GLY E 163 23.54 -12.20 -13.21
C GLY E 163 22.30 -11.51 -13.75
N SER E 164 21.14 -11.92 -13.26
CA SER E 164 19.89 -11.31 -13.67
C SER E 164 18.94 -11.34 -12.46
N PHE E 165 17.72 -10.84 -12.65
CA PHE E 165 16.73 -10.85 -11.57
C PHE E 165 15.40 -10.26 -12.01
N ASP E 166 14.33 -10.72 -11.36
CA ASP E 166 13.01 -10.19 -11.60
C ASP E 166 12.49 -9.64 -10.25
N GLY E 167 12.67 -8.35 -10.04
CA GLY E 167 12.29 -7.72 -8.79
C GLY E 167 10.86 -7.19 -8.74
N GLY E 168 10.08 -7.42 -9.79
CA GLY E 168 8.70 -6.95 -9.85
C GLY E 168 7.82 -7.96 -9.15
N TRP E 169 6.86 -8.50 -9.88
CA TRP E 169 5.98 -9.51 -9.35
C TRP E 169 6.80 -10.80 -9.04
N GLY E 170 7.89 -11.01 -9.77
CA GLY E 170 8.74 -12.16 -9.52
C GLY E 170 9.19 -12.20 -8.07
N ALA E 171 9.25 -11.04 -7.43
CA ALA E 171 9.70 -11.01 -6.04
C ALA E 171 8.52 -10.78 -5.08
N SER E 172 7.96 -9.58 -5.12
CA SER E 172 6.87 -9.23 -4.23
C SER E 172 5.68 -10.20 -4.31
N TYR E 173 5.26 -10.57 -5.51
CA TYR E 173 4.10 -11.44 -5.63
C TYR E 173 4.44 -12.82 -5.12
N MSE E 174 5.64 -13.28 -5.41
CA MSE E 174 6.08 -14.58 -4.90
C MSE E 174 5.95 -14.59 -3.38
O MSE E 174 5.48 -15.58 -2.82
CB MSE E 174 7.55 -14.85 -5.27
CG MSE E 174 8.08 -16.05 -4.58
SE MSE E 174 9.96 -16.26 -4.86
CE MSE E 174 9.88 -16.83 -6.77
N ALA E 175 6.33 -13.50 -2.73
CA ALA E 175 6.24 -13.40 -1.28
C ALA E 175 4.78 -13.52 -0.80
N ARG E 176 3.83 -13.03 -1.60
CA ARG E 176 2.41 -13.13 -1.26
C ARG E 176 1.92 -14.56 -1.43
N ILE E 177 2.75 -15.43 -1.99
CA ILE E 177 2.37 -16.83 -2.17
C ILE E 177 3.02 -17.70 -1.11
N VAL E 178 4.35 -17.65 -1.01
CA VAL E 178 5.07 -18.55 -0.09
C VAL E 178 5.60 -17.88 1.19
N GLY E 179 5.43 -16.58 1.32
CA GLY E 179 5.93 -15.86 2.50
C GLY E 179 7.34 -15.31 2.27
N GLN E 180 7.72 -14.33 3.08
CA GLN E 180 9.02 -13.63 2.92
C GLN E 180 10.28 -14.47 3.16
N LYS E 181 10.28 -15.40 4.10
CA LYS E 181 11.48 -16.24 4.31
C LYS E 181 11.73 -17.14 3.13
N LYS E 182 10.69 -17.84 2.68
CA LYS E 182 10.81 -18.74 1.54
C LYS E 182 11.13 -18.03 0.23
N ALA E 183 10.53 -16.86 0.03
CA ALA E 183 10.79 -16.07 -1.14
C ALA E 183 12.29 -15.68 -1.19
N ARG E 184 12.83 -15.25 -0.06
CA ARG E 184 14.24 -14.87 0.02
C ARG E 184 15.17 -16.04 -0.26
N GLU E 185 14.78 -17.23 0.21
CA GLU E 185 15.54 -18.46 -0.02
C GLU E 185 15.54 -18.79 -1.49
N ILE E 186 14.34 -18.85 -2.08
CA ILE E 186 14.19 -19.18 -3.49
C ILE E 186 15.06 -18.30 -4.39
N TRP E 187 15.00 -16.99 -4.15
CA TRP E 187 15.78 -16.03 -4.94
C TRP E 187 17.27 -15.96 -4.62
N PHE E 188 17.63 -15.97 -3.34
CA PHE E 188 19.04 -15.84 -2.97
C PHE E 188 19.89 -17.10 -3.27
N LEU E 189 19.32 -18.29 -3.09
CA LEU E 189 20.10 -19.52 -3.32
C LEU E 189 19.95 -20.13 -4.72
N CYS E 190 18.85 -19.80 -5.39
CA CYS E 190 18.58 -20.33 -6.73
C CYS E 190 18.61 -21.86 -6.83
N ARG E 191 18.08 -22.53 -5.83
CA ARG E 191 17.99 -23.95 -5.88
C ARG E 191 16.78 -24.37 -6.72
N GLN E 192 16.71 -25.66 -7.01
CA GLN E 192 15.56 -26.24 -7.66
C GLN E 192 14.66 -26.91 -6.59
N TYR E 193 13.35 -26.89 -6.81
CA TYR E 193 12.39 -27.46 -5.87
C TYR E 193 11.52 -28.47 -6.60
N ASP E 194 11.30 -29.64 -6.01
CA ASP E 194 10.48 -30.65 -6.66
C ASP E 194 9.01 -30.36 -6.40
N ALA E 195 8.14 -31.14 -7.02
CA ALA E 195 6.69 -30.91 -6.92
C ALA E 195 6.16 -30.95 -5.49
N GLN E 196 6.67 -31.87 -4.67
CA GLN E 196 6.20 -32.03 -3.29
C GLN E 196 6.61 -30.80 -2.45
N GLN E 197 7.86 -30.39 -2.60
CA GLN E 197 8.35 -29.18 -1.93
C GLN E 197 7.52 -27.97 -2.33
N ALA E 198 7.18 -27.88 -3.62
CA ALA E 198 6.40 -26.73 -4.09
C ALA E 198 5.01 -26.73 -3.44
N LEU E 199 4.40 -27.91 -3.40
CA LEU E 199 3.08 -28.07 -2.80
C LEU E 199 3.16 -27.70 -1.33
N ASP E 200 4.13 -28.26 -0.63
CA ASP E 200 4.31 -27.99 0.80
C ASP E 200 4.33 -26.52 1.13
N MSE E 201 5.01 -25.73 0.30
CA MSE E 201 5.18 -24.32 0.60
C MSE E 201 4.07 -23.44 0.04
O MSE E 201 4.05 -22.24 0.28
CB MSE E 201 6.54 -23.83 0.13
CG MSE E 201 6.60 -23.55 -1.34
SE MSE E 201 8.37 -22.93 -1.80
CE MSE E 201 9.30 -24.67 -1.83
N GLY E 202 3.12 -24.05 -0.67
CA GLY E 202 1.99 -23.32 -1.22
C GLY E 202 2.27 -22.64 -2.55
N LEU E 203 3.31 -23.08 -3.24
CA LEU E 203 3.74 -22.49 -4.51
C LEU E 203 2.84 -22.98 -5.66
N VAL E 204 2.35 -24.22 -5.54
CA VAL E 204 1.45 -24.80 -6.51
C VAL E 204 0.20 -25.25 -5.76
N ASN E 205 -0.89 -25.45 -6.49
CA ASN E 205 -2.17 -25.82 -5.89
C ASN E 205 -2.38 -27.31 -5.67
N THR E 206 -1.86 -28.10 -6.60
CA THR E 206 -1.98 -29.53 -6.48
C THR E 206 -0.91 -30.22 -7.29
N VAL E 207 -0.64 -31.47 -6.93
CA VAL E 207 0.32 -32.32 -7.62
C VAL E 207 -0.43 -33.58 -8.06
N VAL E 208 -0.37 -33.89 -9.35
CA VAL E 208 -1.09 -35.03 -9.91
C VAL E 208 -0.13 -35.91 -10.70
N PRO E 209 -0.50 -37.18 -10.95
CA PRO E 209 0.41 -37.98 -11.76
C PRO E 209 0.60 -37.38 -13.15
N LEU E 210 1.79 -37.53 -13.69
CA LEU E 210 2.13 -36.98 -15.00
C LEU E 210 1.11 -37.36 -16.08
N ALA E 211 0.73 -38.64 -16.08
CA ALA E 211 -0.22 -39.16 -17.06
C ALA E 211 -1.60 -38.53 -16.92
N ASP E 212 -1.92 -37.97 -15.76
CA ASP E 212 -3.24 -37.37 -15.53
C ASP E 212 -3.21 -35.85 -15.52
N LEU E 213 -2.07 -35.27 -15.83
CA LEU E 213 -1.93 -33.83 -15.78
C LEU E 213 -3.06 -33.12 -16.52
N GLU E 214 -3.27 -33.53 -17.76
N GLU E 214 -3.32 -33.45 -17.78
CA GLU E 214 -4.30 -32.98 -18.62
CA GLU E 214 -4.37 -32.72 -18.47
C GLU E 214 -5.68 -33.14 -18.01
C GLU E 214 -5.75 -33.11 -17.96
N LYS E 215 -5.97 -34.36 -17.59
CA LYS E 215 -7.26 -34.73 -17.01
C LYS E 215 -7.60 -33.87 -15.82
N GLU E 216 -6.66 -33.76 -14.89
CA GLU E 216 -6.91 -33.01 -13.67
C GLU E 216 -7.06 -31.52 -13.94
N THR E 217 -6.21 -30.98 -14.81
CA THR E 217 -6.29 -29.57 -15.12
C THR E 217 -7.66 -29.19 -15.72
N VAL E 218 -8.12 -29.98 -16.67
CA VAL E 218 -9.41 -29.74 -17.29
C VAL E 218 -10.54 -29.86 -16.27
N ARG E 219 -10.42 -30.80 -15.34
CA ARG E 219 -11.40 -30.92 -14.26
C ARG E 219 -11.51 -29.61 -13.49
N TRP E 220 -10.36 -29.11 -13.05
CA TRP E 220 -10.32 -27.84 -12.30
C TRP E 220 -10.93 -26.70 -13.12
N CYS E 221 -10.58 -26.64 -14.41
CA CYS E 221 -11.13 -25.61 -15.29
C CYS E 221 -12.65 -25.72 -15.36
N ARG E 222 -13.13 -26.96 -15.51
CA ARG E 222 -14.57 -27.23 -15.60
C ARG E 222 -15.30 -26.87 -14.34
N GLU E 223 -14.66 -27.08 -13.18
CA GLU E 223 -15.27 -26.68 -11.93
C GLU E 223 -15.49 -25.16 -11.96
N MSE E 224 -14.51 -24.44 -12.50
CA MSE E 224 -14.59 -23.00 -12.59
C MSE E 224 -15.62 -22.54 -13.59
O MSE E 224 -16.31 -21.58 -13.34
CB MSE E 224 -13.23 -22.40 -12.95
CG MSE E 224 -12.24 -22.50 -11.82
SE MSE E 224 -10.56 -21.58 -12.19
CE MSE E 224 -9.73 -22.82 -13.42
N LEU E 225 -15.73 -23.24 -14.71
CA LEU E 225 -16.70 -22.90 -15.74
C LEU E 225 -18.17 -23.07 -15.30
N GLN E 226 -18.40 -23.80 -14.21
CA GLN E 226 -19.76 -23.93 -13.69
C GLN E 226 -20.13 -22.71 -12.87
N ASN E 227 -19.14 -21.91 -12.49
CA ASN E 227 -19.37 -20.74 -11.65
C ASN E 227 -19.66 -19.47 -12.46
N SER E 228 -20.16 -18.43 -11.79
CA SER E 228 -20.45 -17.16 -12.47
C SER E 228 -19.16 -16.50 -13.01
N PRO E 229 -19.10 -16.23 -14.33
CA PRO E 229 -17.91 -15.56 -14.89
C PRO E 229 -17.74 -14.16 -14.32
N MSE E 230 -18.85 -13.50 -14.03
CA MSE E 230 -18.78 -12.16 -13.49
C MSE E 230 -18.22 -12.22 -12.07
O MSE E 230 -17.44 -11.36 -11.68
CB MSE E 230 -20.15 -11.48 -13.49
CG MSE E 230 -20.11 -10.03 -13.02
SE MSE E 230 -19.11 -8.81 -14.23
CE MSE E 230 -20.11 -9.16 -15.86
N ALA E 231 -18.63 -13.23 -11.29
CA ALA E 231 -18.12 -13.36 -9.93
C ALA E 231 -16.62 -13.63 -9.96
N LEU E 232 -16.19 -14.51 -10.87
CA LEU E 232 -14.77 -14.83 -10.99
C LEU E 232 -13.93 -13.62 -11.37
N ARG E 233 -14.39 -12.80 -12.32
CA ARG E 233 -13.59 -11.63 -12.70
C ARG E 233 -13.50 -10.63 -11.58
N CYS E 234 -14.60 -10.47 -10.83
CA CYS E 234 -14.62 -9.55 -9.70
C CYS E 234 -13.67 -10.01 -8.59
N LEU E 235 -13.67 -11.30 -8.27
CA LEU E 235 -12.79 -11.84 -7.25
C LEU E 235 -11.32 -11.78 -7.66
N LYS E 236 -11.05 -12.03 -8.94
CA LYS E 236 -9.70 -11.96 -9.42
C LYS E 236 -9.21 -10.52 -9.26
N ALA E 237 -10.04 -9.55 -9.64
CA ALA E 237 -9.64 -8.14 -9.50
C ALA E 237 -9.42 -7.78 -8.02
N ALA E 238 -10.30 -8.28 -7.15
CA ALA E 238 -10.22 -8.00 -5.71
C ALA E 238 -8.96 -8.60 -5.11
N LEU E 239 -8.62 -9.81 -5.56
CA LEU E 239 -7.39 -10.46 -5.10
C LEU E 239 -6.15 -9.69 -5.64
N ASN E 240 -6.19 -9.24 -6.89
CA ASN E 240 -5.06 -8.45 -7.42
C ASN E 240 -4.95 -7.12 -6.68
N ALA E 241 -6.10 -6.58 -6.28
CA ALA E 241 -6.13 -5.28 -5.62
C ALA E 241 -5.43 -5.28 -4.26
N ASP E 242 -5.23 -6.45 -3.66
CA ASP E 242 -4.48 -6.51 -2.40
C ASP E 242 -2.98 -6.33 -2.67
N CYS E 243 -2.57 -6.37 -3.93
CA CYS E 243 -1.16 -6.24 -4.29
C CYS E 243 -0.80 -5.04 -5.17
N ASP E 244 -1.71 -4.67 -6.05
CA ASP E 244 -1.43 -3.70 -7.11
C ASP E 244 -1.87 -2.26 -6.94
N GLY E 245 -2.08 -1.83 -5.70
CA GLY E 245 -2.48 -0.46 -5.44
C GLY E 245 -3.56 0.05 -6.40
N GLN E 246 -3.36 1.27 -6.89
CA GLN E 246 -4.28 1.92 -7.80
C GLN E 246 -4.46 1.14 -9.10
N ALA E 247 -3.44 0.41 -9.55
CA ALA E 247 -3.61 -0.42 -10.73
C ALA E 247 -4.67 -1.48 -10.43
N GLY E 248 -4.67 -2.02 -9.22
CA GLY E 248 -5.70 -3.02 -8.86
C GLY E 248 -7.08 -2.37 -8.66
N LEU E 249 -7.10 -1.15 -8.15
CA LEU E 249 -8.36 -0.46 -7.98
C LEU E 249 -8.97 -0.20 -9.35
N GLN E 250 -8.14 0.18 -10.33
CA GLN E 250 -8.67 0.39 -11.68
C GLN E 250 -9.43 -0.85 -12.13
N GLU E 251 -8.86 -2.01 -11.90
CA GLU E 251 -9.50 -3.27 -12.30
C GLU E 251 -10.83 -3.52 -11.57
N LEU E 252 -10.79 -3.40 -10.25
CA LEU E 252 -11.96 -3.66 -9.40
C LEU E 252 -13.06 -2.65 -9.72
N ALA E 253 -12.70 -1.37 -9.74
CA ALA E 253 -13.67 -0.32 -10.04
C ALA E 253 -14.21 -0.44 -11.47
N GLY E 254 -13.38 -0.91 -12.39
CA GLY E 254 -13.79 -1.14 -13.77
C GLY E 254 -14.90 -2.18 -13.81
N ASN E 255 -14.76 -3.20 -12.98
CA ASN E 255 -15.79 -4.23 -12.90
C ASN E 255 -17.04 -3.67 -12.25
N ALA E 256 -16.86 -2.77 -11.29
CA ALA E 256 -18.00 -2.15 -10.63
C ALA E 256 -18.79 -1.33 -11.68
N THR E 257 -18.07 -0.61 -12.54
N THR E 257 -18.06 -0.62 -12.53
CA THR E 257 -18.72 0.20 -13.56
CA THR E 257 -18.65 0.19 -13.58
C THR E 257 -19.49 -0.69 -14.53
C THR E 257 -19.45 -0.67 -14.55
N MSE E 258 -18.88 -1.80 -14.93
CA MSE E 258 -19.54 -2.73 -15.81
C MSE E 258 -20.81 -3.27 -15.15
O MSE E 258 -21.87 -3.34 -15.78
CB MSE E 258 -18.61 -3.87 -16.15
CG MSE E 258 -19.22 -4.92 -17.03
SE MSE E 258 -17.83 -6.22 -17.46
CE MSE E 258 -16.65 -5.00 -18.46
N LEU E 259 -20.71 -3.66 -13.88
CA LEU E 259 -21.88 -4.13 -13.15
C LEU E 259 -22.96 -3.07 -13.10
N PHE E 260 -22.53 -1.84 -12.86
CA PHE E 260 -23.47 -0.73 -12.74
C PHE E 260 -24.25 -0.51 -14.04
N TYR E 261 -23.61 -0.69 -15.19
CA TYR E 261 -24.30 -0.50 -16.47
C TYR E 261 -25.39 -1.53 -16.68
N MSE E 262 -25.33 -2.65 -15.97
CA MSE E 262 -26.32 -3.71 -16.13
C MSE E 262 -27.49 -3.56 -15.15
O MSE E 262 -28.38 -4.41 -15.14
CB MSE E 262 -25.66 -5.07 -15.95
CG MSE E 262 -24.54 -5.32 -16.93
SE MSE E 262 -23.58 -7.00 -16.63
CE MSE E 262 -23.01 -6.75 -14.79
N THR E 263 -27.50 -2.48 -14.36
CA THR E 263 -28.57 -2.25 -13.39
C THR E 263 -29.51 -1.18 -13.93
N GLU E 264 -30.75 -1.15 -13.44
CA GLU E 264 -31.71 -0.14 -13.87
C GLU E 264 -31.19 1.29 -13.60
N GLU E 265 -30.55 1.50 -12.45
CA GLU E 265 -30.07 2.84 -12.12
C GLU E 265 -28.97 3.29 -13.08
N GLY E 266 -28.06 2.40 -13.43
CA GLY E 266 -27.05 2.74 -14.41
C GLY E 266 -27.73 3.08 -15.74
N GLN E 267 -28.68 2.26 -16.14
CA GLN E 267 -29.38 2.43 -17.42
C GLN E 267 -30.19 3.73 -17.57
N GLU E 268 -30.56 4.35 -16.45
CA GLU E 268 -31.29 5.61 -16.53
C GLU E 268 -30.51 6.66 -17.33
N GLY E 269 -29.18 6.66 -17.19
CA GLY E 269 -28.35 7.62 -17.93
C GLY E 269 -28.41 7.39 -19.43
N ARG E 270 -28.19 6.15 -19.84
CA ARG E 270 -28.27 5.81 -21.24
C ARG E 270 -29.71 5.97 -21.76
N ASN E 271 -30.69 5.54 -20.96
CA ASN E 271 -32.10 5.66 -21.37
C ASN E 271 -32.55 7.10 -21.47
N ALA E 272 -32.12 7.92 -20.53
CA ALA E 272 -32.44 9.33 -20.56
C ALA E 272 -32.05 9.92 -21.92
N PHE E 273 -30.77 9.76 -22.28
N PHE E 273 -30.77 9.79 -22.28
CA PHE E 273 -30.25 10.24 -23.56
CA PHE E 273 -30.29 10.29 -23.55
C PHE E 273 -31.11 9.68 -24.69
C PHE E 273 -31.08 9.67 -24.72
N ASN E 274 -31.28 8.37 -24.67
CA ASN E 274 -32.06 7.65 -25.66
C ASN E 274 -33.51 8.17 -25.74
N GLN E 275 -34.13 8.42 -24.58
CA GLN E 275 -35.50 8.89 -24.47
C GLN E 275 -35.59 10.42 -24.64
N LYS E 276 -34.49 11.10 -24.86
CA LYS E 276 -34.51 12.55 -25.11
C LYS E 276 -34.99 13.32 -23.90
N ARG E 277 -34.36 13.09 -22.75
CA ARG E 277 -34.72 13.76 -21.50
C ARG E 277 -33.54 13.73 -20.56
N GLN E 278 -33.52 14.66 -19.62
CA GLN E 278 -32.45 14.67 -18.67
C GLN E 278 -32.66 13.48 -17.74
N PRO E 279 -31.53 12.90 -17.25
CA PRO E 279 -31.61 11.75 -16.34
C PRO E 279 -32.25 12.10 -15.00
N ASP E 280 -32.97 11.13 -14.42
CA ASP E 280 -33.62 11.28 -13.12
C ASP E 280 -33.36 10.04 -12.23
N PHE E 281 -32.74 10.23 -11.08
CA PHE E 281 -32.40 9.11 -10.19
C PHE E 281 -33.21 9.06 -8.89
N SER E 282 -34.16 9.98 -8.76
CA SER E 282 -35.00 10.05 -7.56
C SER E 282 -35.80 8.76 -7.35
N LYS E 283 -36.04 8.04 -8.43
CA LYS E 283 -36.81 6.80 -8.42
C LYS E 283 -36.08 5.69 -7.66
N PHE E 284 -34.77 5.78 -7.58
CA PHE E 284 -33.96 4.74 -6.96
C PHE E 284 -33.70 5.02 -5.49
N LYS E 285 -33.51 3.93 -4.75
CA LYS E 285 -33.35 3.98 -3.31
C LYS E 285 -31.99 4.46 -2.91
N ARG E 286 -31.93 5.01 -1.71
CA ARG E 286 -30.70 5.49 -1.13
C ARG E 286 -30.42 4.53 0.02
N ASN E 287 -29.98 3.34 -0.37
CA ASN E 287 -29.69 2.26 0.56
C ASN E 287 -28.61 2.63 1.54
N PRO E 288 -28.60 1.95 2.70
CA PRO E 288 -27.60 2.18 3.70
C PRO E 288 -26.33 1.43 3.32
N ASP F 8 -1.72 -24.29 36.60
CA ASP F 8 -1.27 -24.16 35.17
C ASP F 8 -2.32 -24.78 34.25
N GLU F 9 -2.08 -26.02 33.81
CA GLU F 9 -3.05 -26.73 32.98
C GLU F 9 -4.35 -26.88 33.77
N THR F 10 -4.21 -27.09 35.07
CA THR F 10 -5.34 -27.21 35.96
C THR F 10 -6.20 -25.98 35.83
N MSE F 11 -5.57 -24.82 35.86
CA MSE F 11 -6.28 -23.55 35.73
C MSE F 11 -6.85 -23.41 34.33
O MSE F 11 -8.00 -22.99 34.15
CB MSE F 11 -5.34 -22.39 36.07
CG MSE F 11 -5.92 -20.99 35.91
SE MSE F 11 -5.91 -20.30 34.06
CE MSE F 11 -3.96 -20.39 33.78
N LEU F 12 -6.04 -23.76 33.33
CA LEU F 12 -6.45 -23.63 31.95
C LEU F 12 -7.67 -24.50 31.61
N TYR F 13 -7.71 -25.72 32.16
CA TYR F 13 -8.81 -26.66 31.89
C TYR F 13 -9.86 -26.73 33.00
N ALA F 14 -9.88 -25.75 33.88
CA ALA F 14 -10.88 -25.72 34.95
C ALA F 14 -12.26 -25.58 34.30
N PRO F 15 -13.31 -26.03 35.01
CA PRO F 15 -14.65 -25.92 34.44
C PRO F 15 -14.98 -24.48 34.03
N VAL F 16 -15.77 -24.34 32.99
CA VAL F 16 -16.16 -23.02 32.51
C VAL F 16 -17.58 -22.83 32.95
N GLU F 17 -17.86 -21.67 33.53
N GLU F 17 -17.86 -21.66 33.48
CA GLU F 17 -19.19 -21.35 34.01
CA GLU F 17 -19.18 -21.35 33.98
C GLU F 17 -19.73 -20.16 33.23
C GLU F 17 -19.73 -20.15 33.24
N TRP F 18 -20.77 -20.40 32.43
CA TRP F 18 -21.38 -19.37 31.62
C TRP F 18 -22.58 -18.73 32.29
N HIS F 19 -22.61 -17.42 32.28
CA HIS F 19 -23.77 -16.68 32.80
C HIS F 19 -24.55 -16.15 31.61
N ASP F 20 -25.85 -16.38 31.60
CA ASP F 20 -26.65 -16.01 30.47
C ASP F 20 -26.95 -14.52 30.36
N CYS F 21 -26.75 -13.97 29.17
CA CYS F 21 -27.04 -12.57 28.89
C CYS F 21 -27.88 -12.49 27.60
N SER F 22 -28.75 -13.48 27.36
CA SER F 22 -29.54 -13.55 26.12
C SER F 22 -30.89 -12.83 26.09
N GLU F 23 -31.29 -12.20 27.20
CA GLU F 23 -32.61 -11.54 27.23
C GLU F 23 -32.77 -10.55 26.10
N GLY F 24 -33.86 -10.67 25.37
CA GLY F 24 -34.16 -9.78 24.27
C GLY F 24 -33.63 -10.25 22.93
N TYR F 25 -32.75 -11.26 22.91
CA TYR F 25 -32.23 -11.77 21.65
C TYR F 25 -33.04 -12.97 21.14
N THR F 26 -33.21 -13.00 19.82
CA THR F 26 -33.99 -14.02 19.13
C THR F 26 -33.18 -15.04 18.34
N ASP F 27 -32.14 -14.58 17.67
CA ASP F 27 -31.36 -15.45 16.80
C ASP F 27 -30.03 -15.88 17.37
N ILE F 28 -29.63 -15.30 18.49
CA ILE F 28 -28.37 -15.69 19.10
C ILE F 28 -28.51 -15.91 20.59
N ARG F 29 -27.48 -16.54 21.16
CA ARG F 29 -27.34 -16.65 22.60
C ARG F 29 -26.13 -15.75 22.87
N TYR F 30 -26.08 -15.19 24.07
CA TYR F 30 -24.98 -14.33 24.51
C TYR F 30 -24.75 -14.62 25.99
N GLU F 31 -23.53 -15.06 26.29
CA GLU F 31 -23.16 -15.51 27.63
C GLU F 31 -21.77 -15.01 28.01
N LYS F 32 -21.52 -14.88 29.29
CA LYS F 32 -20.23 -14.42 29.77
C LYS F 32 -19.73 -15.27 30.92
N SER F 33 -18.43 -15.55 30.95
CA SER F 33 -17.83 -16.27 32.08
C SER F 33 -17.28 -15.20 33.01
N THR F 34 -17.14 -15.49 34.29
CA THR F 34 -16.60 -14.47 35.18
C THR F 34 -15.09 -14.35 35.09
N ASP F 35 -14.43 -15.20 34.31
CA ASP F 35 -12.99 -15.07 34.17
C ASP F 35 -12.64 -14.30 32.88
N GLY F 36 -13.64 -13.66 32.26
CA GLY F 36 -13.37 -12.80 31.12
C GLY F 36 -13.71 -13.18 29.70
N ILE F 37 -14.51 -14.20 29.48
CA ILE F 37 -14.88 -14.59 28.13
C ILE F 37 -16.34 -14.30 27.84
N ALA F 38 -16.59 -13.72 26.68
CA ALA F 38 -17.94 -13.47 26.24
C ALA F 38 -18.12 -14.41 25.04
N LYS F 39 -19.28 -15.04 24.96
CA LYS F 39 -19.52 -15.97 23.89
C LYS F 39 -20.80 -15.60 23.19
N ILE F 40 -20.67 -15.39 21.88
CA ILE F 40 -21.76 -15.07 21.02
C ILE F 40 -22.03 -16.33 20.18
N THR F 41 -23.22 -16.89 20.34
CA THR F 41 -23.58 -18.09 19.62
C THR F 41 -24.72 -17.85 18.66
N ILE F 42 -24.50 -18.16 17.38
CA ILE F 42 -25.59 -18.05 16.43
C ILE F 42 -26.50 -19.23 16.77
N ASN F 43 -27.77 -18.93 17.04
CA ASN F 43 -28.70 -19.97 17.46
C ASN F 43 -29.81 -20.27 16.46
N ARG F 44 -29.41 -20.79 15.29
CA ARG F 44 -30.38 -21.16 14.26
C ARG F 44 -29.97 -22.48 13.64
N PRO F 45 -29.79 -23.53 14.47
CA PRO F 45 -29.31 -24.80 13.98
C PRO F 45 -30.16 -25.46 12.93
N GLN F 46 -31.44 -25.11 12.87
N GLN F 46 -31.45 -25.12 12.87
CA GLN F 46 -32.35 -25.70 11.89
CA GLN F 46 -32.34 -25.73 11.88
C GLN F 46 -31.97 -25.32 10.45
C GLN F 46 -31.97 -25.33 10.45
N VAL F 47 -31.18 -24.26 10.30
CA VAL F 47 -30.71 -23.82 8.96
C VAL F 47 -29.18 -23.66 9.04
N ARG F 48 -28.54 -24.57 9.75
CA ARG F 48 -27.10 -24.60 9.93
C ARG F 48 -26.47 -23.27 10.33
N ASN F 49 -27.17 -22.56 11.21
CA ASN F 49 -26.68 -21.32 11.77
C ASN F 49 -26.35 -20.23 10.76
N ALA F 50 -27.11 -20.22 9.66
CA ALA F 50 -26.96 -19.18 8.66
C ALA F 50 -27.52 -17.95 9.32
N PHE F 51 -26.98 -16.78 8.98
CA PHE F 51 -27.46 -15.54 9.55
C PHE F 51 -28.41 -14.81 8.59
N ARG F 52 -29.37 -14.10 9.18
CA ARG F 52 -30.27 -13.26 8.44
C ARG F 52 -30.02 -11.89 9.03
N PRO F 53 -30.62 -10.85 8.45
CA PRO F 53 -30.39 -9.50 8.95
C PRO F 53 -30.58 -9.33 10.45
N LEU F 54 -31.63 -9.91 11.02
CA LEU F 54 -31.85 -9.81 12.47
C LEU F 54 -30.66 -10.40 13.21
N THR F 55 -30.19 -11.55 12.76
CA THR F 55 -29.07 -12.20 13.40
C THR F 55 -27.86 -11.25 13.47
N VAL F 56 -27.62 -10.54 12.37
CA VAL F 56 -26.50 -9.60 12.27
C VAL F 56 -26.65 -8.41 13.22
N LYS F 57 -27.82 -7.77 13.29
N LYS F 57 -27.85 -7.85 13.31
CA LYS F 57 -27.94 -6.67 14.27
CA LYS F 57 -28.12 -6.74 14.21
C LYS F 57 -27.77 -7.18 15.70
C LYS F 57 -27.85 -7.16 15.65
N GLU F 58 -28.27 -8.37 16.00
CA GLU F 58 -28.09 -8.90 17.33
C GLU F 58 -26.60 -9.12 17.60
N MSE F 59 -25.89 -9.72 16.65
CA MSE F 59 -24.45 -9.95 16.86
C MSE F 59 -23.69 -8.64 17.04
O MSE F 59 -22.75 -8.55 17.85
CB MSE F 59 -23.84 -10.77 15.74
CG MSE F 59 -24.32 -12.21 15.75
SE MSE F 59 -23.46 -13.33 14.45
CE MSE F 59 -24.01 -12.40 12.83
N ILE F 60 -24.06 -7.63 16.24
CA ILE F 60 -23.45 -6.31 16.36
C ILE F 60 -23.70 -5.80 17.76
N GLN F 61 -24.93 -5.95 18.23
CA GLN F 61 -25.30 -5.47 19.55
C GLN F 61 -24.57 -6.22 20.66
N ALA F 62 -24.48 -7.54 20.54
CA ALA F 62 -23.76 -8.35 21.55
C ALA F 62 -22.24 -8.05 21.54
N LEU F 63 -21.65 -7.89 20.37
CA LEU F 63 -20.21 -7.55 20.29
C LEU F 63 -19.92 -6.15 20.89
N ALA F 64 -20.82 -5.19 20.68
CA ALA F 64 -20.64 -3.88 21.27
C ALA F 64 -20.71 -4.03 22.80
N ASP F 65 -21.66 -4.79 23.31
CA ASP F 65 -21.74 -5.00 24.76
C ASP F 65 -20.41 -5.57 25.27
N ALA F 66 -19.93 -6.59 24.60
CA ALA F 66 -18.68 -7.23 25.00
C ALA F 66 -17.51 -6.23 24.98
N ARG F 67 -17.44 -5.41 23.94
CA ARG F 67 -16.37 -4.43 23.84
C ARG F 67 -16.41 -3.46 25.02
N TYR F 68 -17.62 -3.09 25.42
CA TYR F 68 -17.81 -2.14 26.52
C TYR F 68 -17.83 -2.72 27.94
N ASP F 69 -17.79 -4.02 28.05
CA ASP F 69 -17.75 -4.67 29.36
C ASP F 69 -16.26 -4.79 29.75
N ASP F 70 -15.81 -3.94 30.68
N ASP F 70 -15.77 -3.94 30.67
CA ASP F 70 -14.42 -3.90 31.13
CA ASP F 70 -14.35 -3.98 31.01
C ASP F 70 -13.90 -5.21 31.77
C ASP F 70 -13.87 -5.25 31.72
N ASN F 71 -14.80 -6.15 32.05
CA ASN F 71 -14.43 -7.42 32.67
C ASN F 71 -14.27 -8.49 31.57
N VAL F 72 -14.68 -8.18 30.35
CA VAL F 72 -14.52 -9.10 29.22
C VAL F 72 -13.22 -8.77 28.48
N GLY F 73 -12.35 -9.78 28.33
CA GLY F 73 -11.07 -9.63 27.65
C GLY F 73 -10.96 -10.36 26.31
N VAL F 74 -11.87 -11.31 26.07
CA VAL F 74 -11.83 -12.13 24.86
C VAL F 74 -13.24 -12.58 24.46
N ILE F 75 -13.53 -12.58 23.17
CA ILE F 75 -14.84 -13.00 22.65
C ILE F 75 -14.74 -14.26 21.77
N ILE F 76 -15.66 -15.18 21.99
CA ILE F 76 -15.76 -16.36 21.21
C ILE F 76 -16.97 -16.21 20.32
N LEU F 77 -16.83 -16.49 19.03
CA LEU F 77 -17.97 -16.50 18.11
C LEU F 77 -18.12 -17.97 17.71
N THR F 78 -19.34 -18.49 17.79
CA THR F 78 -19.56 -19.89 17.48
C THR F 78 -20.97 -20.14 17.01
N GLY F 79 -21.28 -21.35 16.62
CA GLY F 79 -22.65 -21.69 16.18
C GLY F 79 -23.27 -22.71 17.13
N GLU F 80 -24.60 -22.68 17.28
CA GLU F 80 -25.30 -23.65 18.14
C GLU F 80 -25.10 -25.06 17.61
N GLY F 81 -24.89 -26.02 18.50
CA GLY F 81 -24.73 -27.42 18.09
C GLY F 81 -23.34 -27.77 17.59
N ASP F 82 -23.22 -28.97 17.05
CA ASP F 82 -21.94 -29.50 16.58
C ASP F 82 -21.89 -29.65 15.07
N LYS F 83 -22.94 -29.25 14.39
CA LYS F 83 -23.04 -29.45 12.93
C LYS F 83 -22.69 -28.24 12.08
N ALA F 84 -22.80 -27.04 12.65
CA ALA F 84 -22.50 -25.83 11.89
C ALA F 84 -22.08 -24.63 12.74
N PHE F 85 -21.02 -23.96 12.29
CA PHE F 85 -20.60 -22.70 12.86
C PHE F 85 -21.50 -21.65 12.22
N CYS F 86 -21.50 -21.63 10.90
CA CYS F 86 -22.33 -20.70 10.14
C CYS F 86 -22.26 -21.07 8.67
N ALA F 87 -23.38 -21.50 8.11
CA ALA F 87 -23.47 -21.91 6.72
C ALA F 87 -23.69 -20.75 5.75
N GLY F 88 -23.66 -19.51 6.24
CA GLY F 88 -23.79 -18.34 5.36
C GLY F 88 -24.94 -17.40 5.64
N GLY F 89 -25.25 -16.56 4.66
CA GLY F 89 -26.32 -15.60 4.76
C GLY F 89 -27.55 -16.22 4.13
N ASP F 90 -28.73 -15.91 4.65
CA ASP F 90 -29.97 -16.49 4.11
C ASP F 90 -30.41 -15.87 2.79
N HIS F 108 -30.23 -6.84 2.39
CA HIS F 108 -29.43 -5.95 3.24
C HIS F 108 -28.07 -6.60 3.47
N LEU F 109 -27.00 -5.81 3.37
CA LEU F 109 -25.65 -6.35 3.56
C LEU F 109 -25.05 -5.84 4.87
N ASN F 110 -25.81 -5.90 5.97
CA ASN F 110 -25.29 -5.39 7.25
C ASN F 110 -24.14 -6.22 7.81
N VAL F 111 -23.86 -7.38 7.22
CA VAL F 111 -22.76 -8.22 7.70
C VAL F 111 -21.42 -7.48 7.48
N LEU F 112 -21.36 -6.57 6.52
CA LEU F 112 -20.13 -5.80 6.31
C LEU F 112 -19.87 -4.97 7.59
N ASP F 113 -20.92 -4.45 8.20
CA ASP F 113 -20.75 -3.71 9.44
C ASP F 113 -20.15 -4.63 10.51
N PHE F 114 -20.70 -5.84 10.63
CA PHE F 114 -20.24 -6.80 11.63
C PHE F 114 -18.78 -7.22 11.39
N GLN F 115 -18.40 -7.42 10.13
CA GLN F 115 -17.00 -7.73 9.79
C GLN F 115 -16.04 -6.62 10.29
N ARG F 116 -16.41 -5.36 10.09
N ARG F 116 -16.43 -5.36 10.08
CA ARG F 116 -15.58 -4.22 10.54
CA ARG F 116 -15.64 -4.19 10.53
C ARG F 116 -15.51 -4.14 12.07
C ARG F 116 -15.52 -4.14 12.06
N GLN F 117 -16.63 -4.42 12.75
CA GLN F 117 -16.67 -4.40 14.21
C GLN F 117 -15.76 -5.49 14.82
N ILE F 118 -15.76 -6.67 14.22
CA ILE F 118 -14.87 -7.71 14.68
C ILE F 118 -13.40 -7.27 14.50
N ARG F 119 -13.15 -6.68 13.35
CA ARG F 119 -11.84 -6.17 12.95
C ARG F 119 -11.30 -5.12 13.90
N THR F 120 -12.14 -4.14 14.22
CA THR F 120 -11.73 -3.02 15.04
C THR F 120 -12.01 -3.27 16.53
N CYS F 121 -12.47 -4.46 16.89
CA CYS F 121 -12.71 -4.78 18.29
C CYS F 121 -11.36 -4.83 18.99
N PRO F 122 -11.20 -4.10 20.09
CA PRO F 122 -9.89 -4.07 20.73
C PRO F 122 -9.58 -5.32 21.56
N LYS F 123 -10.46 -6.31 21.52
CA LYS F 123 -10.23 -7.52 22.27
C LYS F 123 -10.14 -8.67 21.28
N PRO F 124 -9.34 -9.70 21.59
CA PRO F 124 -9.29 -10.83 20.65
C PRO F 124 -10.65 -11.51 20.44
N VAL F 125 -10.92 -11.90 19.20
CA VAL F 125 -12.15 -12.62 18.83
C VAL F 125 -11.70 -13.98 18.28
N VAL F 126 -12.27 -15.05 18.83
CA VAL F 126 -11.91 -16.39 18.44
C VAL F 126 -13.09 -17.10 17.82
N ALA F 127 -12.91 -17.62 16.62
CA ALA F 127 -13.94 -18.41 15.98
C ALA F 127 -13.80 -19.84 16.49
N MSE F 128 -14.88 -20.38 17.03
CA MSE F 128 -14.89 -21.76 17.54
C MSE F 128 -15.75 -22.54 16.58
O MSE F 128 -16.98 -22.42 16.57
CB MSE F 128 -15.45 -21.79 18.95
CG MSE F 128 -15.50 -23.17 19.55
SE MSE F 128 -15.98 -23.14 21.43
CE MSE F 128 -17.85 -22.63 21.34
N VAL F 129 -15.11 -23.31 15.70
CA VAL F 129 -15.82 -23.94 14.60
C VAL F 129 -16.04 -25.43 14.67
N ALA F 130 -17.33 -25.82 14.78
CA ALA F 130 -17.76 -27.20 14.70
C ALA F 130 -18.54 -27.27 13.39
N GLY F 131 -18.26 -28.25 12.55
CA GLY F 131 -18.99 -28.39 11.30
C GLY F 131 -18.83 -27.29 10.26
N TYR F 132 -19.93 -26.95 9.61
CA TYR F 132 -19.88 -26.02 8.49
C TYR F 132 -19.61 -24.55 8.79
N SER F 133 -18.61 -24.02 8.08
CA SER F 133 -18.25 -22.58 8.07
C SER F 133 -18.14 -22.30 6.57
N ILE F 134 -19.26 -21.91 5.97
CA ILE F 134 -19.34 -21.76 4.54
C ILE F 134 -19.90 -20.41 4.12
N GLY F 135 -19.47 -19.95 2.93
CA GLY F 135 -19.92 -18.68 2.36
C GLY F 135 -19.67 -17.52 3.28
N GLY F 136 -20.70 -16.71 3.51
CA GLY F 136 -20.55 -15.58 4.43
C GLY F 136 -20.09 -16.06 5.80
N GLY F 137 -20.40 -17.32 6.11
CA GLY F 137 -20.02 -17.91 7.39
C GLY F 137 -18.54 -18.21 7.44
N HIS F 138 -17.93 -18.45 6.27
CA HIS F 138 -16.50 -18.72 6.19
C HIS F 138 -15.71 -17.41 6.42
N VAL F 139 -16.19 -16.34 5.79
CA VAL F 139 -15.57 -15.05 5.93
C VAL F 139 -15.61 -14.63 7.40
N LEU F 140 -16.71 -14.93 8.09
CA LEU F 140 -16.82 -14.62 9.52
C LEU F 140 -15.72 -15.28 10.36
N HIS F 141 -15.41 -16.56 10.14
CA HIS F 141 -14.35 -17.20 10.94
C HIS F 141 -13.00 -16.57 10.56
N MSE F 142 -12.79 -16.26 9.29
CA MSE F 142 -11.54 -15.63 8.88
C MSE F 142 -11.30 -14.26 9.51
O MSE F 142 -10.15 -13.94 9.83
CB MSE F 142 -11.44 -15.51 7.39
CG MSE F 142 -11.28 -16.83 6.67
SE MSE F 142 -10.78 -16.49 4.84
CE MSE F 142 -12.39 -15.56 4.19
N MSE F 143 -12.36 -13.47 9.68
CA MSE F 143 -12.28 -12.13 10.30
C MSE F 143 -11.78 -12.23 11.75
O MSE F 143 -11.09 -11.35 12.24
CB MSE F 143 -13.65 -11.44 10.35
CG MSE F 143 -14.26 -11.15 9.00
SE MSE F 143 -13.05 -10.03 7.96
CE MSE F 143 -12.74 -8.60 9.25
N CYS F 144 -12.20 -13.30 12.44
CA CYS F 144 -11.79 -13.51 13.81
C CYS F 144 -10.28 -13.66 13.81
N ASP F 145 -9.67 -13.23 14.90
CA ASP F 145 -8.24 -13.26 15.09
C ASP F 145 -7.71 -14.66 15.05
N LEU F 146 -8.40 -15.59 15.70
CA LEU F 146 -7.99 -16.98 15.71
C LEU F 146 -9.18 -17.88 15.39
N THR F 147 -8.89 -19.10 14.95
CA THR F 147 -9.91 -20.09 14.70
C THR F 147 -9.50 -21.43 15.29
N ILE F 148 -10.31 -21.91 16.21
CA ILE F 148 -10.15 -23.23 16.81
C ILE F 148 -11.23 -24.08 16.15
N ALA F 149 -10.78 -25.13 15.48
CA ALA F 149 -11.66 -26.00 14.71
C ALA F 149 -11.78 -27.42 15.25
N ALA F 150 -12.99 -27.97 15.16
CA ALA F 150 -13.22 -29.37 15.53
C ALA F 150 -12.81 -30.22 14.37
N GLU F 151 -12.67 -31.53 14.62
CA GLU F 151 -12.30 -32.47 13.58
C GLU F 151 -13.35 -32.60 12.47
N ASN F 152 -14.59 -32.18 12.74
CA ASN F 152 -15.64 -32.26 11.73
C ASN F 152 -15.86 -30.93 10.98
N ALA F 153 -14.98 -29.97 11.20
CA ALA F 153 -15.12 -28.65 10.57
C ALA F 153 -14.94 -28.78 9.07
N ILE F 154 -15.77 -28.06 8.32
CA ILE F 154 -15.76 -28.04 6.87
C ILE F 154 -15.75 -26.58 6.46
N PHE F 155 -14.84 -26.20 5.57
CA PHE F 155 -14.67 -24.81 5.17
C PHE F 155 -14.75 -24.56 3.66
N GLY F 156 -15.14 -23.34 3.29
CA GLY F 156 -15.18 -22.98 1.87
C GLY F 156 -16.11 -21.83 1.56
N GLN F 157 -15.96 -21.29 0.35
CA GLN F 157 -16.81 -20.20 -0.15
C GLN F 157 -17.81 -20.78 -1.15
N THR F 158 -18.85 -20.03 -1.47
CA THR F 158 -19.87 -20.50 -2.42
C THR F 158 -20.32 -19.41 -3.41
N GLY F 159 -19.97 -18.17 -3.13
CA GLY F 159 -20.41 -17.05 -3.98
C GLY F 159 -20.49 -17.32 -5.47
N PRO F 160 -19.33 -17.62 -6.10
CA PRO F 160 -19.34 -17.87 -7.52
C PRO F 160 -20.29 -19.00 -7.96
N LYS F 161 -20.54 -19.99 -7.10
CA LYS F 161 -21.49 -21.06 -7.43
C LYS F 161 -22.90 -20.52 -7.48
N VAL F 162 -23.22 -19.64 -6.53
CA VAL F 162 -24.55 -19.05 -6.44
C VAL F 162 -24.64 -17.67 -7.09
N GLY F 163 -23.56 -17.21 -7.69
CA GLY F 163 -23.60 -15.93 -8.38
C GLY F 163 -23.50 -14.70 -7.51
N SER F 164 -22.55 -14.73 -6.58
CA SER F 164 -22.27 -13.61 -5.69
C SER F 164 -20.79 -13.72 -5.27
N PHE F 165 -20.33 -12.84 -4.38
CA PHE F 165 -18.94 -12.85 -3.92
C PHE F 165 -18.66 -11.83 -2.83
N ASP F 166 -17.55 -12.04 -2.12
CA ASP F 166 -17.07 -11.11 -1.11
C ASP F 166 -15.65 -10.74 -1.53
N GLY F 167 -15.53 -9.58 -2.18
CA GLY F 167 -14.24 -9.14 -2.70
C GLY F 167 -13.52 -8.21 -1.75
N GLY F 168 -14.01 -8.11 -0.52
CA GLY F 168 -13.41 -7.23 0.50
C GLY F 168 -12.36 -8.00 1.27
N TRP F 169 -12.54 -8.08 2.59
CA TRP F 169 -11.63 -8.85 3.43
C TRP F 169 -11.78 -10.36 3.12
N GLY F 170 -12.93 -10.75 2.58
CA GLY F 170 -13.14 -12.13 2.16
C GLY F 170 -12.09 -12.57 1.15
N ALA F 171 -11.59 -11.63 0.35
CA ALA F 171 -10.58 -11.97 -0.65
C ALA F 171 -9.19 -11.55 -0.17
N SER F 172 -8.98 -10.25 -0.05
CA SER F 172 -7.69 -9.73 0.32
C SER F 172 -7.15 -10.29 1.66
N TYR F 173 -7.99 -10.31 2.69
CA TYR F 173 -7.53 -10.79 3.99
C TYR F 173 -7.24 -12.29 3.92
N MSE F 174 -8.09 -13.03 3.21
CA MSE F 174 -7.85 -14.45 3.03
C MSE F 174 -6.44 -14.69 2.44
O MSE F 174 -5.69 -15.58 2.89
CB MSE F 174 -8.88 -15.05 2.09
CG MSE F 174 -8.64 -16.50 1.77
SE MSE F 174 -9.76 -17.15 0.35
CE MSE F 174 -11.48 -17.20 1.29
N ALA F 175 -6.07 -13.88 1.44
CA ALA F 175 -4.75 -14.01 0.82
C ALA F 175 -3.64 -13.82 1.84
N ARG F 176 -3.87 -12.97 2.83
CA ARG F 176 -2.88 -12.73 3.90
C ARG F 176 -2.78 -13.88 4.88
N ILE F 177 -3.73 -14.82 4.81
CA ILE F 177 -3.74 -15.99 5.68
C ILE F 177 -3.14 -17.18 5.00
N VAL F 178 -3.65 -17.54 3.81
CA VAL F 178 -3.25 -18.74 3.09
C VAL F 178 -2.40 -18.50 1.84
N GLY F 179 -2.23 -17.24 1.44
CA GLY F 179 -1.43 -16.95 0.26
C GLY F 179 -2.29 -16.82 -0.99
N GLN F 180 -1.73 -16.19 -2.01
CA GLN F 180 -2.48 -15.89 -3.22
C GLN F 180 -2.91 -17.10 -4.05
N LYS F 181 -2.07 -18.12 -4.17
CA LYS F 181 -2.46 -19.29 -4.98
C LYS F 181 -3.67 -19.97 -4.36
N LYS F 182 -3.62 -20.22 -3.05
CA LYS F 182 -4.72 -20.89 -2.35
C LYS F 182 -5.99 -20.06 -2.27
N ALA F 183 -5.85 -18.74 -2.11
CA ALA F 183 -6.99 -17.88 -2.05
C ALA F 183 -7.74 -17.91 -3.37
N ARG F 184 -7.00 -17.96 -4.46
CA ARG F 184 -7.62 -18.02 -5.78
C ARG F 184 -8.31 -19.38 -5.99
N GLU F 185 -7.73 -20.45 -5.48
CA GLU F 185 -8.35 -21.77 -5.58
C GLU F 185 -9.65 -21.82 -4.77
N ILE F 186 -9.59 -21.34 -3.53
CA ILE F 186 -10.76 -21.36 -2.64
C ILE F 186 -11.93 -20.62 -3.26
N TRP F 187 -11.65 -19.45 -3.79
CA TRP F 187 -12.69 -18.62 -4.40
C TRP F 187 -13.13 -19.03 -5.80
N PHE F 188 -12.20 -19.43 -6.67
CA PHE F 188 -12.59 -19.73 -8.05
C PHE F 188 -13.34 -21.05 -8.22
N LEU F 189 -12.98 -22.05 -7.42
CA LEU F 189 -13.62 -23.36 -7.53
C LEU F 189 -14.72 -23.62 -6.49
N CYS F 190 -14.72 -22.90 -5.37
CA CYS F 190 -15.72 -23.09 -4.34
C CYS F 190 -15.82 -24.52 -3.80
N ARG F 191 -14.70 -25.21 -3.67
CA ARG F 191 -14.74 -26.53 -3.06
C ARG F 191 -14.92 -26.41 -1.55
N GLN F 192 -15.13 -27.55 -0.90
CA GLN F 192 -15.17 -27.62 0.55
C GLN F 192 -13.85 -28.23 1.01
N TYR F 193 -13.34 -27.75 2.13
CA TYR F 193 -12.07 -28.24 2.69
C TYR F 193 -12.30 -28.79 4.09
N ASP F 194 -11.62 -29.89 4.42
CA ASP F 194 -11.79 -30.49 5.75
C ASP F 194 -10.82 -29.84 6.72
N ALA F 195 -10.96 -30.18 8.00
CA ALA F 195 -10.17 -29.54 9.03
C ALA F 195 -8.67 -29.72 8.85
N GLN F 196 -8.25 -30.90 8.40
CA GLN F 196 -6.83 -31.15 8.18
C GLN F 196 -6.29 -30.26 7.05
N GLN F 197 -7.06 -30.10 5.99
CA GLN F 197 -6.67 -29.22 4.88
C GLN F 197 -6.58 -27.79 5.37
N ALA F 198 -7.59 -27.36 6.10
CA ALA F 198 -7.61 -26.01 6.64
C ALA F 198 -6.35 -25.75 7.47
N LEU F 199 -5.99 -26.71 8.32
CA LEU F 199 -4.84 -26.57 9.20
C LEU F 199 -3.54 -26.51 8.41
N ASP F 200 -3.42 -27.37 7.42
CA ASP F 200 -2.20 -27.44 6.62
C ASP F 200 -1.90 -26.18 5.86
N MSE F 201 -2.94 -25.47 5.43
CA MSE F 201 -2.75 -24.24 4.65
C MSE F 201 -2.75 -22.98 5.52
O MSE F 201 -2.65 -21.88 5.01
CB MSE F 201 -3.84 -24.14 3.59
CG MSE F 201 -5.17 -23.72 4.13
SE MSE F 201 -6.43 -23.43 2.71
CE MSE F 201 -7.06 -25.28 2.40
N GLY F 202 -2.87 -23.15 6.83
CA GLY F 202 -2.82 -22.03 7.76
C GLY F 202 -4.13 -21.27 7.95
N LEU F 203 -5.21 -21.88 7.53
CA LEU F 203 -6.53 -21.29 7.61
C LEU F 203 -7.14 -21.28 9.03
N VAL F 204 -6.76 -22.27 9.84
CA VAL F 204 -7.23 -22.34 11.21
C VAL F 204 -6.02 -22.55 12.08
N ASN F 205 -6.13 -22.23 13.37
CA ASN F 205 -4.96 -22.33 14.24
C ASN F 205 -4.69 -23.72 14.80
N THR F 206 -5.75 -24.49 15.03
CA THR F 206 -5.61 -25.83 15.55
C THR F 206 -6.87 -26.64 15.27
N VAL F 207 -6.72 -27.94 15.34
CA VAL F 207 -7.80 -28.85 15.13
C VAL F 207 -7.86 -29.77 16.33
N VAL F 208 -9.04 -29.86 16.95
CA VAL F 208 -9.22 -30.74 18.10
C VAL F 208 -10.51 -31.57 17.96
N PRO F 209 -10.59 -32.69 18.73
CA PRO F 209 -11.76 -33.56 18.72
C PRO F 209 -13.01 -32.78 19.07
N LEU F 210 -14.11 -33.05 18.36
CA LEU F 210 -15.37 -32.32 18.56
C LEU F 210 -15.76 -32.15 20.03
N ALA F 211 -15.59 -33.21 20.81
CA ALA F 211 -15.98 -33.17 22.23
C ALA F 211 -15.10 -32.25 23.11
N ASP F 212 -13.89 -31.96 22.67
CA ASP F 212 -12.98 -31.06 23.40
C ASP F 212 -12.97 -29.63 22.80
N LEU F 213 -13.84 -29.36 21.84
CA LEU F 213 -13.86 -28.06 21.19
C LEU F 213 -13.92 -26.88 22.15
N GLU F 214 -14.92 -26.84 23.03
CA GLU F 214 -15.04 -25.68 23.93
C GLU F 214 -13.92 -25.66 24.96
N LYS F 215 -13.55 -26.84 25.44
CA LYS F 215 -12.51 -26.98 26.42
C LYS F 215 -11.19 -26.38 25.92
N GLU F 216 -10.81 -26.70 24.69
CA GLU F 216 -9.58 -26.19 24.11
C GLU F 216 -9.70 -24.71 23.79
N THR F 217 -10.87 -24.30 23.31
CA THR F 217 -11.11 -22.91 22.99
C THR F 217 -10.95 -22.07 24.24
N VAL F 218 -11.61 -22.49 25.31
CA VAL F 218 -11.54 -21.76 26.56
C VAL F 218 -10.08 -21.73 27.07
N ARG F 219 -9.33 -22.79 26.84
CA ARG F 219 -7.95 -22.79 27.25
C ARG F 219 -7.17 -21.68 26.55
N TRP F 220 -7.33 -21.59 25.23
CA TRP F 220 -6.67 -20.56 24.44
C TRP F 220 -7.10 -19.17 24.96
N CYS F 221 -8.40 -18.99 25.19
CA CYS F 221 -8.89 -17.71 25.75
C CYS F 221 -8.23 -17.38 27.08
N ARG F 222 -8.17 -18.35 27.99
CA ARG F 222 -7.49 -18.14 29.29
C ARG F 222 -5.99 -17.81 29.16
N GLU F 223 -5.29 -18.39 28.19
CA GLU F 223 -3.88 -18.02 28.03
C GLU F 223 -3.78 -16.55 27.62
N MSE F 224 -4.69 -16.10 26.76
CA MSE F 224 -4.69 -14.71 26.34
C MSE F 224 -5.08 -13.83 27.49
O MSE F 224 -4.48 -12.76 27.68
CB MSE F 224 -5.62 -14.49 25.16
CG MSE F 224 -5.09 -15.06 23.88
SE MSE F 224 -6.27 -14.60 22.41
CE MSE F 224 -7.67 -15.90 22.76
N LEU F 225 -6.05 -14.29 28.28
CA LEU F 225 -6.50 -13.54 29.44
C LEU F 225 -5.41 -13.34 30.50
N GLN F 226 -4.38 -14.20 30.52
CA GLN F 226 -3.28 -14.02 31.47
C GLN F 226 -2.35 -12.90 31.02
N ASN F 227 -2.47 -12.47 29.76
CA ASN F 227 -1.59 -11.44 29.23
C ASN F 227 -2.13 -10.00 29.34
N SER F 228 -1.27 -9.03 29.06
CA SER F 228 -1.64 -7.63 29.16
C SER F 228 -2.71 -7.26 28.14
N PRO F 229 -3.88 -6.83 28.61
CA PRO F 229 -4.91 -6.43 27.65
C PRO F 229 -4.49 -5.24 26.77
N MSE F 230 -3.60 -4.38 27.26
CA MSE F 230 -3.17 -3.21 26.48
C MSE F 230 -2.22 -3.66 25.38
O MSE F 230 -2.27 -3.15 24.24
CB MSE F 230 -2.48 -2.19 27.37
CG MSE F 230 -2.13 -0.86 26.68
SE MSE F 230 -3.68 0.05 25.91
CE MSE F 230 -4.87 -0.06 27.44
N ALA F 231 -1.38 -4.63 25.73
CA ALA F 231 -0.45 -5.17 24.78
C ALA F 231 -1.24 -5.86 23.65
N LEU F 232 -2.23 -6.67 24.02
CA LEU F 232 -3.03 -7.38 23.05
C LEU F 232 -3.72 -6.43 22.09
N ARG F 233 -4.26 -5.36 22.64
CA ARG F 233 -4.97 -4.37 21.88
C ARG F 233 -4.01 -3.68 20.89
N CYS F 234 -2.85 -3.27 21.36
CA CYS F 234 -1.87 -2.64 20.49
C CYS F 234 -1.38 -3.56 19.38
N LEU F 235 -1.20 -4.84 19.70
CA LEU F 235 -0.72 -5.80 18.71
C LEU F 235 -1.78 -6.07 17.67
N LYS F 236 -3.03 -6.25 18.10
CA LYS F 236 -4.10 -6.47 17.15
C LYS F 236 -4.17 -5.32 16.14
N ALA F 237 -4.08 -4.09 16.65
CA ALA F 237 -4.09 -2.92 15.80
C ALA F 237 -2.86 -2.92 14.87
N ALA F 238 -1.71 -3.29 15.41
CA ALA F 238 -0.49 -3.36 14.61
C ALA F 238 -0.65 -4.35 13.47
N LEU F 239 -1.28 -5.50 13.73
CA LEU F 239 -1.47 -6.53 12.70
C LEU F 239 -2.53 -6.12 11.69
N ASN F 240 -3.57 -5.42 12.15
CA ASN F 240 -4.57 -4.88 11.22
C ASN F 240 -3.92 -3.82 10.34
N ALA F 241 -2.98 -3.05 10.92
CA ALA F 241 -2.32 -1.97 10.19
C ALA F 241 -1.48 -2.44 9.01
N ASP F 242 -1.08 -3.70 9.00
CA ASP F 242 -0.36 -4.21 7.87
C ASP F 242 -1.29 -4.42 6.68
N CYS F 243 -2.60 -4.30 6.89
CA CYS F 243 -3.57 -4.51 5.82
C CYS F 243 -4.49 -3.33 5.51
N ASP F 244 -4.85 -2.53 6.52
CA ASP F 244 -5.91 -1.54 6.38
C ASP F 244 -5.50 -0.07 6.21
N GLY F 245 -4.32 0.17 5.65
CA GLY F 245 -3.84 1.50 5.42
C GLY F 245 -4.17 2.49 6.52
N GLN F 246 -4.72 3.65 6.12
CA GLN F 246 -5.01 4.70 7.07
C GLN F 246 -5.98 4.27 8.14
N ALA F 247 -6.90 3.37 7.82
CA ALA F 247 -7.87 2.93 8.81
C ALA F 247 -7.13 2.14 9.92
N GLY F 248 -6.05 1.46 9.55
CA GLY F 248 -5.20 0.75 10.52
C GLY F 248 -4.36 1.74 11.30
N LEU F 249 -3.88 2.76 10.61
CA LEU F 249 -3.13 3.81 11.26
C LEU F 249 -3.99 4.49 12.31
N GLN F 250 -5.27 4.66 12.01
CA GLN F 250 -6.19 5.29 12.92
C GLN F 250 -6.29 4.46 14.20
N GLU F 251 -6.40 3.13 14.06
CA GLU F 251 -6.50 2.29 15.26
C GLU F 251 -5.22 2.40 16.10
N LEU F 252 -4.09 2.30 15.42
N LEU F 252 -4.09 2.28 15.43
CA LEU F 252 -2.79 2.32 16.09
CA LEU F 252 -2.78 2.37 16.07
C LEU F 252 -2.53 3.66 16.79
C LEU F 252 -2.61 3.67 16.82
N ALA F 253 -2.84 4.76 16.12
CA ALA F 253 -2.68 6.09 16.69
C ALA F 253 -3.65 6.28 17.85
N GLY F 254 -4.85 5.72 17.72
CA GLY F 254 -5.84 5.79 18.78
C GLY F 254 -5.27 5.15 20.03
N ASN F 255 -4.50 4.09 19.84
CA ASN F 255 -3.89 3.40 20.95
C ASN F 255 -2.77 4.25 21.56
N ALA F 256 -1.95 4.87 20.71
CA ALA F 256 -0.89 5.74 21.22
C ALA F 256 -1.50 6.84 22.06
N THR F 257 -2.65 7.35 21.60
CA THR F 257 -3.33 8.42 22.32
C THR F 257 -3.81 7.94 23.68
N MSE F 258 -4.44 6.77 23.69
CA MSE F 258 -4.86 6.17 24.95
C MSE F 258 -3.66 5.97 25.88
O MSE F 258 -3.76 6.21 27.08
CB MSE F 258 -5.55 4.82 24.68
CG MSE F 258 -5.88 3.99 25.93
SE MSE F 258 -7.10 2.52 25.47
CE MSE F 258 -8.64 3.60 24.87
N LEU F 259 -2.55 5.50 25.33
CA LEU F 259 -1.36 5.30 26.16
C LEU F 259 -0.86 6.63 26.69
N PHE F 260 -0.95 7.68 25.86
CA PHE F 260 -0.46 9.00 26.26
C PHE F 260 -1.18 9.48 27.49
N TYR F 261 -2.52 9.34 27.54
CA TYR F 261 -3.28 9.78 28.70
C TYR F 261 -2.90 9.01 29.96
N MSE F 262 -1.78 8.30 29.91
CA MSE F 262 -1.32 7.55 31.06
C MSE F 262 0.17 7.79 31.23
O MSE F 262 0.89 6.93 31.70
CB MSE F 262 -1.63 6.08 30.88
CG MSE F 262 -3.12 5.78 30.75
SE MSE F 262 -3.51 3.97 30.11
CE MSE F 262 -5.46 4.00 30.40
N THR F 263 0.63 8.98 30.84
CA THR F 263 2.04 9.32 30.96
C THR F 263 2.22 10.67 31.66
S SO4 G . -1.84 17.14 -2.76
O1 SO4 G . -0.58 17.87 -2.57
O2 SO4 G . -1.68 15.77 -2.30
O3 SO4 G . -2.90 17.79 -2.01
O4 SO4 G . -2.20 17.17 -4.18
C BCT H . 18.49 14.70 -8.79
O1 BCT H . 18.35 15.78 -9.38
O2 BCT H . 18.63 13.63 -9.43
O3 BCT H . 18.42 14.66 -7.47
C BCT I . -5.80 17.33 18.11
O1 BCT I . -5.60 18.56 18.07
O2 BCT I . -4.96 16.58 18.68
O3 BCT I . -6.88 16.80 17.54
C BCT J . -16.95 9.80 -15.75
O1 BCT J . -17.33 10.95 -15.64
O2 BCT J . -15.88 9.61 -16.35
O3 BCT J . -17.60 8.77 -15.23
C BCT K . 8.38 -8.93 22.28
O1 BCT K . 7.58 -8.00 22.58
O2 BCT K . 8.17 -10.07 22.67
O3 BCT K . 9.43 -8.67 21.52
C BCT L . 14.95 -15.01 -12.93
O1 BCT L . 15.55 -13.92 -12.86
O2 BCT L . 15.40 -16.06 -12.44
O3 BCT L . 13.75 -15.01 -13.50
S SO4 M . 1.57 -16.68 3.61
O1 SO4 M . 1.29 -15.25 3.43
O2 SO4 M . 2.40 -17.19 2.52
O3 SO4 M . 2.29 -16.87 4.86
O4 SO4 M . 0.29 -17.42 3.65
C BCT N . -19.43 -15.81 -0.39
O1 BCT N . -19.22 -15.26 0.69
O2 BCT N . -19.10 -16.99 -0.55
O3 BCT N . -19.95 -15.11 -1.39
C BCT O . -31.08 -6.60 24.33
O1 BCT O . -31.53 -6.60 23.17
O2 BCT O . -31.07 -5.54 25.01
O3 BCT O . -30.64 -7.73 24.87
#